data_2Z18
# 
_entry.id   2Z18 
# 
_audit_conform.dict_name       mmcif_pdbx.dic 
_audit_conform.dict_version    5.399 
_audit_conform.dict_location   http://mmcif.pdb.org/dictionaries/ascii/mmcif_pdbx.dic 
# 
loop_
_database_2.database_id 
_database_2.database_code 
_database_2.pdbx_database_accession 
_database_2.pdbx_DOI 
PDB   2Z18         pdb_00002z18 10.2210/pdb2z18/pdb 
RCSB  RCSB027392   ?            ?                   
WWPDB D_1000027392 ?            ?                   
# 
loop_
_pdbx_audit_revision_history.ordinal 
_pdbx_audit_revision_history.data_content_type 
_pdbx_audit_revision_history.major_revision 
_pdbx_audit_revision_history.minor_revision 
_pdbx_audit_revision_history.revision_date 
1 'Structure model' 1 0 2008-03-18 
2 'Structure model' 1 1 2011-07-13 
3 'Structure model' 1 2 2017-10-11 
4 'Structure model' 1 3 2018-01-24 
5 'Structure model' 1 4 2023-11-01 
6 'Structure model' 1 5 2024-11-20 
# 
_pdbx_audit_revision_details.ordinal             1 
_pdbx_audit_revision_details.revision_ordinal    1 
_pdbx_audit_revision_details.data_content_type   'Structure model' 
_pdbx_audit_revision_details.provider            repository 
_pdbx_audit_revision_details.type                'Initial release' 
_pdbx_audit_revision_details.description         ? 
_pdbx_audit_revision_details.details             ? 
# 
loop_
_pdbx_audit_revision_group.ordinal 
_pdbx_audit_revision_group.revision_ordinal 
_pdbx_audit_revision_group.data_content_type 
_pdbx_audit_revision_group.group 
1 2 'Structure model' 'Version format compliance' 
2 3 'Structure model' 'Refinement description'    
3 4 'Structure model' 'Experimental preparation'  
4 5 'Structure model' 'Data collection'           
5 5 'Structure model' 'Database references'       
6 5 'Structure model' 'Derived calculations'      
7 5 'Structure model' 'Refinement description'    
8 6 'Structure model' 'Structure summary'         
# 
loop_
_pdbx_audit_revision_category.ordinal 
_pdbx_audit_revision_category.revision_ordinal 
_pdbx_audit_revision_category.data_content_type 
_pdbx_audit_revision_category.category 
1 3 'Structure model' software                      
2 4 'Structure model' exptl_crystal_grow            
3 5 'Structure model' chem_comp_atom                
4 5 'Structure model' chem_comp_bond                
5 5 'Structure model' database_2                    
6 5 'Structure model' pdbx_initial_refinement_model 
7 5 'Structure model' struct_site                   
8 6 'Structure model' pdbx_entry_details            
9 6 'Structure model' pdbx_modification_feature     
# 
loop_
_pdbx_audit_revision_item.ordinal 
_pdbx_audit_revision_item.revision_ordinal 
_pdbx_audit_revision_item.data_content_type 
_pdbx_audit_revision_item.item 
1 4 'Structure model' '_exptl_crystal_grow.pdbx_details'    
2 4 'Structure model' '_exptl_crystal_grow.temp'            
3 5 'Structure model' '_database_2.pdbx_DOI'                
4 5 'Structure model' '_database_2.pdbx_database_accession' 
5 5 'Structure model' '_struct_site.pdbx_auth_asym_id'      
6 5 'Structure model' '_struct_site.pdbx_auth_comp_id'      
7 5 'Structure model' '_struct_site.pdbx_auth_seq_id'       
# 
_pdbx_database_status.status_code                     REL 
_pdbx_database_status.entry_id                        2Z18 
_pdbx_database_status.recvd_initial_deposition_date   2007-05-08 
_pdbx_database_status.deposit_site                    PDBJ 
_pdbx_database_status.process_site                    PDBJ 
_pdbx_database_status.status_code_sf                  REL 
_pdbx_database_status.status_code_mr                  ? 
_pdbx_database_status.SG_entry                        ? 
_pdbx_database_status.pdb_format_compatible           Y 
_pdbx_database_status.status_code_cs                  ? 
_pdbx_database_status.methods_development_category    ? 
_pdbx_database_status.status_code_nmr_data            ? 
# 
loop_
_pdbx_database_related.db_name 
_pdbx_database_related.db_id 
_pdbx_database_related.details 
_pdbx_database_related.content_type 
PDB 2Z12 'Phase transition of native type II monoclinic lysozyme crystal' unspecified 
PDB 2Z19 'Phase transition of native type II monoclinic lysozyme crystal' unspecified 
PDB 2D4J 'Phase transition of native type I monoclinic lysozyme crystal'  unspecified 
# 
loop_
_audit_author.name 
_audit_author.pdbx_ordinal 
'Harata, K.' 1 
'Akiba, T.'  2 
# 
_citation.id                        primary 
_citation.title                     
'Effect of a sodium ion on the dehydration-induced phase transition of monoclinic lysozyme crystals.' 
_citation.journal_abbrev            'Acta Crystallogr.,Sect.D' 
_citation.journal_volume            63 
_citation.page_first                1016 
_citation.page_last                 1021 
_citation.year                      2007 
_citation.journal_id_ASTM           ABCRE6 
_citation.country                   DK 
_citation.journal_id_ISSN           0907-4449 
_citation.journal_id_CSD            0766 
_citation.book_publisher            ? 
_citation.pdbx_database_id_PubMed   17704571 
_citation.pdbx_database_id_DOI      10.1107/S0907444907031319 
# 
loop_
_citation_author.citation_id 
_citation_author.name 
_citation_author.ordinal 
_citation_author.identifier_ORCID 
primary 'Harata, K.' 1 ? 
primary 'Akiba, T.'  2 ? 
# 
loop_
_entity.id 
_entity.type 
_entity.src_method 
_entity.pdbx_description 
_entity.formula_weight 
_entity.pdbx_number_of_molecules 
_entity.pdbx_ec 
_entity.pdbx_mutation 
_entity.pdbx_fragment 
_entity.details 
1 polymer     nat 'Lysozyme C'        14331.160 1   3.2.1.17 ? ? ? 
2 non-polymer syn 'SODIUM ION'        22.990    1   ?        ? ? ? 
3 non-polymer syn 'CHLORIDE ION'      35.453    4   ?        ? ? ? 
4 non-polymer syn 'NITROGEN MOLECULE' 28.013    1   ?        ? ? ? 
5 water       nat water               18.015    211 ?        ? ? ? 
# 
_entity_name_com.entity_id   1 
_entity_name_com.name        '1,4-beta-N-acetylmuramidase C, Allergen Gal d 4, Gal d IV' 
# 
_entity_poly.entity_id                      1 
_entity_poly.type                           'polypeptide(L)' 
_entity_poly.nstd_linkage                   no 
_entity_poly.nstd_monomer                   no 
_entity_poly.pdbx_seq_one_letter_code       
;KVFGRCELAAAMKRHGLDNYRGYSLGNWVCAAKFESNFNTQATNRNTDGSTDYGILQINSRWWCNDGRTPGSRNLCNIPC
SALLSSDITASVNCAKKIVSDGNGMNAWVAWRNRCKGTDVQAWIRGCRL
;
_entity_poly.pdbx_seq_one_letter_code_can   
;KVFGRCELAAAMKRHGLDNYRGYSLGNWVCAAKFESNFNTQATNRNTDGSTDYGILQINSRWWCNDGRTPGSRNLCNIPC
SALLSSDITASVNCAKKIVSDGNGMNAWVAWRNRCKGTDVQAWIRGCRL
;
_entity_poly.pdbx_strand_id                 A 
_entity_poly.pdbx_target_identifier         ? 
# 
loop_
_pdbx_entity_nonpoly.entity_id 
_pdbx_entity_nonpoly.name 
_pdbx_entity_nonpoly.comp_id 
2 'SODIUM ION'        NA  
3 'CHLORIDE ION'      CL  
4 'NITROGEN MOLECULE' HDZ 
5 water               HOH 
# 
loop_
_entity_poly_seq.entity_id 
_entity_poly_seq.num 
_entity_poly_seq.mon_id 
_entity_poly_seq.hetero 
1 1   LYS n 
1 2   VAL n 
1 3   PHE n 
1 4   GLY n 
1 5   ARG n 
1 6   CYS n 
1 7   GLU n 
1 8   LEU n 
1 9   ALA n 
1 10  ALA n 
1 11  ALA n 
1 12  MET n 
1 13  LYS n 
1 14  ARG n 
1 15  HIS n 
1 16  GLY n 
1 17  LEU n 
1 18  ASP n 
1 19  ASN n 
1 20  TYR n 
1 21  ARG n 
1 22  GLY n 
1 23  TYR n 
1 24  SER n 
1 25  LEU n 
1 26  GLY n 
1 27  ASN n 
1 28  TRP n 
1 29  VAL n 
1 30  CYS n 
1 31  ALA n 
1 32  ALA n 
1 33  LYS n 
1 34  PHE n 
1 35  GLU n 
1 36  SER n 
1 37  ASN n 
1 38  PHE n 
1 39  ASN n 
1 40  THR n 
1 41  GLN n 
1 42  ALA n 
1 43  THR n 
1 44  ASN n 
1 45  ARG n 
1 46  ASN n 
1 47  THR n 
1 48  ASP n 
1 49  GLY n 
1 50  SER n 
1 51  THR n 
1 52  ASP n 
1 53  TYR n 
1 54  GLY n 
1 55  ILE n 
1 56  LEU n 
1 57  GLN n 
1 58  ILE n 
1 59  ASN n 
1 60  SER n 
1 61  ARG n 
1 62  TRP n 
1 63  TRP n 
1 64  CYS n 
1 65  ASN n 
1 66  ASP n 
1 67  GLY n 
1 68  ARG n 
1 69  THR n 
1 70  PRO n 
1 71  GLY n 
1 72  SER n 
1 73  ARG n 
1 74  ASN n 
1 75  LEU n 
1 76  CYS n 
1 77  ASN n 
1 78  ILE n 
1 79  PRO n 
1 80  CYS n 
1 81  SER n 
1 82  ALA n 
1 83  LEU n 
1 84  LEU n 
1 85  SER n 
1 86  SER n 
1 87  ASP n 
1 88  ILE n 
1 89  THR n 
1 90  ALA n 
1 91  SER n 
1 92  VAL n 
1 93  ASN n 
1 94  CYS n 
1 95  ALA n 
1 96  LYS n 
1 97  LYS n 
1 98  ILE n 
1 99  VAL n 
1 100 SER n 
1 101 ASP n 
1 102 GLY n 
1 103 ASN n 
1 104 GLY n 
1 105 MET n 
1 106 ASN n 
1 107 ALA n 
1 108 TRP n 
1 109 VAL n 
1 110 ALA n 
1 111 TRP n 
1 112 ARG n 
1 113 ASN n 
1 114 ARG n 
1 115 CYS n 
1 116 LYS n 
1 117 GLY n 
1 118 THR n 
1 119 ASP n 
1 120 VAL n 
1 121 GLN n 
1 122 ALA n 
1 123 TRP n 
1 124 ILE n 
1 125 ARG n 
1 126 GLY n 
1 127 CYS n 
1 128 ARG n 
1 129 LEU n 
# 
_entity_src_nat.entity_id                  1 
_entity_src_nat.pdbx_src_id                1 
_entity_src_nat.pdbx_alt_source_flag       sample 
_entity_src_nat.pdbx_beg_seq_num           ? 
_entity_src_nat.pdbx_end_seq_num           ? 
_entity_src_nat.common_name                chicken 
_entity_src_nat.pdbx_organism_scientific   'Gallus gallus' 
_entity_src_nat.pdbx_ncbi_taxonomy_id      9031 
_entity_src_nat.genus                      Gallus 
_entity_src_nat.species                    ? 
_entity_src_nat.strain                     ? 
_entity_src_nat.tissue                     Egg-white 
_entity_src_nat.tissue_fraction            ? 
_entity_src_nat.pdbx_secretion             ? 
_entity_src_nat.pdbx_fragment              ? 
_entity_src_nat.pdbx_variant               ? 
_entity_src_nat.pdbx_cell_line             ? 
_entity_src_nat.pdbx_atcc                  ? 
_entity_src_nat.pdbx_cellular_location     ? 
_entity_src_nat.pdbx_organ                 ? 
_entity_src_nat.pdbx_organelle             ? 
_entity_src_nat.pdbx_cell                  ? 
_entity_src_nat.pdbx_plasmid_name          ? 
_entity_src_nat.pdbx_plasmid_details       ? 
_entity_src_nat.details                    ? 
# 
loop_
_chem_comp.id 
_chem_comp.type 
_chem_comp.mon_nstd_flag 
_chem_comp.name 
_chem_comp.pdbx_synonyms 
_chem_comp.formula 
_chem_comp.formula_weight 
ALA 'L-peptide linking' y ALANINE             ? 'C3 H7 N O2'     89.093  
ARG 'L-peptide linking' y ARGININE            ? 'C6 H15 N4 O2 1' 175.209 
ASN 'L-peptide linking' y ASPARAGINE          ? 'C4 H8 N2 O3'    132.118 
ASP 'L-peptide linking' y 'ASPARTIC ACID'     ? 'C4 H7 N O4'     133.103 
CL  non-polymer         . 'CHLORIDE ION'      ? 'Cl -1'          35.453  
CYS 'L-peptide linking' y CYSTEINE            ? 'C3 H7 N O2 S'   121.158 
GLN 'L-peptide linking' y GLUTAMINE           ? 'C5 H10 N2 O3'   146.144 
GLU 'L-peptide linking' y 'GLUTAMIC ACID'     ? 'C5 H9 N O4'     147.129 
GLY 'peptide linking'   y GLYCINE             ? 'C2 H5 N O2'     75.067  
HDZ non-polymer         . 'NITROGEN MOLECULE' ? N2               28.013  
HIS 'L-peptide linking' y HISTIDINE           ? 'C6 H10 N3 O2 1' 156.162 
HOH non-polymer         . WATER               ? 'H2 O'           18.015  
ILE 'L-peptide linking' y ISOLEUCINE          ? 'C6 H13 N O2'    131.173 
LEU 'L-peptide linking' y LEUCINE             ? 'C6 H13 N O2'    131.173 
LYS 'L-peptide linking' y LYSINE              ? 'C6 H15 N2 O2 1' 147.195 
MET 'L-peptide linking' y METHIONINE          ? 'C5 H11 N O2 S'  149.211 
NA  non-polymer         . 'SODIUM ION'        ? 'Na 1'           22.990  
PHE 'L-peptide linking' y PHENYLALANINE       ? 'C9 H11 N O2'    165.189 
PRO 'L-peptide linking' y PROLINE             ? 'C5 H9 N O2'     115.130 
SER 'L-peptide linking' y SERINE              ? 'C3 H7 N O3'     105.093 
THR 'L-peptide linking' y THREONINE           ? 'C4 H9 N O3'     119.119 
TRP 'L-peptide linking' y TRYPTOPHAN          ? 'C11 H12 N2 O2'  204.225 
TYR 'L-peptide linking' y TYROSINE            ? 'C9 H11 N O3'    181.189 
VAL 'L-peptide linking' y VALINE              ? 'C5 H11 N O2'    117.146 
# 
loop_
_pdbx_poly_seq_scheme.asym_id 
_pdbx_poly_seq_scheme.entity_id 
_pdbx_poly_seq_scheme.seq_id 
_pdbx_poly_seq_scheme.mon_id 
_pdbx_poly_seq_scheme.ndb_seq_num 
_pdbx_poly_seq_scheme.pdb_seq_num 
_pdbx_poly_seq_scheme.auth_seq_num 
_pdbx_poly_seq_scheme.pdb_mon_id 
_pdbx_poly_seq_scheme.auth_mon_id 
_pdbx_poly_seq_scheme.pdb_strand_id 
_pdbx_poly_seq_scheme.pdb_ins_code 
_pdbx_poly_seq_scheme.hetero 
A 1 1   LYS 1   1   1   LYS LYS A . n 
A 1 2   VAL 2   2   2   VAL VAL A . n 
A 1 3   PHE 3   3   3   PHE PHE A . n 
A 1 4   GLY 4   4   4   GLY GLY A . n 
A 1 5   ARG 5   5   5   ARG ARG A . n 
A 1 6   CYS 6   6   6   CYS CYS A . n 
A 1 7   GLU 7   7   7   GLU GLU A . n 
A 1 8   LEU 8   8   8   LEU LEU A . n 
A 1 9   ALA 9   9   9   ALA ALA A . n 
A 1 10  ALA 10  10  10  ALA ALA A . n 
A 1 11  ALA 11  11  11  ALA ALA A . n 
A 1 12  MET 12  12  12  MET MET A . n 
A 1 13  LYS 13  13  13  LYS LYS A . n 
A 1 14  ARG 14  14  14  ARG ARG A . n 
A 1 15  HIS 15  15  15  HIS HIS A . n 
A 1 16  GLY 16  16  16  GLY GLY A . n 
A 1 17  LEU 17  17  17  LEU LEU A . n 
A 1 18  ASP 18  18  18  ASP ASP A . n 
A 1 19  ASN 19  19  19  ASN ASN A . n 
A 1 20  TYR 20  20  20  TYR TYR A . n 
A 1 21  ARG 21  21  21  ARG ARG A . n 
A 1 22  GLY 22  22  22  GLY GLY A . n 
A 1 23  TYR 23  23  23  TYR TYR A . n 
A 1 24  SER 24  24  24  SER SER A . n 
A 1 25  LEU 25  25  25  LEU LEU A . n 
A 1 26  GLY 26  26  26  GLY GLY A . n 
A 1 27  ASN 27  27  27  ASN ASN A . n 
A 1 28  TRP 28  28  28  TRP TRP A . n 
A 1 29  VAL 29  29  29  VAL VAL A . n 
A 1 30  CYS 30  30  30  CYS CYS A . n 
A 1 31  ALA 31  31  31  ALA ALA A . n 
A 1 32  ALA 32  32  32  ALA ALA A . n 
A 1 33  LYS 33  33  33  LYS LYS A . n 
A 1 34  PHE 34  34  34  PHE PHE A . n 
A 1 35  GLU 35  35  35  GLU GLU A . n 
A 1 36  SER 36  36  36  SER SER A . n 
A 1 37  ASN 37  37  37  ASN ASN A . n 
A 1 38  PHE 38  38  38  PHE PHE A . n 
A 1 39  ASN 39  39  39  ASN ASN A . n 
A 1 40  THR 40  40  40  THR THR A . n 
A 1 41  GLN 41  41  41  GLN GLN A . n 
A 1 42  ALA 42  42  42  ALA ALA A . n 
A 1 43  THR 43  43  43  THR THR A . n 
A 1 44  ASN 44  44  44  ASN ASN A . n 
A 1 45  ARG 45  45  45  ARG ARG A . n 
A 1 46  ASN 46  46  46  ASN ASN A . n 
A 1 47  THR 47  47  47  THR THR A . n 
A 1 48  ASP 48  48  48  ASP ASP A . n 
A 1 49  GLY 49  49  49  GLY GLY A . n 
A 1 50  SER 50  50  50  SER SER A . n 
A 1 51  THR 51  51  51  THR THR A . n 
A 1 52  ASP 52  52  52  ASP ASP A . n 
A 1 53  TYR 53  53  53  TYR TYR A . n 
A 1 54  GLY 54  54  54  GLY GLY A . n 
A 1 55  ILE 55  55  55  ILE ILE A . n 
A 1 56  LEU 56  56  56  LEU LEU A . n 
A 1 57  GLN 57  57  57  GLN GLN A . n 
A 1 58  ILE 58  58  58  ILE ILE A . n 
A 1 59  ASN 59  59  59  ASN ASN A . n 
A 1 60  SER 60  60  60  SER SER A . n 
A 1 61  ARG 61  61  61  ARG ARG A . n 
A 1 62  TRP 62  62  62  TRP TRP A . n 
A 1 63  TRP 63  63  63  TRP TRP A . n 
A 1 64  CYS 64  64  64  CYS CYS A . n 
A 1 65  ASN 65  65  65  ASN ASN A . n 
A 1 66  ASP 66  66  66  ASP ASP A . n 
A 1 67  GLY 67  67  67  GLY GLY A . n 
A 1 68  ARG 68  68  68  ARG ARG A . n 
A 1 69  THR 69  69  69  THR THR A . n 
A 1 70  PRO 70  70  70  PRO PRO A . n 
A 1 71  GLY 71  71  71  GLY GLY A . n 
A 1 72  SER 72  72  72  SER SER A . n 
A 1 73  ARG 73  73  73  ARG ARG A . n 
A 1 74  ASN 74  74  74  ASN ASN A . n 
A 1 75  LEU 75  75  75  LEU LEU A . n 
A 1 76  CYS 76  76  76  CYS CYS A . n 
A 1 77  ASN 77  77  77  ASN ASN A . n 
A 1 78  ILE 78  78  78  ILE ILE A . n 
A 1 79  PRO 79  79  79  PRO PRO A . n 
A 1 80  CYS 80  80  80  CYS CYS A . n 
A 1 81  SER 81  81  81  SER SER A . n 
A 1 82  ALA 82  82  82  ALA ALA A . n 
A 1 83  LEU 83  83  83  LEU LEU A . n 
A 1 84  LEU 84  84  84  LEU LEU A . n 
A 1 85  SER 85  85  85  SER SER A . n 
A 1 86  SER 86  86  86  SER SER A . n 
A 1 87  ASP 87  87  87  ASP ASP A . n 
A 1 88  ILE 88  88  88  ILE ILE A . n 
A 1 89  THR 89  89  89  THR THR A . n 
A 1 90  ALA 90  90  90  ALA ALA A . n 
A 1 91  SER 91  91  91  SER SER A . n 
A 1 92  VAL 92  92  92  VAL VAL A . n 
A 1 93  ASN 93  93  93  ASN ASN A . n 
A 1 94  CYS 94  94  94  CYS CYS A . n 
A 1 95  ALA 95  95  95  ALA ALA A . n 
A 1 96  LYS 96  96  96  LYS LYS A . n 
A 1 97  LYS 97  97  97  LYS LYS A . n 
A 1 98  ILE 98  98  98  ILE ILE A . n 
A 1 99  VAL 99  99  99  VAL VAL A . n 
A 1 100 SER 100 100 100 SER SER A . n 
A 1 101 ASP 101 101 101 ASP ASP A . n 
A 1 102 GLY 102 102 102 GLY GLY A . n 
A 1 103 ASN 103 103 103 ASN ASN A . n 
A 1 104 GLY 104 104 104 GLY GLY A . n 
A 1 105 MET 105 105 105 MET MET A . n 
A 1 106 ASN 106 106 106 ASN ASN A . n 
A 1 107 ALA 107 107 107 ALA ALA A . n 
A 1 108 TRP 108 108 108 TRP TRP A . n 
A 1 109 VAL 109 109 109 VAL VAL A . n 
A 1 110 ALA 110 110 110 ALA ALA A . n 
A 1 111 TRP 111 111 111 TRP TRP A . n 
A 1 112 ARG 112 112 112 ARG ARG A . n 
A 1 113 ASN 113 113 113 ASN ASN A . n 
A 1 114 ARG 114 114 114 ARG ARG A . n 
A 1 115 CYS 115 115 115 CYS CYS A . n 
A 1 116 LYS 116 116 116 LYS LYS A . n 
A 1 117 GLY 117 117 117 GLY GLY A . n 
A 1 118 THR 118 118 118 THR THR A . n 
A 1 119 ASP 119 119 119 ASP ASP A . n 
A 1 120 VAL 120 120 120 VAL VAL A . n 
A 1 121 GLN 121 121 121 GLN GLN A . n 
A 1 122 ALA 122 122 122 ALA ALA A . n 
A 1 123 TRP 123 123 123 TRP TRP A . n 
A 1 124 ILE 124 124 124 ILE ILE A . n 
A 1 125 ARG 125 125 125 ARG ARG A . n 
A 1 126 GLY 126 126 126 GLY GLY A . n 
A 1 127 CYS 127 127 127 CYS CYS A . n 
A 1 128 ARG 128 128 128 ARG ARG A . n 
A 1 129 LEU 129 129 129 LEU LEU A . n 
# 
loop_
_pdbx_nonpoly_scheme.asym_id 
_pdbx_nonpoly_scheme.entity_id 
_pdbx_nonpoly_scheme.mon_id 
_pdbx_nonpoly_scheme.ndb_seq_num 
_pdbx_nonpoly_scheme.pdb_seq_num 
_pdbx_nonpoly_scheme.auth_seq_num 
_pdbx_nonpoly_scheme.pdb_mon_id 
_pdbx_nonpoly_scheme.auth_mon_id 
_pdbx_nonpoly_scheme.pdb_strand_id 
_pdbx_nonpoly_scheme.pdb_ins_code 
B 2 NA  1   131 131 NA  NA  A . 
C 3 CL  1   132 132 CL  CL  A . 
D 3 CL  1   133 133 CL  CL  A . 
E 3 CL  1   134 134 CL  CL  A . 
F 3 CL  1   135 135 CL  CL  A . 
G 4 HDZ 1   130 130 HDZ N2  A . 
H 5 HOH 1   136 136 HOH HOH A . 
H 5 HOH 2   137 137 HOH HOH A . 
H 5 HOH 3   138 138 HOH HOH A . 
H 5 HOH 4   139 139 HOH HOH A . 
H 5 HOH 5   140 140 HOH HOH A . 
H 5 HOH 6   141 141 HOH HOH A . 
H 5 HOH 7   142 142 HOH HOH A . 
H 5 HOH 8   143 143 HOH HOH A . 
H 5 HOH 9   144 144 HOH HOH A . 
H 5 HOH 10  145 145 HOH HOH A . 
H 5 HOH 11  146 146 HOH HOH A . 
H 5 HOH 12  147 147 HOH HOH A . 
H 5 HOH 13  148 148 HOH HOH A . 
H 5 HOH 14  149 149 HOH HOH A . 
H 5 HOH 15  150 150 HOH HOH A . 
H 5 HOH 16  151 151 HOH HOH A . 
H 5 HOH 17  152 152 HOH HOH A . 
H 5 HOH 18  153 153 HOH HOH A . 
H 5 HOH 19  154 154 HOH HOH A . 
H 5 HOH 20  155 155 HOH HOH A . 
H 5 HOH 21  156 156 HOH HOH A . 
H 5 HOH 22  157 157 HOH HOH A . 
H 5 HOH 23  158 158 HOH HOH A . 
H 5 HOH 24  159 159 HOH HOH A . 
H 5 HOH 25  160 160 HOH HOH A . 
H 5 HOH 26  161 161 HOH HOH A . 
H 5 HOH 27  162 162 HOH HOH A . 
H 5 HOH 28  163 163 HOH HOH A . 
H 5 HOH 29  164 164 HOH HOH A . 
H 5 HOH 30  165 165 HOH HOH A . 
H 5 HOH 31  166 166 HOH HOH A . 
H 5 HOH 32  167 167 HOH HOH A . 
H 5 HOH 33  168 168 HOH HOH A . 
H 5 HOH 34  169 169 HOH HOH A . 
H 5 HOH 35  170 170 HOH HOH A . 
H 5 HOH 36  171 171 HOH HOH A . 
H 5 HOH 37  172 172 HOH HOH A . 
H 5 HOH 38  173 173 HOH HOH A . 
H 5 HOH 39  174 174 HOH HOH A . 
H 5 HOH 40  175 175 HOH HOH A . 
H 5 HOH 41  176 176 HOH HOH A . 
H 5 HOH 42  177 177 HOH HOH A . 
H 5 HOH 43  178 178 HOH HOH A . 
H 5 HOH 44  179 179 HOH HOH A . 
H 5 HOH 45  180 180 HOH HOH A . 
H 5 HOH 46  181 181 HOH HOH A . 
H 5 HOH 47  182 182 HOH HOH A . 
H 5 HOH 48  183 183 HOH HOH A . 
H 5 HOH 49  184 184 HOH HOH A . 
H 5 HOH 50  185 185 HOH HOH A . 
H 5 HOH 51  186 186 HOH HOH A . 
H 5 HOH 52  187 187 HOH HOH A . 
H 5 HOH 53  188 188 HOH HOH A . 
H 5 HOH 54  189 189 HOH HOH A . 
H 5 HOH 55  190 190 HOH HOH A . 
H 5 HOH 56  191 191 HOH HOH A . 
H 5 HOH 57  192 192 HOH HOH A . 
H 5 HOH 58  193 193 HOH HOH A . 
H 5 HOH 59  194 194 HOH HOH A . 
H 5 HOH 60  195 195 HOH HOH A . 
H 5 HOH 61  196 196 HOH HOH A . 
H 5 HOH 62  197 197 HOH HOH A . 
H 5 HOH 63  198 198 HOH HOH A . 
H 5 HOH 64  199 199 HOH HOH A . 
H 5 HOH 65  200 200 HOH HOH A . 
H 5 HOH 66  201 201 HOH HOH A . 
H 5 HOH 67  202 202 HOH HOH A . 
H 5 HOH 68  203 203 HOH HOH A . 
H 5 HOH 69  204 204 HOH HOH A . 
H 5 HOH 70  205 205 HOH HOH A . 
H 5 HOH 71  206 206 HOH HOH A . 
H 5 HOH 72  207 207 HOH HOH A . 
H 5 HOH 73  208 208 HOH HOH A . 
H 5 HOH 74  209 209 HOH HOH A . 
H 5 HOH 75  210 210 HOH HOH A . 
H 5 HOH 76  211 211 HOH HOH A . 
H 5 HOH 77  212 212 HOH HOH A . 
H 5 HOH 78  213 213 HOH HOH A . 
H 5 HOH 79  214 214 HOH HOH A . 
H 5 HOH 80  215 215 HOH HOH A . 
H 5 HOH 81  216 216 HOH HOH A . 
H 5 HOH 82  217 217 HOH HOH A . 
H 5 HOH 83  218 218 HOH HOH A . 
H 5 HOH 84  219 219 HOH HOH A . 
H 5 HOH 85  220 220 HOH HOH A . 
H 5 HOH 86  221 221 HOH HOH A . 
H 5 HOH 87  222 222 HOH HOH A . 
H 5 HOH 88  223 223 HOH HOH A . 
H 5 HOH 89  224 224 HOH HOH A . 
H 5 HOH 90  225 225 HOH HOH A . 
H 5 HOH 91  226 226 HOH HOH A . 
H 5 HOH 92  227 227 HOH HOH A . 
H 5 HOH 93  228 228 HOH HOH A . 
H 5 HOH 94  229 229 HOH HOH A . 
H 5 HOH 95  230 230 HOH HOH A . 
H 5 HOH 96  231 231 HOH HOH A . 
H 5 HOH 97  232 232 HOH HOH A . 
H 5 HOH 98  233 233 HOH HOH A . 
H 5 HOH 99  234 234 HOH HOH A . 
H 5 HOH 100 235 235 HOH HOH A . 
H 5 HOH 101 236 236 HOH HOH A . 
H 5 HOH 102 237 237 HOH HOH A . 
H 5 HOH 103 238 238 HOH HOH A . 
H 5 HOH 104 239 239 HOH HOH A . 
H 5 HOH 105 240 240 HOH HOH A . 
H 5 HOH 106 241 241 HOH HOH A . 
H 5 HOH 107 242 242 HOH HOH A . 
H 5 HOH 108 243 243 HOH HOH A . 
H 5 HOH 109 244 244 HOH HOH A . 
H 5 HOH 110 245 245 HOH HOH A . 
H 5 HOH 111 246 246 HOH HOH A . 
H 5 HOH 112 247 247 HOH HOH A . 
H 5 HOH 113 248 248 HOH HOH A . 
H 5 HOH 114 249 249 HOH HOH A . 
H 5 HOH 115 250 250 HOH HOH A . 
H 5 HOH 116 251 251 HOH HOH A . 
H 5 HOH 117 252 252 HOH HOH A . 
H 5 HOH 118 253 253 HOH HOH A . 
H 5 HOH 119 254 254 HOH HOH A . 
H 5 HOH 120 255 255 HOH HOH A . 
H 5 HOH 121 256 256 HOH HOH A . 
H 5 HOH 122 257 257 HOH HOH A . 
H 5 HOH 123 258 258 HOH HOH A . 
H 5 HOH 124 259 259 HOH HOH A . 
H 5 HOH 125 260 260 HOH HOH A . 
H 5 HOH 126 261 261 HOH HOH A . 
H 5 HOH 127 262 262 HOH HOH A . 
H 5 HOH 128 263 263 HOH HOH A . 
H 5 HOH 129 264 264 HOH HOH A . 
H 5 HOH 130 265 265 HOH HOH A . 
H 5 HOH 131 266 266 HOH HOH A . 
H 5 HOH 132 267 267 HOH HOH A . 
H 5 HOH 133 268 268 HOH HOH A . 
H 5 HOH 134 269 269 HOH HOH A . 
H 5 HOH 135 270 270 HOH HOH A . 
H 5 HOH 136 271 271 HOH HOH A . 
H 5 HOH 137 272 272 HOH HOH A . 
H 5 HOH 138 273 273 HOH HOH A . 
H 5 HOH 139 274 274 HOH HOH A . 
H 5 HOH 140 275 275 HOH HOH A . 
H 5 HOH 141 276 276 HOH HOH A . 
H 5 HOH 142 277 277 HOH HOH A . 
H 5 HOH 143 278 278 HOH HOH A . 
H 5 HOH 144 279 279 HOH HOH A . 
H 5 HOH 145 280 280 HOH HOH A . 
H 5 HOH 146 281 281 HOH HOH A . 
H 5 HOH 147 282 282 HOH HOH A . 
H 5 HOH 148 283 283 HOH HOH A . 
H 5 HOH 149 284 284 HOH HOH A . 
H 5 HOH 150 285 285 HOH HOH A . 
H 5 HOH 151 286 286 HOH HOH A . 
H 5 HOH 152 287 287 HOH HOH A . 
H 5 HOH 153 288 288 HOH HOH A . 
H 5 HOH 154 289 289 HOH HOH A . 
H 5 HOH 155 290 290 HOH HOH A . 
H 5 HOH 156 291 291 HOH HOH A . 
H 5 HOH 157 292 292 HOH HOH A . 
H 5 HOH 158 293 293 HOH HOH A . 
H 5 HOH 159 294 294 HOH HOH A . 
H 5 HOH 160 295 295 HOH HOH A . 
H 5 HOH 161 296 296 HOH HOH A . 
H 5 HOH 162 297 297 HOH HOH A . 
H 5 HOH 163 298 298 HOH HOH A . 
H 5 HOH 164 299 299 HOH HOH A . 
H 5 HOH 165 300 300 HOH HOH A . 
H 5 HOH 166 301 301 HOH HOH A . 
H 5 HOH 167 302 302 HOH HOH A . 
H 5 HOH 168 303 303 HOH HOH A . 
H 5 HOH 169 304 304 HOH HOH A . 
H 5 HOH 170 305 305 HOH HOH A . 
H 5 HOH 171 306 306 HOH HOH A . 
H 5 HOH 172 307 307 HOH HOH A . 
H 5 HOH 173 308 308 HOH HOH A . 
H 5 HOH 174 309 309 HOH HOH A . 
H 5 HOH 175 310 310 HOH HOH A . 
H 5 HOH 176 311 311 HOH HOH A . 
H 5 HOH 177 312 312 HOH HOH A . 
H 5 HOH 178 313 313 HOH HOH A . 
H 5 HOH 179 314 314 HOH HOH A . 
H 5 HOH 180 315 315 HOH HOH A . 
H 5 HOH 181 316 316 HOH HOH A . 
H 5 HOH 182 317 317 HOH HOH A . 
H 5 HOH 183 318 318 HOH HOH A . 
H 5 HOH 184 319 319 HOH HOH A . 
H 5 HOH 185 320 320 HOH HOH A . 
H 5 HOH 186 321 321 HOH HOH A . 
H 5 HOH 187 322 322 HOH HOH A . 
H 5 HOH 188 323 323 HOH HOH A . 
H 5 HOH 189 324 324 HOH HOH A . 
H 5 HOH 190 325 325 HOH HOH A . 
H 5 HOH 191 326 326 HOH HOH A . 
H 5 HOH 192 327 327 HOH HOH A . 
H 5 HOH 193 328 328 HOH HOH A . 
H 5 HOH 194 329 329 HOH HOH A . 
H 5 HOH 195 330 330 HOH HOH A . 
H 5 HOH 196 331 331 HOH HOH A . 
H 5 HOH 197 332 332 HOH HOH A . 
H 5 HOH 198 333 333 HOH HOH A . 
H 5 HOH 199 334 334 HOH HOH A . 
H 5 HOH 200 335 335 HOH HOH A . 
H 5 HOH 201 336 336 HOH HOH A . 
H 5 HOH 202 337 337 HOH HOH A . 
H 5 HOH 203 338 338 HOH HOH A . 
H 5 HOH 204 339 339 HOH HOH A . 
H 5 HOH 205 340 340 HOH HOH A . 
H 5 HOH 206 341 341 HOH HOH A . 
H 5 HOH 207 342 342 HOH HOH A . 
H 5 HOH 208 343 343 HOH HOH A . 
H 5 HOH 209 344 344 HOH HOH A . 
H 5 HOH 210 345 345 HOH HOH A . 
H 5 HOH 211 346 346 HOH HOH A . 
# 
loop_
_software.name 
_software.classification 
_software.version 
_software.citation_id 
_software.pdbx_ordinal 
_software.date 
_software.type 
_software.location 
_software.language 
SHELXL-97 'model building' .    ? 1 ? ? ? ? 
SHELXL-97 refinement       .    ? 2 ? ? ? ? 
SAINT     'data reduction' Plus ? 3 ? ? ? ? 
SAINT     'data scaling'   Plus ? 4 ? ? ? ? 
SHELXL-97 phasing          .    ? 5 ? ? ? ? 
# 
_cell.entry_id           2Z18 
_cell.length_a           26.622 
_cell.length_b           60.588 
_cell.length_c           31.223 
_cell.angle_alpha        90.00 
_cell.angle_beta         111.44 
_cell.angle_gamma        90.00 
_cell.Z_PDB              2 
_cell.pdbx_unique_axis   ? 
_cell.length_a_esd       ? 
_cell.length_b_esd       ? 
_cell.length_c_esd       ? 
_cell.angle_alpha_esd    ? 
_cell.angle_beta_esd     ? 
_cell.angle_gamma_esd    ? 
# 
_symmetry.entry_id                         2Z18 
_symmetry.space_group_name_H-M             'P 1 21 1' 
_symmetry.pdbx_full_space_group_name_H-M   ? 
_symmetry.cell_setting                     ? 
_symmetry.Int_Tables_number                4 
_symmetry.space_group_name_Hall            ? 
# 
_exptl.entry_id          2Z18 
_exptl.method            'X-RAY DIFFRACTION' 
_exptl.crystals_number   1 
# 
_exptl_crystal.id                    1 
_exptl_crystal.density_meas          ? 
_exptl_crystal.density_Matthews      1.64 
_exptl_crystal.density_percent_sol   24.79 
_exptl_crystal.description           ? 
_exptl_crystal.F_000                 ? 
_exptl_crystal.preparation           ? 
# 
_exptl_crystal_grow.crystal_id      1 
_exptl_crystal_grow.method          'Dehydration induced phase transition' 
_exptl_crystal_grow.temp            293 
_exptl_crystal_grow.temp_details    ? 
_exptl_crystal_grow.pH              ? 
_exptl_crystal_grow.pdbx_details    
'10% NaCl, temperature-regulated nitrogen gas, Dehydration induced phase transition, temperature 293K' 
_exptl_crystal_grow.pdbx_pH_range   . 
# 
_diffrn.id                     1 
_diffrn.ambient_temp           90 
_diffrn.ambient_temp_details   ? 
_diffrn.crystal_id             1 
# 
_diffrn_detector.diffrn_id              1 
_diffrn_detector.detector               CCD 
_diffrn_detector.type                   'BRUKER SMART 6000' 
_diffrn_detector.pdbx_collection_date   2006-12-11 
_diffrn_detector.details                'Montel optics' 
# 
_diffrn_radiation.diffrn_id                        1 
_diffrn_radiation.wavelength_id                    1 
_diffrn_radiation.pdbx_monochromatic_or_laue_m_l   M 
_diffrn_radiation.monochromator                    'Montel optics' 
_diffrn_radiation.pdbx_diffrn_protocol             'SINGLE WAVELENGTH' 
_diffrn_radiation.pdbx_scattering_type             x-ray 
# 
_diffrn_radiation_wavelength.id           1 
_diffrn_radiation_wavelength.wavelength   1.5418 
_diffrn_radiation_wavelength.wt           1.0 
# 
_diffrn_source.diffrn_id                   1 
_diffrn_source.source                      'ROTATING ANODE' 
_diffrn_source.type                        MACSCIENCE 
_diffrn_source.pdbx_synchrotron_site       ? 
_diffrn_source.pdbx_synchrotron_beamline   ? 
_diffrn_source.pdbx_wavelength             ? 
_diffrn_source.pdbx_wavelength_list        1.5418 
# 
_reflns.entry_id                     2Z18 
_reflns.observed_criterion_sigma_F   0.0 
_reflns.observed_criterion_sigma_I   0.0 
_reflns.d_resolution_high            1.15 
_reflns.d_resolution_low             50.0 
_reflns.number_all                   32860 
_reflns.number_obs                   32729 
_reflns.percent_possible_obs         99.6 
_reflns.pdbx_Rmerge_I_obs            0.104 
_reflns.pdbx_Rsym_value              ? 
_reflns.pdbx_netI_over_sigmaI        ? 
_reflns.B_iso_Wilson_estimate        ? 
_reflns.pdbx_redundancy              4.73 
_reflns.R_free_details               ? 
_reflns.limit_h_max                  ? 
_reflns.limit_h_min                  ? 
_reflns.limit_k_max                  ? 
_reflns.limit_k_min                  ? 
_reflns.limit_l_max                  ? 
_reflns.limit_l_min                  ? 
_reflns.observed_criterion_F_max     ? 
_reflns.observed_criterion_F_min     ? 
_reflns.pdbx_chi_squared             ? 
_reflns.pdbx_scaling_rejects         ? 
_reflns.pdbx_diffrn_id               1 
_reflns.pdbx_ordinal                 1 
# 
_reflns_shell.d_res_high             1.15 
_reflns_shell.d_res_low              1.19 
_reflns_shell.percent_possible_all   99.9 
_reflns_shell.Rmerge_I_obs           0.090 
_reflns_shell.pdbx_Rsym_value        ? 
_reflns_shell.meanI_over_sigI_obs    ? 
_reflns_shell.pdbx_redundancy        3.09 
_reflns_shell.percent_possible_obs   ? 
_reflns_shell.number_unique_all      3284 
_reflns_shell.number_measured_all    ? 
_reflns_shell.number_measured_obs    ? 
_reflns_shell.number_unique_obs      ? 
_reflns_shell.pdbx_chi_squared       ? 
_reflns_shell.pdbx_diffrn_id         ? 
_reflns_shell.pdbx_ordinal           1 
# 
_refine.entry_id                                 2Z18 
_refine.ls_d_res_high                            1.15 
_refine.ls_d_res_low                             25.0 
_refine.pdbx_ls_sigma_F                          0.0 
_refine.pdbx_ls_sigma_I                          0.0 
_refine.ls_number_reflns_all                     ? 
_refine.ls_number_reflns_obs                     32603 
_refine.ls_number_reflns_R_free                  1630 
_refine.ls_percent_reflns_obs                    ? 
_refine.ls_R_factor_all                          ? 
_refine.ls_R_factor_obs                          ? 
_refine.ls_R_factor_R_work                       0.156 
_refine.ls_R_factor_R_free                       0.176 
_refine.ls_redundancy_reflns_obs                 ? 
_refine.pdbx_data_cutoff_high_absF               ? 
_refine.pdbx_data_cutoff_low_absF                ? 
_refine.ls_number_parameters                     ? 
_refine.ls_number_restraints                     ? 
_refine.ls_percent_reflns_R_free                 ? 
_refine.ls_R_factor_R_free_error                 ? 
_refine.ls_R_factor_R_free_error_details         ? 
_refine.pdbx_method_to_determine_struct          SHELX-97 
_refine.pdbx_starting_model                      'PDB Entry 2D4J' 
_refine.pdbx_ls_cross_valid_method               THROUGHOUT 
_refine.pdbx_R_Free_selection_details            Random 
_refine.pdbx_stereochem_target_val_spec_case     ? 
_refine.pdbx_stereochemistry_target_values       'Engh & Huber' 
_refine.solvent_model_details                    ? 
_refine.solvent_model_param_bsol                 ? 
_refine.solvent_model_param_ksol                 ? 
_refine.occupancy_max                            ? 
_refine.occupancy_min                            ? 
_refine.pdbx_isotropic_thermal_model             Isotropic 
_refine.B_iso_mean                               9.04 
_refine.aniso_B[1][1]                            ? 
_refine.aniso_B[1][2]                            ? 
_refine.aniso_B[1][3]                            ? 
_refine.aniso_B[2][2]                            ? 
_refine.aniso_B[2][3]                            ? 
_refine.aniso_B[3][3]                            ? 
_refine.details                                  'Used weighted full matrix least squares procedure.' 
_refine.B_iso_min                                ? 
_refine.B_iso_max                                ? 
_refine.correlation_coeff_Fo_to_Fc               ? 
_refine.correlation_coeff_Fo_to_Fc_free          ? 
_refine.pdbx_solvent_vdw_probe_radii             ? 
_refine.pdbx_solvent_ion_probe_radii             ? 
_refine.pdbx_solvent_shrinkage_radii             ? 
_refine.overall_SU_R_Cruickshank_DPI             ? 
_refine.overall_SU_R_free                        ? 
_refine.overall_SU_ML                            ? 
_refine.overall_SU_B                             ? 
_refine.pdbx_overall_ESU_R_Free                  ? 
_refine.pdbx_data_cutoff_high_rms_absF           ? 
_refine.pdbx_overall_ESU_R                       ? 
_refine.ls_wR_factor_R_free                      ? 
_refine.ls_wR_factor_R_work                      ? 
_refine.overall_FOM_free_R_set                   ? 
_refine.overall_FOM_work_R_set                   ? 
_refine.pdbx_overall_phase_error                 ? 
_refine.pdbx_refine_id                           'X-RAY DIFFRACTION' 
_refine.pdbx_diffrn_id                           1 
_refine.pdbx_TLS_residual_ADP_flag               ? 
_refine.pdbx_overall_SU_R_free_Cruickshank_DPI   ? 
_refine.pdbx_overall_SU_R_Blow_DPI               ? 
_refine.pdbx_overall_SU_R_free_Blow_DPI          ? 
# 
_refine_hist.pdbx_refine_id                   'X-RAY DIFFRACTION' 
_refine_hist.cycle_id                         LAST 
_refine_hist.pdbx_number_atoms_protein        1006 
_refine_hist.pdbx_number_atoms_nucleic_acid   0 
_refine_hist.pdbx_number_atoms_ligand         7 
_refine_hist.number_atoms_solvent             211 
_refine_hist.number_atoms_total               1224 
_refine_hist.d_res_high                       1.15 
_refine_hist.d_res_low                        25.0 
# 
loop_
_refine_ls_restr.type 
_refine_ls_restr.dev_ideal 
_refine_ls_restr.dev_ideal_target 
_refine_ls_restr.weight 
_refine_ls_restr.number 
_refine_ls_restr.pdbx_refine_id 
_refine_ls_restr.pdbx_restraint_function 
s_bond_d              0.012 ? ? ? 'X-RAY DIFFRACTION' ? 
s_angle_d             0.029 ? ? ? 'X-RAY DIFFRACTION' ? 
s_from_restr_planes   0.032 ? ? ? 'X-RAY DIFFRACTION' ? 
s_zero_chiral_vol     0.065 ? ? ? 'X-RAY DIFFRACTION' ? 
s_non_zero_chiral_vol 0.073 ? ? ? 'X-RAY DIFFRACTION' ? 
# 
_refine_ls_shell.pdbx_total_number_of_bins_used   ? 
_refine_ls_shell.d_res_high                       1.15 
_refine_ls_shell.d_res_low                        1.19 
_refine_ls_shell.number_reflns_R_work             ? 
_refine_ls_shell.R_factor_R_work                  0.171 
_refine_ls_shell.percent_reflns_obs               ? 
_refine_ls_shell.R_factor_R_free                  ? 
_refine_ls_shell.R_factor_R_free_error            ? 
_refine_ls_shell.percent_reflns_R_free            ? 
_refine_ls_shell.number_reflns_R_free             ? 
_refine_ls_shell.number_reflns_all                ? 
_refine_ls_shell.R_factor_all                     ? 
_refine_ls_shell.number_reflns_obs                3186 
_refine_ls_shell.redundancy_reflns_obs            ? 
_refine_ls_shell.pdbx_refine_id                   'X-RAY DIFFRACTION' 
# 
_pdbx_refine.entry_id                                    2Z18 
_pdbx_refine.R_factor_obs_no_cutoff                      0.156 
_pdbx_refine.pdbx_refine_id                              'X-RAY DIFFRACTION' 
_pdbx_refine.R_factor_all_no_cutoff                      ? 
_pdbx_refine.free_R_factor_no_cutoff                     ? 
_pdbx_refine.free_R_error_no_cutoff                      ? 
_pdbx_refine.free_R_val_test_set_size_perc_no_cutoff     ? 
_pdbx_refine.free_R_val_test_set_ct_no_cutoff            ? 
_pdbx_refine.R_factor_all_4sig_cutoff                    ? 
_pdbx_refine.R_factor_obs_4sig_cutoff                    ? 
_pdbx_refine.free_R_factor_4sig_cutoff                   ? 
_pdbx_refine.free_R_val_test_set_size_perc_4sig_cutoff   ? 
_pdbx_refine.free_R_val_test_set_ct_4sig_cutoff          ? 
_pdbx_refine.number_reflns_obs_4sig_cutoff               ? 
# 
_struct.entry_id                  2Z18 
_struct.title                     'Phase transition of monoclinic lysozyme crystal soaked in a 10% NaCl solution' 
_struct.pdbx_model_details        ? 
_struct.pdbx_CASP_flag            ? 
_struct.pdbx_model_type_details   ? 
# 
_struct_keywords.entry_id        2Z18 
_struct_keywords.pdbx_keywords   HYDROLASE 
_struct_keywords.text            'sodium binding, HYDROLASE' 
# 
loop_
_struct_asym.id 
_struct_asym.pdbx_blank_PDB_chainid_flag 
_struct_asym.pdbx_modified 
_struct_asym.entity_id 
_struct_asym.details 
A N N 1 ? 
B N N 2 ? 
C N N 3 ? 
D N N 3 ? 
E N N 3 ? 
F N N 3 ? 
G N N 4 ? 
H N N 5 ? 
# 
_struct_ref.id                         1 
_struct_ref.db_name                    UNP 
_struct_ref.db_code                    LYSC_CHICK 
_struct_ref.pdbx_db_accession          P00698 
_struct_ref.entity_id                  1 
_struct_ref.pdbx_seq_one_letter_code   
;KVFGRCELAAAMKRHGLDNYRGYSLGNWVCAAKFESNFNTQATNRNTDGSTDYGILQINSRWWCNDGRTPGSRNLCNIPC
SALLSSDITASVNCAKKIVSDGNGMNAWVAWRNRCKGTDVQAWIRGCRL
;
_struct_ref.pdbx_align_begin           19 
_struct_ref.pdbx_db_isoform            ? 
# 
_struct_ref_seq.align_id                      1 
_struct_ref_seq.ref_id                        1 
_struct_ref_seq.pdbx_PDB_id_code              2Z18 
_struct_ref_seq.pdbx_strand_id                A 
_struct_ref_seq.seq_align_beg                 1 
_struct_ref_seq.pdbx_seq_align_beg_ins_code   ? 
_struct_ref_seq.seq_align_end                 129 
_struct_ref_seq.pdbx_seq_align_end_ins_code   ? 
_struct_ref_seq.pdbx_db_accession             P00698 
_struct_ref_seq.db_align_beg                  19 
_struct_ref_seq.pdbx_db_align_beg_ins_code    ? 
_struct_ref_seq.db_align_end                  147 
_struct_ref_seq.pdbx_db_align_end_ins_code    ? 
_struct_ref_seq.pdbx_auth_seq_align_beg       1 
_struct_ref_seq.pdbx_auth_seq_align_end       129 
# 
_pdbx_struct_assembly.id                   1 
_pdbx_struct_assembly.details              author_and_software_defined_assembly 
_pdbx_struct_assembly.method_details       PISA 
_pdbx_struct_assembly.oligomeric_details   monomeric 
_pdbx_struct_assembly.oligomeric_count     1 
# 
_pdbx_struct_assembly_gen.assembly_id       1 
_pdbx_struct_assembly_gen.oper_expression   1 
_pdbx_struct_assembly_gen.asym_id_list      A,B,C,D,E,F,G,H 
# 
_pdbx_struct_oper_list.id                   1 
_pdbx_struct_oper_list.type                 'identity operation' 
_pdbx_struct_oper_list.name                 1_555 
_pdbx_struct_oper_list.symmetry_operation   x,y,z 
_pdbx_struct_oper_list.matrix[1][1]         1.0000000000 
_pdbx_struct_oper_list.matrix[1][2]         0.0000000000 
_pdbx_struct_oper_list.matrix[1][3]         0.0000000000 
_pdbx_struct_oper_list.vector[1]            0.0000000000 
_pdbx_struct_oper_list.matrix[2][1]         0.0000000000 
_pdbx_struct_oper_list.matrix[2][2]         1.0000000000 
_pdbx_struct_oper_list.matrix[2][3]         0.0000000000 
_pdbx_struct_oper_list.vector[2]            0.0000000000 
_pdbx_struct_oper_list.matrix[3][1]         0.0000000000 
_pdbx_struct_oper_list.matrix[3][2]         0.0000000000 
_pdbx_struct_oper_list.matrix[3][3]         1.0000000000 
_pdbx_struct_oper_list.vector[3]            0.0000000000 
# 
loop_
_struct_conf.conf_type_id 
_struct_conf.id 
_struct_conf.pdbx_PDB_helix_id 
_struct_conf.beg_label_comp_id 
_struct_conf.beg_label_asym_id 
_struct_conf.beg_label_seq_id 
_struct_conf.pdbx_beg_PDB_ins_code 
_struct_conf.end_label_comp_id 
_struct_conf.end_label_asym_id 
_struct_conf.end_label_seq_id 
_struct_conf.pdbx_end_PDB_ins_code 
_struct_conf.beg_auth_comp_id 
_struct_conf.beg_auth_asym_id 
_struct_conf.beg_auth_seq_id 
_struct_conf.end_auth_comp_id 
_struct_conf.end_auth_asym_id 
_struct_conf.end_auth_seq_id 
_struct_conf.pdbx_PDB_helix_class 
_struct_conf.details 
_struct_conf.pdbx_PDB_helix_length 
HELX_P HELX_P1 1 GLY A 4   ? HIS A 15  ? GLY A 4   HIS A 15  1 ? 12 
HELX_P HELX_P2 2 ASN A 19  ? TYR A 23  ? ASN A 19  TYR A 23  5 ? 5  
HELX_P HELX_P3 3 SER A 24  ? ASN A 37  ? SER A 24  ASN A 37  1 ? 14 
HELX_P HELX_P4 4 PRO A 79  ? SER A 85  ? PRO A 79  SER A 85  5 ? 7  
HELX_P HELX_P5 5 ILE A 88  ? ASP A 101 ? ILE A 88  ASP A 101 1 ? 14 
HELX_P HELX_P6 6 GLY A 104 ? ALA A 107 ? GLY A 104 ALA A 107 5 ? 4  
HELX_P HELX_P7 7 TRP A 108 ? CYS A 115 ? TRP A 108 CYS A 115 1 ? 8  
HELX_P HELX_P8 8 ASP A 119 ? ARG A 125 ? ASP A 119 ARG A 125 5 ? 7  
# 
_struct_conf_type.id          HELX_P 
_struct_conf_type.criteria    ? 
_struct_conf_type.reference   ? 
# 
loop_
_struct_conn.id 
_struct_conn.conn_type_id 
_struct_conn.pdbx_leaving_atom_flag 
_struct_conn.pdbx_PDB_id 
_struct_conn.ptnr1_label_asym_id 
_struct_conn.ptnr1_label_comp_id 
_struct_conn.ptnr1_label_seq_id 
_struct_conn.ptnr1_label_atom_id 
_struct_conn.pdbx_ptnr1_label_alt_id 
_struct_conn.pdbx_ptnr1_PDB_ins_code 
_struct_conn.pdbx_ptnr1_standard_comp_id 
_struct_conn.ptnr1_symmetry 
_struct_conn.ptnr2_label_asym_id 
_struct_conn.ptnr2_label_comp_id 
_struct_conn.ptnr2_label_seq_id 
_struct_conn.ptnr2_label_atom_id 
_struct_conn.pdbx_ptnr2_label_alt_id 
_struct_conn.pdbx_ptnr2_PDB_ins_code 
_struct_conn.ptnr1_auth_asym_id 
_struct_conn.ptnr1_auth_comp_id 
_struct_conn.ptnr1_auth_seq_id 
_struct_conn.ptnr2_auth_asym_id 
_struct_conn.ptnr2_auth_comp_id 
_struct_conn.ptnr2_auth_seq_id 
_struct_conn.ptnr2_symmetry 
_struct_conn.pdbx_ptnr3_label_atom_id 
_struct_conn.pdbx_ptnr3_label_seq_id 
_struct_conn.pdbx_ptnr3_label_comp_id 
_struct_conn.pdbx_ptnr3_label_asym_id 
_struct_conn.pdbx_ptnr3_label_alt_id 
_struct_conn.pdbx_ptnr3_PDB_ins_code 
_struct_conn.details 
_struct_conn.pdbx_dist_value 
_struct_conn.pdbx_value_order 
_struct_conn.pdbx_role 
disulf1 disulf ? ? A CYS 6  SG ? ? ? 1_555 A CYS 127 SG ? ? A CYS 6  A CYS 127 1_555 ? ? ? ? ? ? ? 2.042 ? ? 
disulf2 disulf ? ? A CYS 30 SG ? ? ? 1_555 A CYS 115 SG ? ? A CYS 30 A CYS 115 1_555 ? ? ? ? ? ? ? 2.053 ? ? 
disulf3 disulf ? ? A CYS 64 SG ? ? ? 1_555 A CYS 80  SG ? ? A CYS 64 A CYS 80  1_555 ? ? ? ? ? ? ? 2.053 ? ? 
disulf4 disulf ? ? A CYS 76 SG ? ? ? 1_555 A CYS 94  SG ? ? A CYS 76 A CYS 94  1_555 ? ? ? ? ? ? ? 2.042 ? ? 
# 
_struct_conn_type.id          disulf 
_struct_conn_type.criteria    ? 
_struct_conn_type.reference   ? 
# 
loop_
_pdbx_modification_feature.ordinal 
_pdbx_modification_feature.label_comp_id 
_pdbx_modification_feature.label_asym_id 
_pdbx_modification_feature.label_seq_id 
_pdbx_modification_feature.label_alt_id 
_pdbx_modification_feature.modified_residue_label_comp_id 
_pdbx_modification_feature.modified_residue_label_asym_id 
_pdbx_modification_feature.modified_residue_label_seq_id 
_pdbx_modification_feature.modified_residue_label_alt_id 
_pdbx_modification_feature.auth_comp_id 
_pdbx_modification_feature.auth_asym_id 
_pdbx_modification_feature.auth_seq_id 
_pdbx_modification_feature.PDB_ins_code 
_pdbx_modification_feature.symmetry 
_pdbx_modification_feature.modified_residue_auth_comp_id 
_pdbx_modification_feature.modified_residue_auth_asym_id 
_pdbx_modification_feature.modified_residue_auth_seq_id 
_pdbx_modification_feature.modified_residue_PDB_ins_code 
_pdbx_modification_feature.modified_residue_symmetry 
_pdbx_modification_feature.comp_id_linking_atom 
_pdbx_modification_feature.modified_residue_id_linking_atom 
_pdbx_modification_feature.modified_residue_id 
_pdbx_modification_feature.ref_pcm_id 
_pdbx_modification_feature.ref_comp_id 
_pdbx_modification_feature.type 
_pdbx_modification_feature.category 
1 CYS A 6  ? CYS A 127 ? CYS A 6  ? 1_555 CYS A 127 ? 1_555 SG SG . . . None 'Disulfide bridge' 
2 CYS A 30 ? CYS A 115 ? CYS A 30 ? 1_555 CYS A 115 ? 1_555 SG SG . . . None 'Disulfide bridge' 
3 CYS A 64 ? CYS A 80  ? CYS A 64 ? 1_555 CYS A 80  ? 1_555 SG SG . . . None 'Disulfide bridge' 
4 CYS A 76 ? CYS A 94  ? CYS A 76 ? 1_555 CYS A 94  ? 1_555 SG SG . . . None 'Disulfide bridge' 
# 
_struct_sheet.id               A 
_struct_sheet.type             ? 
_struct_sheet.number_strands   3 
_struct_sheet.details          ? 
# 
loop_
_struct_sheet_order.sheet_id 
_struct_sheet_order.range_id_1 
_struct_sheet_order.range_id_2 
_struct_sheet_order.offset 
_struct_sheet_order.sense 
A 1 2 ? anti-parallel 
A 2 3 ? anti-parallel 
# 
loop_
_struct_sheet_range.sheet_id 
_struct_sheet_range.id 
_struct_sheet_range.beg_label_comp_id 
_struct_sheet_range.beg_label_asym_id 
_struct_sheet_range.beg_label_seq_id 
_struct_sheet_range.pdbx_beg_PDB_ins_code 
_struct_sheet_range.end_label_comp_id 
_struct_sheet_range.end_label_asym_id 
_struct_sheet_range.end_label_seq_id 
_struct_sheet_range.pdbx_end_PDB_ins_code 
_struct_sheet_range.beg_auth_comp_id 
_struct_sheet_range.beg_auth_asym_id 
_struct_sheet_range.beg_auth_seq_id 
_struct_sheet_range.end_auth_comp_id 
_struct_sheet_range.end_auth_asym_id 
_struct_sheet_range.end_auth_seq_id 
A 1 THR A 43 ? ARG A 45 ? THR A 43 ARG A 45 
A 2 THR A 51 ? TYR A 53 ? THR A 51 TYR A 53 
A 3 ILE A 58 ? ASN A 59 ? ILE A 58 ASN A 59 
# 
loop_
_pdbx_struct_sheet_hbond.sheet_id 
_pdbx_struct_sheet_hbond.range_id_1 
_pdbx_struct_sheet_hbond.range_id_2 
_pdbx_struct_sheet_hbond.range_1_label_atom_id 
_pdbx_struct_sheet_hbond.range_1_label_comp_id 
_pdbx_struct_sheet_hbond.range_1_label_asym_id 
_pdbx_struct_sheet_hbond.range_1_label_seq_id 
_pdbx_struct_sheet_hbond.range_1_PDB_ins_code 
_pdbx_struct_sheet_hbond.range_1_auth_atom_id 
_pdbx_struct_sheet_hbond.range_1_auth_comp_id 
_pdbx_struct_sheet_hbond.range_1_auth_asym_id 
_pdbx_struct_sheet_hbond.range_1_auth_seq_id 
_pdbx_struct_sheet_hbond.range_2_label_atom_id 
_pdbx_struct_sheet_hbond.range_2_label_comp_id 
_pdbx_struct_sheet_hbond.range_2_label_asym_id 
_pdbx_struct_sheet_hbond.range_2_label_seq_id 
_pdbx_struct_sheet_hbond.range_2_PDB_ins_code 
_pdbx_struct_sheet_hbond.range_2_auth_atom_id 
_pdbx_struct_sheet_hbond.range_2_auth_comp_id 
_pdbx_struct_sheet_hbond.range_2_auth_asym_id 
_pdbx_struct_sheet_hbond.range_2_auth_seq_id 
A 1 2 N ASN A 44 ? N ASN A 44 O ASP A 52 ? O ASP A 52 
A 2 3 N TYR A 53 ? N TYR A 53 O ILE A 58 ? O ILE A 58 
# 
loop_
_struct_site.id 
_struct_site.pdbx_evidence_code 
_struct_site.pdbx_auth_asym_id 
_struct_site.pdbx_auth_comp_id 
_struct_site.pdbx_auth_seq_id 
_struct_site.pdbx_auth_ins_code 
_struct_site.pdbx_num_residues 
_struct_site.details 
AC1 Software A NA  131 ? 6 'BINDING SITE FOR RESIDUE NA A 131'  
AC2 Software A CL  132 ? 3 'BINDING SITE FOR RESIDUE CL A 132'  
AC3 Software A CL  133 ? 6 'BINDING SITE FOR RESIDUE CL A 133'  
AC4 Software A CL  135 ? 5 'BINDING SITE FOR RESIDUE CL A 135'  
AC5 Software A HDZ 130 ? 6 'BINDING SITE FOR RESIDUE HDZ A 130' 
# 
loop_
_struct_site_gen.id 
_struct_site_gen.site_id 
_struct_site_gen.pdbx_num_res 
_struct_site_gen.label_comp_id 
_struct_site_gen.label_asym_id 
_struct_site_gen.label_seq_id 
_struct_site_gen.pdbx_auth_ins_code 
_struct_site_gen.auth_comp_id 
_struct_site_gen.auth_asym_id 
_struct_site_gen.auth_seq_id 
_struct_site_gen.label_atom_id 
_struct_site_gen.label_alt_id 
_struct_site_gen.symmetry 
_struct_site_gen.details 
1  AC1 6 SER A 60 ? SER A 60  . ? 1_555 ? 
2  AC1 6 CYS A 64 ? CYS A 64  . ? 1_555 ? 
3  AC1 6 SER A 72 ? SER A 72  . ? 1_555 ? 
4  AC1 6 ARG A 73 ? ARG A 73  . ? 1_555 ? 
5  AC1 6 HOH H .  ? HOH A 141 . ? 1_555 ? 
6  AC1 6 HOH H .  ? HOH A 142 . ? 1_555 ? 
7  AC2 3 ASN A 59 ? ASN A 59  . ? 1_555 ? 
8  AC2 3 TRP A 62 ? TRP A 62  . ? 1_555 ? 
9  AC2 3 TRP A 63 ? TRP A 63  . ? 1_555 ? 
10 AC3 6 ARG A 21 ? ARG A 21  . ? 1_555 ? 
11 AC3 6 GLY A 22 ? GLY A 22  . ? 1_555 ? 
12 AC3 6 ASN A 65 ? ASN A 65  . ? 1_556 ? 
13 AC3 6 CYS A 80 ? CYS A 80  . ? 1_556 ? 
14 AC3 6 SER A 81 ? SER A 81  . ? 1_556 ? 
15 AC3 6 HOH H .  ? HOH A 320 . ? 1_455 ? 
16 AC4 5 ASN A 65 ? ASN A 65  . ? 1_555 ? 
17 AC4 5 GLY A 67 ? GLY A 67  . ? 1_555 ? 
18 AC4 5 ARG A 68 ? ARG A 68  . ? 1_555 ? 
19 AC4 5 THR A 69 ? THR A 69  . ? 1_555 ? 
20 AC4 5 HOH H .  ? HOH A 141 . ? 1_555 ? 
21 AC5 6 ARG A 14 ? ARG A 14  . ? 1_555 ? 
22 AC5 6 HIS A 15 ? HIS A 15  . ? 1_555 ? 
23 AC5 6 ASP A 87 ? ASP A 87  . ? 1_555 ? 
24 AC5 6 ILE A 88 ? ILE A 88  . ? 1_555 ? 
25 AC5 6 HOH H .  ? HOH A 231 . ? 1_555 ? 
26 AC5 6 HOH H .  ? HOH A 277 . ? 1_555 ? 
# 
_pdbx_entry_details.entry_id                   2Z18 
_pdbx_entry_details.compound_details           ? 
_pdbx_entry_details.source_details             ? 
_pdbx_entry_details.nonpolymer_details         ? 
_pdbx_entry_details.sequence_details           ? 
_pdbx_entry_details.has_ligand_of_interest     ? 
_pdbx_entry_details.has_protein_modification   Y 
# 
loop_
_pdbx_validate_rmsd_angle.id 
_pdbx_validate_rmsd_angle.PDB_model_num 
_pdbx_validate_rmsd_angle.auth_atom_id_1 
_pdbx_validate_rmsd_angle.auth_asym_id_1 
_pdbx_validate_rmsd_angle.auth_comp_id_1 
_pdbx_validate_rmsd_angle.auth_seq_id_1 
_pdbx_validate_rmsd_angle.PDB_ins_code_1 
_pdbx_validate_rmsd_angle.label_alt_id_1 
_pdbx_validate_rmsd_angle.auth_atom_id_2 
_pdbx_validate_rmsd_angle.auth_asym_id_2 
_pdbx_validate_rmsd_angle.auth_comp_id_2 
_pdbx_validate_rmsd_angle.auth_seq_id_2 
_pdbx_validate_rmsd_angle.PDB_ins_code_2 
_pdbx_validate_rmsd_angle.label_alt_id_2 
_pdbx_validate_rmsd_angle.auth_atom_id_3 
_pdbx_validate_rmsd_angle.auth_asym_id_3 
_pdbx_validate_rmsd_angle.auth_comp_id_3 
_pdbx_validate_rmsd_angle.auth_seq_id_3 
_pdbx_validate_rmsd_angle.PDB_ins_code_3 
_pdbx_validate_rmsd_angle.label_alt_id_3 
_pdbx_validate_rmsd_angle.angle_value 
_pdbx_validate_rmsd_angle.angle_target_value 
_pdbx_validate_rmsd_angle.angle_deviation 
_pdbx_validate_rmsd_angle.angle_standard_deviation 
_pdbx_validate_rmsd_angle.linker_flag 
1 1 CB A PHE 3   ? ? CG A PHE 3   ? ? CD1 A PHE 3   ? ? 125.38 120.80 4.58  0.70 N 
2 1 NE A ARG 5   ? ? CZ A ARG 5   ? ? NH2 A ARG 5   ? ? 115.49 120.30 -4.81 0.50 N 
3 1 CB A ASP 18  ? ? CG A ASP 18  ? ? OD1 A ASP 18  ? ? 126.12 118.30 7.82  0.90 N 
4 1 NE A ARG 21  ? ? CZ A ARG 21  ? ? NH1 A ARG 21  ? ? 123.47 120.30 3.17  0.50 N 
5 1 CB A PHE 38  ? ? CG A PHE 38  ? ? CD1 A PHE 38  ? ? 127.77 120.80 6.97  0.70 N 
6 1 CG A ARG 112 ? ? CD A ARG 112 ? ? NE  A ARG 112 ? ? 124.85 111.80 13.05 2.10 N 
7 1 NE A ARG 128 ? ? CZ A ARG 128 ? ? NH1 A ARG 128 ? ? 123.49 120.30 3.19  0.50 N 
8 1 NE A ARG 128 ? ? CZ A ARG 128 ? ? NH2 A ARG 128 ? ? 115.99 120.30 -4.31 0.50 N 
# 
_pdbx_validate_torsion.id              1 
_pdbx_validate_torsion.PDB_model_num   1 
_pdbx_validate_torsion.auth_comp_id    ASN 
_pdbx_validate_torsion.auth_asym_id    A 
_pdbx_validate_torsion.auth_seq_id     19 
_pdbx_validate_torsion.PDB_ins_code    ? 
_pdbx_validate_torsion.label_alt_id    ? 
_pdbx_validate_torsion.phi             81.78 
_pdbx_validate_torsion.psi             7.81 
# 
loop_
_chem_comp_atom.comp_id 
_chem_comp_atom.atom_id 
_chem_comp_atom.type_symbol 
_chem_comp_atom.pdbx_aromatic_flag 
_chem_comp_atom.pdbx_stereo_config 
_chem_comp_atom.pdbx_ordinal 
ALA N    N  N N 1   
ALA CA   C  N S 2   
ALA C    C  N N 3   
ALA O    O  N N 4   
ALA CB   C  N N 5   
ALA OXT  O  N N 6   
ALA H    H  N N 7   
ALA H2   H  N N 8   
ALA HA   H  N N 9   
ALA HB1  H  N N 10  
ALA HB2  H  N N 11  
ALA HB3  H  N N 12  
ALA HXT  H  N N 13  
ARG N    N  N N 14  
ARG CA   C  N S 15  
ARG C    C  N N 16  
ARG O    O  N N 17  
ARG CB   C  N N 18  
ARG CG   C  N N 19  
ARG CD   C  N N 20  
ARG NE   N  N N 21  
ARG CZ   C  N N 22  
ARG NH1  N  N N 23  
ARG NH2  N  N N 24  
ARG OXT  O  N N 25  
ARG H    H  N N 26  
ARG H2   H  N N 27  
ARG HA   H  N N 28  
ARG HB2  H  N N 29  
ARG HB3  H  N N 30  
ARG HG2  H  N N 31  
ARG HG3  H  N N 32  
ARG HD2  H  N N 33  
ARG HD3  H  N N 34  
ARG HE   H  N N 35  
ARG HH11 H  N N 36  
ARG HH12 H  N N 37  
ARG HH21 H  N N 38  
ARG HH22 H  N N 39  
ARG HXT  H  N N 40  
ASN N    N  N N 41  
ASN CA   C  N S 42  
ASN C    C  N N 43  
ASN O    O  N N 44  
ASN CB   C  N N 45  
ASN CG   C  N N 46  
ASN OD1  O  N N 47  
ASN ND2  N  N N 48  
ASN OXT  O  N N 49  
ASN H    H  N N 50  
ASN H2   H  N N 51  
ASN HA   H  N N 52  
ASN HB2  H  N N 53  
ASN HB3  H  N N 54  
ASN HD21 H  N N 55  
ASN HD22 H  N N 56  
ASN HXT  H  N N 57  
ASP N    N  N N 58  
ASP CA   C  N S 59  
ASP C    C  N N 60  
ASP O    O  N N 61  
ASP CB   C  N N 62  
ASP CG   C  N N 63  
ASP OD1  O  N N 64  
ASP OD2  O  N N 65  
ASP OXT  O  N N 66  
ASP H    H  N N 67  
ASP H2   H  N N 68  
ASP HA   H  N N 69  
ASP HB2  H  N N 70  
ASP HB3  H  N N 71  
ASP HD2  H  N N 72  
ASP HXT  H  N N 73  
CL  CL   CL N N 74  
CYS N    N  N N 75  
CYS CA   C  N R 76  
CYS C    C  N N 77  
CYS O    O  N N 78  
CYS CB   C  N N 79  
CYS SG   S  N N 80  
CYS OXT  O  N N 81  
CYS H    H  N N 82  
CYS H2   H  N N 83  
CYS HA   H  N N 84  
CYS HB2  H  N N 85  
CYS HB3  H  N N 86  
CYS HG   H  N N 87  
CYS HXT  H  N N 88  
GLN N    N  N N 89  
GLN CA   C  N S 90  
GLN C    C  N N 91  
GLN O    O  N N 92  
GLN CB   C  N N 93  
GLN CG   C  N N 94  
GLN CD   C  N N 95  
GLN OE1  O  N N 96  
GLN NE2  N  N N 97  
GLN OXT  O  N N 98  
GLN H    H  N N 99  
GLN H2   H  N N 100 
GLN HA   H  N N 101 
GLN HB2  H  N N 102 
GLN HB3  H  N N 103 
GLN HG2  H  N N 104 
GLN HG3  H  N N 105 
GLN HE21 H  N N 106 
GLN HE22 H  N N 107 
GLN HXT  H  N N 108 
GLU N    N  N N 109 
GLU CA   C  N S 110 
GLU C    C  N N 111 
GLU O    O  N N 112 
GLU CB   C  N N 113 
GLU CG   C  N N 114 
GLU CD   C  N N 115 
GLU OE1  O  N N 116 
GLU OE2  O  N N 117 
GLU OXT  O  N N 118 
GLU H    H  N N 119 
GLU H2   H  N N 120 
GLU HA   H  N N 121 
GLU HB2  H  N N 122 
GLU HB3  H  N N 123 
GLU HG2  H  N N 124 
GLU HG3  H  N N 125 
GLU HE2  H  N N 126 
GLU HXT  H  N N 127 
GLY N    N  N N 128 
GLY CA   C  N N 129 
GLY C    C  N N 130 
GLY O    O  N N 131 
GLY OXT  O  N N 132 
GLY H    H  N N 133 
GLY H2   H  N N 134 
GLY HA2  H  N N 135 
GLY HA3  H  N N 136 
GLY HXT  H  N N 137 
HDZ N6A  N  N N 138 
HDZ N6B  N  N N 139 
HIS N    N  N N 140 
HIS CA   C  N S 141 
HIS C    C  N N 142 
HIS O    O  N N 143 
HIS CB   C  N N 144 
HIS CG   C  Y N 145 
HIS ND1  N  Y N 146 
HIS CD2  C  Y N 147 
HIS CE1  C  Y N 148 
HIS NE2  N  Y N 149 
HIS OXT  O  N N 150 
HIS H    H  N N 151 
HIS H2   H  N N 152 
HIS HA   H  N N 153 
HIS HB2  H  N N 154 
HIS HB3  H  N N 155 
HIS HD1  H  N N 156 
HIS HD2  H  N N 157 
HIS HE1  H  N N 158 
HIS HE2  H  N N 159 
HIS HXT  H  N N 160 
HOH O    O  N N 161 
HOH H1   H  N N 162 
HOH H2   H  N N 163 
ILE N    N  N N 164 
ILE CA   C  N S 165 
ILE C    C  N N 166 
ILE O    O  N N 167 
ILE CB   C  N S 168 
ILE CG1  C  N N 169 
ILE CG2  C  N N 170 
ILE CD1  C  N N 171 
ILE OXT  O  N N 172 
ILE H    H  N N 173 
ILE H2   H  N N 174 
ILE HA   H  N N 175 
ILE HB   H  N N 176 
ILE HG12 H  N N 177 
ILE HG13 H  N N 178 
ILE HG21 H  N N 179 
ILE HG22 H  N N 180 
ILE HG23 H  N N 181 
ILE HD11 H  N N 182 
ILE HD12 H  N N 183 
ILE HD13 H  N N 184 
ILE HXT  H  N N 185 
LEU N    N  N N 186 
LEU CA   C  N S 187 
LEU C    C  N N 188 
LEU O    O  N N 189 
LEU CB   C  N N 190 
LEU CG   C  N N 191 
LEU CD1  C  N N 192 
LEU CD2  C  N N 193 
LEU OXT  O  N N 194 
LEU H    H  N N 195 
LEU H2   H  N N 196 
LEU HA   H  N N 197 
LEU HB2  H  N N 198 
LEU HB3  H  N N 199 
LEU HG   H  N N 200 
LEU HD11 H  N N 201 
LEU HD12 H  N N 202 
LEU HD13 H  N N 203 
LEU HD21 H  N N 204 
LEU HD22 H  N N 205 
LEU HD23 H  N N 206 
LEU HXT  H  N N 207 
LYS N    N  N N 208 
LYS CA   C  N S 209 
LYS C    C  N N 210 
LYS O    O  N N 211 
LYS CB   C  N N 212 
LYS CG   C  N N 213 
LYS CD   C  N N 214 
LYS CE   C  N N 215 
LYS NZ   N  N N 216 
LYS OXT  O  N N 217 
LYS H    H  N N 218 
LYS H2   H  N N 219 
LYS HA   H  N N 220 
LYS HB2  H  N N 221 
LYS HB3  H  N N 222 
LYS HG2  H  N N 223 
LYS HG3  H  N N 224 
LYS HD2  H  N N 225 
LYS HD3  H  N N 226 
LYS HE2  H  N N 227 
LYS HE3  H  N N 228 
LYS HZ1  H  N N 229 
LYS HZ2  H  N N 230 
LYS HZ3  H  N N 231 
LYS HXT  H  N N 232 
MET N    N  N N 233 
MET CA   C  N S 234 
MET C    C  N N 235 
MET O    O  N N 236 
MET CB   C  N N 237 
MET CG   C  N N 238 
MET SD   S  N N 239 
MET CE   C  N N 240 
MET OXT  O  N N 241 
MET H    H  N N 242 
MET H2   H  N N 243 
MET HA   H  N N 244 
MET HB2  H  N N 245 
MET HB3  H  N N 246 
MET HG2  H  N N 247 
MET HG3  H  N N 248 
MET HE1  H  N N 249 
MET HE2  H  N N 250 
MET HE3  H  N N 251 
MET HXT  H  N N 252 
NA  NA   NA N N 253 
PHE N    N  N N 254 
PHE CA   C  N S 255 
PHE C    C  N N 256 
PHE O    O  N N 257 
PHE CB   C  N N 258 
PHE CG   C  Y N 259 
PHE CD1  C  Y N 260 
PHE CD2  C  Y N 261 
PHE CE1  C  Y N 262 
PHE CE2  C  Y N 263 
PHE CZ   C  Y N 264 
PHE OXT  O  N N 265 
PHE H    H  N N 266 
PHE H2   H  N N 267 
PHE HA   H  N N 268 
PHE HB2  H  N N 269 
PHE HB3  H  N N 270 
PHE HD1  H  N N 271 
PHE HD2  H  N N 272 
PHE HE1  H  N N 273 
PHE HE2  H  N N 274 
PHE HZ   H  N N 275 
PHE HXT  H  N N 276 
PRO N    N  N N 277 
PRO CA   C  N S 278 
PRO C    C  N N 279 
PRO O    O  N N 280 
PRO CB   C  N N 281 
PRO CG   C  N N 282 
PRO CD   C  N N 283 
PRO OXT  O  N N 284 
PRO H    H  N N 285 
PRO HA   H  N N 286 
PRO HB2  H  N N 287 
PRO HB3  H  N N 288 
PRO HG2  H  N N 289 
PRO HG3  H  N N 290 
PRO HD2  H  N N 291 
PRO HD3  H  N N 292 
PRO HXT  H  N N 293 
SER N    N  N N 294 
SER CA   C  N S 295 
SER C    C  N N 296 
SER O    O  N N 297 
SER CB   C  N N 298 
SER OG   O  N N 299 
SER OXT  O  N N 300 
SER H    H  N N 301 
SER H2   H  N N 302 
SER HA   H  N N 303 
SER HB2  H  N N 304 
SER HB3  H  N N 305 
SER HG   H  N N 306 
SER HXT  H  N N 307 
THR N    N  N N 308 
THR CA   C  N S 309 
THR C    C  N N 310 
THR O    O  N N 311 
THR CB   C  N R 312 
THR OG1  O  N N 313 
THR CG2  C  N N 314 
THR OXT  O  N N 315 
THR H    H  N N 316 
THR H2   H  N N 317 
THR HA   H  N N 318 
THR HB   H  N N 319 
THR HG1  H  N N 320 
THR HG21 H  N N 321 
THR HG22 H  N N 322 
THR HG23 H  N N 323 
THR HXT  H  N N 324 
TRP N    N  N N 325 
TRP CA   C  N S 326 
TRP C    C  N N 327 
TRP O    O  N N 328 
TRP CB   C  N N 329 
TRP CG   C  Y N 330 
TRP CD1  C  Y N 331 
TRP CD2  C  Y N 332 
TRP NE1  N  Y N 333 
TRP CE2  C  Y N 334 
TRP CE3  C  Y N 335 
TRP CZ2  C  Y N 336 
TRP CZ3  C  Y N 337 
TRP CH2  C  Y N 338 
TRP OXT  O  N N 339 
TRP H    H  N N 340 
TRP H2   H  N N 341 
TRP HA   H  N N 342 
TRP HB2  H  N N 343 
TRP HB3  H  N N 344 
TRP HD1  H  N N 345 
TRP HE1  H  N N 346 
TRP HE3  H  N N 347 
TRP HZ2  H  N N 348 
TRP HZ3  H  N N 349 
TRP HH2  H  N N 350 
TRP HXT  H  N N 351 
TYR N    N  N N 352 
TYR CA   C  N S 353 
TYR C    C  N N 354 
TYR O    O  N N 355 
TYR CB   C  N N 356 
TYR CG   C  Y N 357 
TYR CD1  C  Y N 358 
TYR CD2  C  Y N 359 
TYR CE1  C  Y N 360 
TYR CE2  C  Y N 361 
TYR CZ   C  Y N 362 
TYR OH   O  N N 363 
TYR OXT  O  N N 364 
TYR H    H  N N 365 
TYR H2   H  N N 366 
TYR HA   H  N N 367 
TYR HB2  H  N N 368 
TYR HB3  H  N N 369 
TYR HD1  H  N N 370 
TYR HD2  H  N N 371 
TYR HE1  H  N N 372 
TYR HE2  H  N N 373 
TYR HH   H  N N 374 
TYR HXT  H  N N 375 
VAL N    N  N N 376 
VAL CA   C  N S 377 
VAL C    C  N N 378 
VAL O    O  N N 379 
VAL CB   C  N N 380 
VAL CG1  C  N N 381 
VAL CG2  C  N N 382 
VAL OXT  O  N N 383 
VAL H    H  N N 384 
VAL H2   H  N N 385 
VAL HA   H  N N 386 
VAL HB   H  N N 387 
VAL HG11 H  N N 388 
VAL HG12 H  N N 389 
VAL HG13 H  N N 390 
VAL HG21 H  N N 391 
VAL HG22 H  N N 392 
VAL HG23 H  N N 393 
VAL HXT  H  N N 394 
# 
loop_
_chem_comp_bond.comp_id 
_chem_comp_bond.atom_id_1 
_chem_comp_bond.atom_id_2 
_chem_comp_bond.value_order 
_chem_comp_bond.pdbx_aromatic_flag 
_chem_comp_bond.pdbx_stereo_config 
_chem_comp_bond.pdbx_ordinal 
ALA N   CA   sing N N 1   
ALA N   H    sing N N 2   
ALA N   H2   sing N N 3   
ALA CA  C    sing N N 4   
ALA CA  CB   sing N N 5   
ALA CA  HA   sing N N 6   
ALA C   O    doub N N 7   
ALA C   OXT  sing N N 8   
ALA CB  HB1  sing N N 9   
ALA CB  HB2  sing N N 10  
ALA CB  HB3  sing N N 11  
ALA OXT HXT  sing N N 12  
ARG N   CA   sing N N 13  
ARG N   H    sing N N 14  
ARG N   H2   sing N N 15  
ARG CA  C    sing N N 16  
ARG CA  CB   sing N N 17  
ARG CA  HA   sing N N 18  
ARG C   O    doub N N 19  
ARG C   OXT  sing N N 20  
ARG CB  CG   sing N N 21  
ARG CB  HB2  sing N N 22  
ARG CB  HB3  sing N N 23  
ARG CG  CD   sing N N 24  
ARG CG  HG2  sing N N 25  
ARG CG  HG3  sing N N 26  
ARG CD  NE   sing N N 27  
ARG CD  HD2  sing N N 28  
ARG CD  HD3  sing N N 29  
ARG NE  CZ   sing N N 30  
ARG NE  HE   sing N N 31  
ARG CZ  NH1  sing N N 32  
ARG CZ  NH2  doub N N 33  
ARG NH1 HH11 sing N N 34  
ARG NH1 HH12 sing N N 35  
ARG NH2 HH21 sing N N 36  
ARG NH2 HH22 sing N N 37  
ARG OXT HXT  sing N N 38  
ASN N   CA   sing N N 39  
ASN N   H    sing N N 40  
ASN N   H2   sing N N 41  
ASN CA  C    sing N N 42  
ASN CA  CB   sing N N 43  
ASN CA  HA   sing N N 44  
ASN C   O    doub N N 45  
ASN C   OXT  sing N N 46  
ASN CB  CG   sing N N 47  
ASN CB  HB2  sing N N 48  
ASN CB  HB3  sing N N 49  
ASN CG  OD1  doub N N 50  
ASN CG  ND2  sing N N 51  
ASN ND2 HD21 sing N N 52  
ASN ND2 HD22 sing N N 53  
ASN OXT HXT  sing N N 54  
ASP N   CA   sing N N 55  
ASP N   H    sing N N 56  
ASP N   H2   sing N N 57  
ASP CA  C    sing N N 58  
ASP CA  CB   sing N N 59  
ASP CA  HA   sing N N 60  
ASP C   O    doub N N 61  
ASP C   OXT  sing N N 62  
ASP CB  CG   sing N N 63  
ASP CB  HB2  sing N N 64  
ASP CB  HB3  sing N N 65  
ASP CG  OD1  doub N N 66  
ASP CG  OD2  sing N N 67  
ASP OD2 HD2  sing N N 68  
ASP OXT HXT  sing N N 69  
CYS N   CA   sing N N 70  
CYS N   H    sing N N 71  
CYS N   H2   sing N N 72  
CYS CA  C    sing N N 73  
CYS CA  CB   sing N N 74  
CYS CA  HA   sing N N 75  
CYS C   O    doub N N 76  
CYS C   OXT  sing N N 77  
CYS CB  SG   sing N N 78  
CYS CB  HB2  sing N N 79  
CYS CB  HB3  sing N N 80  
CYS SG  HG   sing N N 81  
CYS OXT HXT  sing N N 82  
GLN N   CA   sing N N 83  
GLN N   H    sing N N 84  
GLN N   H2   sing N N 85  
GLN CA  C    sing N N 86  
GLN CA  CB   sing N N 87  
GLN CA  HA   sing N N 88  
GLN C   O    doub N N 89  
GLN C   OXT  sing N N 90  
GLN CB  CG   sing N N 91  
GLN CB  HB2  sing N N 92  
GLN CB  HB3  sing N N 93  
GLN CG  CD   sing N N 94  
GLN CG  HG2  sing N N 95  
GLN CG  HG3  sing N N 96  
GLN CD  OE1  doub N N 97  
GLN CD  NE2  sing N N 98  
GLN NE2 HE21 sing N N 99  
GLN NE2 HE22 sing N N 100 
GLN OXT HXT  sing N N 101 
GLU N   CA   sing N N 102 
GLU N   H    sing N N 103 
GLU N   H2   sing N N 104 
GLU CA  C    sing N N 105 
GLU CA  CB   sing N N 106 
GLU CA  HA   sing N N 107 
GLU C   O    doub N N 108 
GLU C   OXT  sing N N 109 
GLU CB  CG   sing N N 110 
GLU CB  HB2  sing N N 111 
GLU CB  HB3  sing N N 112 
GLU CG  CD   sing N N 113 
GLU CG  HG2  sing N N 114 
GLU CG  HG3  sing N N 115 
GLU CD  OE1  doub N N 116 
GLU CD  OE2  sing N N 117 
GLU OE2 HE2  sing N N 118 
GLU OXT HXT  sing N N 119 
GLY N   CA   sing N N 120 
GLY N   H    sing N N 121 
GLY N   H2   sing N N 122 
GLY CA  C    sing N N 123 
GLY CA  HA2  sing N N 124 
GLY CA  HA3  sing N N 125 
GLY C   O    doub N N 126 
GLY C   OXT  sing N N 127 
GLY OXT HXT  sing N N 128 
HDZ N6A N6B  trip N N 129 
HIS N   CA   sing N N 130 
HIS N   H    sing N N 131 
HIS N   H2   sing N N 132 
HIS CA  C    sing N N 133 
HIS CA  CB   sing N N 134 
HIS CA  HA   sing N N 135 
HIS C   O    doub N N 136 
HIS C   OXT  sing N N 137 
HIS CB  CG   sing N N 138 
HIS CB  HB2  sing N N 139 
HIS CB  HB3  sing N N 140 
HIS CG  ND1  sing Y N 141 
HIS CG  CD2  doub Y N 142 
HIS ND1 CE1  doub Y N 143 
HIS ND1 HD1  sing N N 144 
HIS CD2 NE2  sing Y N 145 
HIS CD2 HD2  sing N N 146 
HIS CE1 NE2  sing Y N 147 
HIS CE1 HE1  sing N N 148 
HIS NE2 HE2  sing N N 149 
HIS OXT HXT  sing N N 150 
HOH O   H1   sing N N 151 
HOH O   H2   sing N N 152 
ILE N   CA   sing N N 153 
ILE N   H    sing N N 154 
ILE N   H2   sing N N 155 
ILE CA  C    sing N N 156 
ILE CA  CB   sing N N 157 
ILE CA  HA   sing N N 158 
ILE C   O    doub N N 159 
ILE C   OXT  sing N N 160 
ILE CB  CG1  sing N N 161 
ILE CB  CG2  sing N N 162 
ILE CB  HB   sing N N 163 
ILE CG1 CD1  sing N N 164 
ILE CG1 HG12 sing N N 165 
ILE CG1 HG13 sing N N 166 
ILE CG2 HG21 sing N N 167 
ILE CG2 HG22 sing N N 168 
ILE CG2 HG23 sing N N 169 
ILE CD1 HD11 sing N N 170 
ILE CD1 HD12 sing N N 171 
ILE CD1 HD13 sing N N 172 
ILE OXT HXT  sing N N 173 
LEU N   CA   sing N N 174 
LEU N   H    sing N N 175 
LEU N   H2   sing N N 176 
LEU CA  C    sing N N 177 
LEU CA  CB   sing N N 178 
LEU CA  HA   sing N N 179 
LEU C   O    doub N N 180 
LEU C   OXT  sing N N 181 
LEU CB  CG   sing N N 182 
LEU CB  HB2  sing N N 183 
LEU CB  HB3  sing N N 184 
LEU CG  CD1  sing N N 185 
LEU CG  CD2  sing N N 186 
LEU CG  HG   sing N N 187 
LEU CD1 HD11 sing N N 188 
LEU CD1 HD12 sing N N 189 
LEU CD1 HD13 sing N N 190 
LEU CD2 HD21 sing N N 191 
LEU CD2 HD22 sing N N 192 
LEU CD2 HD23 sing N N 193 
LEU OXT HXT  sing N N 194 
LYS N   CA   sing N N 195 
LYS N   H    sing N N 196 
LYS N   H2   sing N N 197 
LYS CA  C    sing N N 198 
LYS CA  CB   sing N N 199 
LYS CA  HA   sing N N 200 
LYS C   O    doub N N 201 
LYS C   OXT  sing N N 202 
LYS CB  CG   sing N N 203 
LYS CB  HB2  sing N N 204 
LYS CB  HB3  sing N N 205 
LYS CG  CD   sing N N 206 
LYS CG  HG2  sing N N 207 
LYS CG  HG3  sing N N 208 
LYS CD  CE   sing N N 209 
LYS CD  HD2  sing N N 210 
LYS CD  HD3  sing N N 211 
LYS CE  NZ   sing N N 212 
LYS CE  HE2  sing N N 213 
LYS CE  HE3  sing N N 214 
LYS NZ  HZ1  sing N N 215 
LYS NZ  HZ2  sing N N 216 
LYS NZ  HZ3  sing N N 217 
LYS OXT HXT  sing N N 218 
MET N   CA   sing N N 219 
MET N   H    sing N N 220 
MET N   H2   sing N N 221 
MET CA  C    sing N N 222 
MET CA  CB   sing N N 223 
MET CA  HA   sing N N 224 
MET C   O    doub N N 225 
MET C   OXT  sing N N 226 
MET CB  CG   sing N N 227 
MET CB  HB2  sing N N 228 
MET CB  HB3  sing N N 229 
MET CG  SD   sing N N 230 
MET CG  HG2  sing N N 231 
MET CG  HG3  sing N N 232 
MET SD  CE   sing N N 233 
MET CE  HE1  sing N N 234 
MET CE  HE2  sing N N 235 
MET CE  HE3  sing N N 236 
MET OXT HXT  sing N N 237 
PHE N   CA   sing N N 238 
PHE N   H    sing N N 239 
PHE N   H2   sing N N 240 
PHE CA  C    sing N N 241 
PHE CA  CB   sing N N 242 
PHE CA  HA   sing N N 243 
PHE C   O    doub N N 244 
PHE C   OXT  sing N N 245 
PHE CB  CG   sing N N 246 
PHE CB  HB2  sing N N 247 
PHE CB  HB3  sing N N 248 
PHE CG  CD1  doub Y N 249 
PHE CG  CD2  sing Y N 250 
PHE CD1 CE1  sing Y N 251 
PHE CD1 HD1  sing N N 252 
PHE CD2 CE2  doub Y N 253 
PHE CD2 HD2  sing N N 254 
PHE CE1 CZ   doub Y N 255 
PHE CE1 HE1  sing N N 256 
PHE CE2 CZ   sing Y N 257 
PHE CE2 HE2  sing N N 258 
PHE CZ  HZ   sing N N 259 
PHE OXT HXT  sing N N 260 
PRO N   CA   sing N N 261 
PRO N   CD   sing N N 262 
PRO N   H    sing N N 263 
PRO CA  C    sing N N 264 
PRO CA  CB   sing N N 265 
PRO CA  HA   sing N N 266 
PRO C   O    doub N N 267 
PRO C   OXT  sing N N 268 
PRO CB  CG   sing N N 269 
PRO CB  HB2  sing N N 270 
PRO CB  HB3  sing N N 271 
PRO CG  CD   sing N N 272 
PRO CG  HG2  sing N N 273 
PRO CG  HG3  sing N N 274 
PRO CD  HD2  sing N N 275 
PRO CD  HD3  sing N N 276 
PRO OXT HXT  sing N N 277 
SER N   CA   sing N N 278 
SER N   H    sing N N 279 
SER N   H2   sing N N 280 
SER CA  C    sing N N 281 
SER CA  CB   sing N N 282 
SER CA  HA   sing N N 283 
SER C   O    doub N N 284 
SER C   OXT  sing N N 285 
SER CB  OG   sing N N 286 
SER CB  HB2  sing N N 287 
SER CB  HB3  sing N N 288 
SER OG  HG   sing N N 289 
SER OXT HXT  sing N N 290 
THR N   CA   sing N N 291 
THR N   H    sing N N 292 
THR N   H2   sing N N 293 
THR CA  C    sing N N 294 
THR CA  CB   sing N N 295 
THR CA  HA   sing N N 296 
THR C   O    doub N N 297 
THR C   OXT  sing N N 298 
THR CB  OG1  sing N N 299 
THR CB  CG2  sing N N 300 
THR CB  HB   sing N N 301 
THR OG1 HG1  sing N N 302 
THR CG2 HG21 sing N N 303 
THR CG2 HG22 sing N N 304 
THR CG2 HG23 sing N N 305 
THR OXT HXT  sing N N 306 
TRP N   CA   sing N N 307 
TRP N   H    sing N N 308 
TRP N   H2   sing N N 309 
TRP CA  C    sing N N 310 
TRP CA  CB   sing N N 311 
TRP CA  HA   sing N N 312 
TRP C   O    doub N N 313 
TRP C   OXT  sing N N 314 
TRP CB  CG   sing N N 315 
TRP CB  HB2  sing N N 316 
TRP CB  HB3  sing N N 317 
TRP CG  CD1  doub Y N 318 
TRP CG  CD2  sing Y N 319 
TRP CD1 NE1  sing Y N 320 
TRP CD1 HD1  sing N N 321 
TRP CD2 CE2  doub Y N 322 
TRP CD2 CE3  sing Y N 323 
TRP NE1 CE2  sing Y N 324 
TRP NE1 HE1  sing N N 325 
TRP CE2 CZ2  sing Y N 326 
TRP CE3 CZ3  doub Y N 327 
TRP CE3 HE3  sing N N 328 
TRP CZ2 CH2  doub Y N 329 
TRP CZ2 HZ2  sing N N 330 
TRP CZ3 CH2  sing Y N 331 
TRP CZ3 HZ3  sing N N 332 
TRP CH2 HH2  sing N N 333 
TRP OXT HXT  sing N N 334 
TYR N   CA   sing N N 335 
TYR N   H    sing N N 336 
TYR N   H2   sing N N 337 
TYR CA  C    sing N N 338 
TYR CA  CB   sing N N 339 
TYR CA  HA   sing N N 340 
TYR C   O    doub N N 341 
TYR C   OXT  sing N N 342 
TYR CB  CG   sing N N 343 
TYR CB  HB2  sing N N 344 
TYR CB  HB3  sing N N 345 
TYR CG  CD1  doub Y N 346 
TYR CG  CD2  sing Y N 347 
TYR CD1 CE1  sing Y N 348 
TYR CD1 HD1  sing N N 349 
TYR CD2 CE2  doub Y N 350 
TYR CD2 HD2  sing N N 351 
TYR CE1 CZ   doub Y N 352 
TYR CE1 HE1  sing N N 353 
TYR CE2 CZ   sing Y N 354 
TYR CE2 HE2  sing N N 355 
TYR CZ  OH   sing N N 356 
TYR OH  HH   sing N N 357 
TYR OXT HXT  sing N N 358 
VAL N   CA   sing N N 359 
VAL N   H    sing N N 360 
VAL N   H2   sing N N 361 
VAL CA  C    sing N N 362 
VAL CA  CB   sing N N 363 
VAL CA  HA   sing N N 364 
VAL C   O    doub N N 365 
VAL C   OXT  sing N N 366 
VAL CB  CG1  sing N N 367 
VAL CB  CG2  sing N N 368 
VAL CB  HB   sing N N 369 
VAL CG1 HG11 sing N N 370 
VAL CG1 HG12 sing N N 371 
VAL CG1 HG13 sing N N 372 
VAL CG2 HG21 sing N N 373 
VAL CG2 HG22 sing N N 374 
VAL CG2 HG23 sing N N 375 
VAL OXT HXT  sing N N 376 
# 
_pdbx_initial_refinement_model.id               1 
_pdbx_initial_refinement_model.entity_id_list   ? 
_pdbx_initial_refinement_model.type             'experimental model' 
_pdbx_initial_refinement_model.source_name      PDB 
_pdbx_initial_refinement_model.accession_code   2D4J 
_pdbx_initial_refinement_model.details          'PDB Entry 2D4J' 
# 
_atom_sites.entry_id                    2Z18 
_atom_sites.fract_transf_matrix[1][1]   0.00170382 
_atom_sites.fract_transf_matrix[1][2]   0.00759849 
_atom_sites.fract_transf_matrix[1][3]   -0.03959711 
_atom_sites.fract_transf_matrix[2][1]   0.00962800 
_atom_sites.fract_transf_matrix[2][2]   0.01308289 
_atom_sites.fract_transf_matrix[2][3]   0.00292482 
_atom_sites.fract_transf_matrix[3][1]   0.02650987 
_atom_sites.fract_transf_matrix[3][2]   -0.01620345 
_atom_sites.fract_transf_matrix[3][3]   -0.01478696 
_atom_sites.fract_transf_vector[1]      0.386679 
_atom_sites.fract_transf_vector[2]      0.304578 
_atom_sites.fract_transf_vector[3]      -0.228495 
# 
loop_
_atom_type.symbol 
C  
CL 
N  
NA 
O  
S  
# 
loop_
_atom_site.group_PDB 
_atom_site.id 
_atom_site.type_symbol 
_atom_site.label_atom_id 
_atom_site.label_alt_id 
_atom_site.label_comp_id 
_atom_site.label_asym_id 
_atom_site.label_entity_id 
_atom_site.label_seq_id 
_atom_site.pdbx_PDB_ins_code 
_atom_site.Cartn_x 
_atom_site.Cartn_y 
_atom_site.Cartn_z 
_atom_site.occupancy 
_atom_site.B_iso_or_equiv 
_atom_site.pdbx_formal_charge 
_atom_site.auth_seq_id 
_atom_site.auth_comp_id 
_atom_site.auth_asym_id 
_atom_site.auth_atom_id 
_atom_site.pdbx_PDB_model_num 
ATOM   1    N  N   . LYS A 1 1   ? -2.152  13.991  2.803   1.00 13.11 ? 1   LYS A N   1 
ATOM   2    C  CA  . LYS A 1 1   ? -0.756  14.359  2.737   1.00 10.93 ? 1   LYS A CA  1 
ATOM   3    C  C   . LYS A 1 1   ? -0.136  13.785  1.464   1.00 9.19  ? 1   LYS A C   1 
ATOM   4    O  O   . LYS A 1 1   ? -0.348  12.612  1.089   1.00 12.47 ? 1   LYS A O   1 
ATOM   5    C  CB  . LYS A 1 1   ? 0.039   13.898  3.953   1.00 17.36 ? 1   LYS A CB  1 
ATOM   6    C  CG  . LYS A 1 1   ? 1.552   13.899  3.774   1.00 15.58 ? 1   LYS A CG  1 
ATOM   7    C  CD  . LYS A 1 1   ? 2.221   13.622  5.118   1.00 14.83 ? 1   LYS A CD  1 
ATOM   8    C  CE  . LYS A 1 1   ? 3.709   13.386  4.875   1.00 11.66 ? 1   LYS A CE  1 
ATOM   9    N  NZ  . LYS A 1 1   ? 4.447   13.385  6.162   1.00 12.96 ? 1   LYS A NZ  1 
ATOM   10   N  N   . VAL A 1 2   ? 0.638   14.621  0.789   1.00 8.68  ? 2   VAL A N   1 
ATOM   11   C  CA  . VAL A 1 2   ? 1.454   14.148  -0.291  1.00 9.29  ? 2   VAL A CA  1 
ATOM   12   C  C   . VAL A 1 2   ? 2.915   13.967  0.121   1.00 11.49 ? 2   VAL A C   1 
ATOM   13   O  O   . VAL A 1 2   ? 3.599   14.959  0.400   1.00 19.13 ? 2   VAL A O   1 
ATOM   14   C  CB  . VAL A 1 2   ? 1.366   15.114  -1.481  1.00 12.73 ? 2   VAL A CB  1 
ATOM   15   C  CG1 . VAL A 1 2   ? 2.195   14.589  -2.628  1.00 12.41 ? 2   VAL A CG1 1 
ATOM   16   C  CG2 . VAL A 1 2   ? -0.086  15.256  -1.894  1.00 11.49 ? 2   VAL A CG2 1 
ATOM   17   N  N   . PHE A 1 3   ? 3.422   12.729  0.152   1.00 5.63  ? 3   PHE A N   1 
ATOM   18   C  CA  . PHE A 1 3   ? 4.779   12.420  0.562   1.00 5.56  ? 3   PHE A CA  1 
ATOM   19   C  C   . PHE A 1 3   ? 5.785   12.611  -0.575  1.00 7.04  ? 3   PHE A C   1 
ATOM   20   O  O   . PHE A 1 3   ? 5.449   12.522  -1.746  1.00 8.40  ? 3   PHE A O   1 
ATOM   21   C  CB  . PHE A 1 3   ? 4.946   10.940  0.916   1.00 6.55  ? 3   PHE A CB  1 
ATOM   22   C  CG  . PHE A 1 3   ? 4.544   10.548  2.316   1.00 5.97  ? 3   PHE A CG  1 
ATOM   23   C  CD1 . PHE A 1 3   ? 3.256   10.279  2.732   1.00 7.25  ? 3   PHE A CD1 1 
ATOM   24   C  CD2 . PHE A 1 3   ? 5.528   10.424  3.279   1.00 6.43  ? 3   PHE A CD2 1 
ATOM   25   C  CE1 . PHE A 1 3   ? 2.954   9.878   4.031   1.00 7.96  ? 3   PHE A CE1 1 
ATOM   26   C  CE2 . PHE A 1 3   ? 5.254   10.050  4.571   1.00 7.57  ? 3   PHE A CE2 1 
ATOM   27   C  CZ  . PHE A 1 3   ? 3.977   9.767   4.964   1.00 7.22  ? 3   PHE A CZ  1 
ATOM   28   N  N   . GLY A 1 4   ? 7.030   12.833  -0.218  1.00 8.31  ? 4   GLY A N   1 
ATOM   29   C  CA  . GLY A 1 4   ? 8.125   12.658  -1.173  1.00 8.07  ? 4   GLY A CA  1 
ATOM   30   C  C   . GLY A 1 4   ? 8.631   11.214  -1.131  1.00 6.84  ? 4   GLY A C   1 
ATOM   31   O  O   . GLY A 1 4   ? 8.391   10.446  -0.183  1.00 6.45  ? 4   GLY A O   1 
ATOM   32   N  N   . ARG A 1 5   ? 9.360   10.816  -2.173  1.00 5.40  ? 5   ARG A N   1 
ATOM   33   C  CA  . ARG A 1 5   ? 9.863   9.449   -2.295  1.00 5.68  ? 5   ARG A CA  1 
ATOM   34   C  C   . ARG A 1 5   ? 10.677  9.007   -1.086  1.00 3.65  ? 5   ARG A C   1 
ATOM   35   O  O   . ARG A 1 5   ? 10.370  8.004   -0.437  1.00 5.44  ? 5   ARG A O   1 
ATOM   36   C  CB  . ARG A 1 5   ? 10.685  9.397   -3.579  1.00 5.64  ? 5   ARG A CB  1 
ATOM   37   C  CG  . ARG A 1 5   ? 11.413  8.082   -3.778  1.00 6.78  ? 5   ARG A CG  1 
ATOM   38   C  CD  . ARG A 1 5   ? 12.119  7.970   -5.095  1.00 5.29  ? 5   ARG A CD  1 
ATOM   39   N  NE  . ARG A 1 5   ? 13.126  8.975   -5.364  1.00 6.30  ? 5   ARG A NE  1 
ATOM   40   C  CZ  . ARG A 1 5   ? 14.369  8.861   -4.865  1.00 6.84  ? 5   ARG A CZ  1 
ATOM   41   N  NH1 . ARG A 1 5   ? 14.726  7.817   -4.137  1.00 6.72  ? 5   ARG A NH1 1 
ATOM   42   N  NH2 . ARG A 1 5   ? 15.220  9.841   -5.206  1.00 10.31 ? 5   ARG A NH2 1 
ATOM   43   N  N   . CYS A 1 6   ? 11.712  9.772   -0.724  1.00 5.42  ? 6   CYS A N   1 
ATOM   44   C  CA  . CYS A 1 6   ? 12.564  9.381   0.393   1.00 6.39  ? 6   CYS A CA  1 
ATOM   45   C  C   . CYS A 1 6   ? 11.864  9.549   1.734   1.00 4.72  ? 6   CYS A C   1 
ATOM   46   O  O   . CYS A 1 6   ? 12.143  8.813   2.687   1.00 5.87  ? 6   CYS A O   1 
ATOM   47   C  CB  . CYS A 1 6   ? 13.900  10.159  0.408   1.00 5.47  ? 6   CYS A CB  1 
ATOM   48   S  SG  . CYS A 1 6   ? 14.952  9.689   -0.991  1.00 6.10  ? 6   CYS A SG  1 
ATOM   49   N  N   . GLU A 1 7   ? 10.985  10.538  1.871   1.00 5.69  ? 7   GLU A N   1 
ATOM   50   C  CA  . GLU A 1 7   ? 10.219  10.720  3.079   1.00 5.19  ? 7   GLU A CA  1 
ATOM   51   C  C   . GLU A 1 7   ? 9.354   9.484   3.351   1.00 5.48  ? 7   GLU A C   1 
ATOM   52   O  O   . GLU A 1 7   ? 9.235   8.945   4.446   1.00 5.99  ? 7   GLU A O   1 
ATOM   53   C  CB  . GLU A 1 7   ? 9.356   11.964  2.891   1.00 6.90  ? 7   GLU A CB  1 
ATOM   54   C  CG  . GLU A 1 7   ? 8.498   12.345  4.082   1.00 8.47  ? 7   GLU A CG  1 
ATOM   55   C  CD  . GLU A 1 7   ? 7.448   13.392  3.724   1.00 5.78  ? 7   GLU A CD  1 
ATOM   56   O  OE1 . GLU A 1 7   ? 7.181   13.690  2.565   1.00 9.22  ? 7   GLU A OE1 1 
ATOM   57   O  OE2 . GLU A 1 7   ? 6.921   13.948  4.736   1.00 13.67 ? 7   GLU A OE2 1 
ATOM   58   N  N   . LEU A 1 8   ? 8.700   8.966   2.295   1.00 4.90  ? 8   LEU A N   1 
ATOM   59   C  CA  . LEU A 1 8   ? 7.867   7.788   2.443   1.00 4.46  ? 8   LEU A CA  1 
ATOM   60   C  C   . LEU A 1 8   ? 8.765   6.570   2.718   1.00 4.59  ? 8   LEU A C   1 
ATOM   61   O  O   . LEU A 1 8   ? 8.435   5.723   3.548   1.00 5.64  ? 8   LEU A O   1 
ATOM   62   C  CB  . LEU A 1 8   ? 7.032   7.589   1.195   1.00 6.11  ? 8   LEU A CB  1 
ATOM   63   C  CG  . LEU A 1 8   ? 6.123   6.350   1.298   1.00 4.83  ? 8   LEU A CG  1 
ATOM   64   C  CD1 . LEU A 1 8   ? 5.146   6.438   2.456   1.00 7.84  ? 8   LEU A CD1 1 
ATOM   65   C  CD2 . LEU A 1 8   ? 5.422   6.121   -0.042  1.00 10.42 ? 8   LEU A CD2 1 
ATOM   66   N  N   . ALA A 1 9   ? 9.896   6.483   2.034   1.00 4.76  ? 9   ALA A N   1 
ATOM   67   C  CA  . ALA A 1 9   ? 10.823  5.361   2.237   1.00 4.38  ? 9   ALA A CA  1 
ATOM   68   C  C   . ALA A 1 9   ? 11.248  5.298   3.704   1.00 4.62  ? 9   ALA A C   1 
ATOM   69   O  O   . ALA A 1 9   ? 11.262  4.208   4.295   1.00 5.18  ? 9   ALA A O   1 
ATOM   70   C  CB  . ALA A 1 9   ? 12.031  5.423   1.333   1.00 6.03  ? 9   ALA A CB  1 
ATOM   71   N  N   . ALA A 1 10  ? 11.522  6.438   4.329   1.00 5.11  ? 10  ALA A N   1 
ATOM   72   C  CA  . ALA A 1 10  ? 11.911  6.500   5.725   1.00 6.74  ? 10  ALA A CA  1 
ATOM   73   C  C   . ALA A 1 10  ? 10.803  5.989   6.615   1.00 4.95  ? 10  ALA A C   1 
ATOM   74   O  O   . ALA A 1 10  ? 11.079  5.212   7.532   1.00 5.73  ? 10  ALA A O   1 
ATOM   75   C  CB  . ALA A 1 10  ? 12.287  7.926   6.101   1.00 6.59  ? 10  ALA A CB  1 
ATOM   76   N  N   . ALA A 1 11  ? 9.598   6.419   6.374   1.00 4.67  ? 11  ALA A N   1 
ATOM   77   C  CA  . ALA A 1 11  ? 8.483   5.956   7.180   1.00 6.29  ? 11  ALA A CA  1 
ATOM   78   C  C   . ALA A 1 11  ? 8.231   4.460   7.035   1.00 5.47  ? 11  ALA A C   1 
ATOM   79   O  O   . ALA A 1 11  ? 7.913   3.733   7.967   1.00 6.22  ? 11  ALA A O   1 
ATOM   80   C  CB  . ALA A 1 11  ? 7.216   6.758   6.862   1.00 6.38  ? 11  ALA A CB  1 
ATOM   81   N  N   . MET A 1 12  ? 8.332   3.974   5.786   1.00 4.94  ? 12  MET A N   1 
ATOM   82   C  CA  . MET A 1 12  ? 8.117   2.558   5.530   1.00 3.99  ? 12  MET A CA  1 
ATOM   83   C  C   . MET A 1 12  ? 9.180   1.742   6.216   1.00 4.54  ? 12  MET A C   1 
ATOM   84   O  O   . MET A 1 12  ? 8.933   0.625   6.725   1.00 6.73  ? 12  MET A O   1 
ATOM   85   C  CB  . MET A 1 12  ? 8.075   2.275   4.021   1.00 5.15  ? 12  MET A CB  1 
ATOM   86   C  CG  . MET A 1 12  ? 6.775   2.792   3.392   1.00 5.05  ? 12  MET A CG  1 
ATOM   87   S  SD  . MET A 1 12  ? 6.788   2.419   1.610   1.00 5.12  ? 12  MET A SD  1 
ATOM   88   C  CE  . MET A 1 12  ? 4.990   2.269   1.351   1.00 7.46  ? 12  MET A CE  1 
ATOM   89   N  N   . LYS A 1 13  ? 10.421  2.211   6.227   1.00 5.13  ? 13  LYS A N   1 
ATOM   90   C  CA  . LYS A 1 13  ? 11.515  1.510   6.913   1.00 6.98  ? 13  LYS A CA  1 
ATOM   91   C  C   . LYS A 1 13  ? 11.249  1.464   8.407   1.00 7.37  ? 13  LYS A C   1 
ATOM   92   O  O   . LYS A 1 13  ? 11.412  0.424   9.065   1.00 7.94  ? 13  LYS A O   1 
ATOM   93   C  CB  . LYS A 1 13  ? 12.838  2.222   6.672   1.00 7.11  ? 13  LYS A CB  1 
ATOM   94   C  CG  . LYS A 1 13  ? 14.028  1.520   7.322   1.00 12.43 ? 13  LYS A CG  1 
ATOM   95   C  CD  . LYS A 1 13  ? 15.337  2.042   6.737   1.00 16.90 ? 13  LYS A CD  1 
ATOM   96   C  CE  . LYS A 1 13  ? 16.542  1.285   7.265   1.00 33.99 ? 13  LYS A CE  1 
ATOM   97   N  NZ  . LYS A 1 13  ? 17.453  2.202   8.017   1.00 27.85 ? 13  LYS A NZ  1 
ATOM   98   N  N   . ARG A 1 14  ? 10.824  2.609   8.966   1.00 6.24  ? 14  ARG A N   1 
ATOM   99   C  CA  . ARG A 1 14  ? 10.491  2.679   10.388  1.00 8.30  ? 14  ARG A CA  1 
ATOM   100  C  C   . ARG A 1 14  ? 9.445   1.658   10.780  1.00 8.95  ? 14  ARG A C   1 
ATOM   101  O  O   . ARG A 1 14  ? 9.434   1.115   11.901  1.00 9.34  ? 14  ARG A O   1 
ATOM   102  C  CB  . ARG A 1 14  ? 9.978   4.077   10.756  1.00 10.98 ? 14  ARG A CB  1 
ATOM   103  C  CG  . ARG A 1 14  ? 11.008  5.163   10.981  1.00 18.58 ? 14  ARG A CG  1 
ATOM   104  C  CD  . ARG A 1 14  ? 10.328  6.485   11.303  1.00 25.77 ? 14  ARG A CD  1 
ATOM   105  N  NE  . ARG A 1 14  ? 9.228   6.288   12.235  1.00 25.55 ? 14  ARG A NE  1 
ATOM   106  C  CZ  . ARG A 1 14  ? 7.952   6.614   12.104  1.00 19.11 ? 14  ARG A CZ  1 
ATOM   107  N  NH1 . ARG A 1 14  ? 7.467   7.212   11.026  1.00 26.32 ? 14  ARG A NH1 1 
ATOM   108  N  NH2 . ARG A 1 14  ? 7.129   6.327   13.109  1.00 41.07 ? 14  ARG A NH2 1 
ATOM   109  N  N   . HIS A 1 15  ? 8.492   1.374   9.905   1.00 8.36  ? 15  HIS A N   1 
ATOM   110  C  CA  . HIS A 1 15  ? 7.397   0.448   10.144  1.00 7.42  ? 15  HIS A CA  1 
ATOM   111  C  C   . HIS A 1 15  ? 7.741   -0.954  9.690   1.00 10.13 ? 15  HIS A C   1 
ATOM   112  O  O   . HIS A 1 15  ? 6.890   -1.842  9.622   1.00 12.70 ? 15  HIS A O   1 
ATOM   113  C  CB  . HIS A 1 15  ? 6.157   0.988   9.426   1.00 10.09 ? 15  HIS A CB  1 
ATOM   114  C  CG  . HIS A 1 15  ? 5.556   2.209   10.025  1.00 7.48  ? 15  HIS A CG  1 
ATOM   115  N  ND1 . HIS A 1 15  ? 4.590   2.151   11.006  1.00 22.37 ? 15  HIS A ND1 1 
ATOM   116  C  CD2 . HIS A 1 15  ? 5.763   3.528   9.817   1.00 12.05 ? 15  HIS A CD2 1 
ATOM   117  C  CE1 . HIS A 1 15  ? 4.258   3.374   11.347  1.00 15.42 ? 15  HIS A CE1 1 
ATOM   118  N  NE2 . HIS A 1 15  ? 4.941   4.247   10.645  1.00 12.90 ? 15  HIS A NE2 1 
ATOM   119  N  N   . GLY A 1 16  ? 8.997   -1.213  9.364   1.00 9.00  ? 16  GLY A N   1 
ATOM   120  C  CA  . GLY A 1 16  ? 9.521   -2.544  9.170   1.00 9.49  ? 16  GLY A CA  1 
ATOM   121  C  C   . GLY A 1 16  ? 9.299   -3.212  7.844   1.00 7.93  ? 16  GLY A C   1 
ATOM   122  O  O   . GLY A 1 16  ? 9.322   -4.453  7.745   1.00 9.41  ? 16  GLY A O   1 
ATOM   123  N  N   . LEU A 1 17  ? 9.063   -2.440  6.767   1.00 6.91  ? 17  LEU A N   1 
ATOM   124  C  CA  . LEU A 1 17  ? 8.827   -3.065  5.448   1.00 5.24  ? 17  LEU A CA  1 
ATOM   125  C  C   . LEU A 1 17  ? 10.104  -3.471  4.742   1.00 6.04  ? 17  LEU A C   1 
ATOM   126  O  O   . LEU A 1 17  ? 9.975   -4.238  3.749   1.00 6.59  ? 17  LEU A O   1 
ATOM   127  C  CB  . LEU A 1 17  ? 7.980   -2.165  4.534   1.00 5.28  ? 17  LEU A CB  1 
ATOM   128  C  CG  . LEU A 1 17  ? 6.491   -2.043  4.933   1.00 7.77  ? 17  LEU A CG  1 
ATOM   129  C  CD1 . LEU A 1 17  ? 5.825   -1.014  4.050   1.00 6.40  ? 17  LEU A CD1 1 
ATOM   130  C  CD2 . LEU A 1 17  ? 5.808   -3.396  4.848   1.00 10.01 ? 17  LEU A CD2 1 
ATOM   131  N  N   . ASP A 1 18  ? 11.313  -3.060  5.117   1.00 7.12  ? 18  ASP A N   1 
ATOM   132  C  CA  . ASP A 1 18  ? 12.493  -3.439  4.358   1.00 7.45  ? 18  ASP A CA  1 
ATOM   133  C  C   . ASP A 1 18  ? 12.753  -4.931  4.502   1.00 5.29  ? 18  ASP A C   1 
ATOM   134  O  O   . ASP A 1 18  ? 13.162  -5.417  5.583   1.00 10.15 ? 18  ASP A O   1 
ATOM   135  C  CB  . ASP A 1 18  ? 13.763  -2.691  4.766   1.00 7.96  ? 18  ASP A CB  1 
ATOM   136  C  CG  . ASP A 1 18  ? 14.893  -2.787  3.753   1.00 9.12  ? 18  ASP A CG  1 
ATOM   137  O  OD1 . ASP A 1 18  ? 14.810  -3.259  2.607   1.00 8.08  ? 18  ASP A OD1 1 
ATOM   138  O  OD2 . ASP A 1 18  ? 16.001  -2.311  4.143   1.00 16.68 ? 18  ASP A OD2 1 
ATOM   139  N  N   . ASN A 1 19  ? 12.550  -5.687  3.458   1.00 6.08  ? 19  ASN A N   1 
ATOM   140  C  CA  . ASN A 1 19  ? 12.755  -7.113  3.324   1.00 4.50  ? 19  ASN A CA  1 
ATOM   141  C  C   . ASN A 1 19  ? 11.573  -7.897  3.892   1.00 6.71  ? 19  ASN A C   1 
ATOM   142  O  O   . ASN A 1 19  ? 11.691  -9.137  3.970   1.00 7.63  ? 19  ASN A O   1 
ATOM   143  C  CB  . ASN A 1 19  ? 14.086  -7.602  3.923   1.00 7.22  ? 19  ASN A CB  1 
ATOM   144  C  CG  . ASN A 1 19  ? 15.286  -7.039  3.210   1.00 8.68  ? 19  ASN A CG  1 
ATOM   145  O  OD1 . ASN A 1 19  ? 15.321  -6.755  2.010   1.00 10.57 ? 19  ASN A OD1 1 
ATOM   146  N  ND2 . ASN A 1 19  ? 16.404  -6.913  3.933   1.00 15.05 ? 19  ASN A ND2 1 
ATOM   147  N  N   . TYR A 1 20  ? 10.496  -7.230  4.264   1.00 5.64  ? 20  TYR A N   1 
ATOM   148  C  CA  . TYR A 1 20  ? 9.325   -7.960  4.754   1.00 6.41  ? 20  TYR A CA  1 
ATOM   149  C  C   . TYR A 1 20  ? 8.841   -8.982  3.740   1.00 3.79  ? 20  TYR A C   1 
ATOM   150  O  O   . TYR A 1 20  ? 8.541   -8.655  2.598   1.00 4.83  ? 20  TYR A O   1 
ATOM   151  C  CB  . TYR A 1 20  ? 8.211   -6.959  5.144   1.00 5.29  ? 20  TYR A CB  1 
ATOM   152  C  CG  . TYR A 1 20  ? 6.936   -7.634  5.594   1.00 6.14  ? 20  TYR A CG  1 
ATOM   153  C  CD1 . TYR A 1 20  ? 6.769   -8.015  6.932   1.00 9.21  ? 20  TYR A CD1 1 
ATOM   154  C  CD2 . TYR A 1 20  ? 5.891   -7.936  4.733   1.00 5.94  ? 20  TYR A CD2 1 
ATOM   155  C  CE1 . TYR A 1 20  ? 5.623   -8.646  7.398   1.00 8.54  ? 20  TYR A CE1 1 
ATOM   156  C  CE2 . TYR A 1 20  ? 4.744   -8.578  5.175   1.00 7.20  ? 20  TYR A CE2 1 
ATOM   157  C  CZ  . TYR A 1 20  ? 4.632   -8.908  6.508   1.00 6.23  ? 20  TYR A CZ  1 
ATOM   158  O  OH  . TYR A 1 20  ? 3.476   -9.562  6.925   1.00 10.76 ? 20  TYR A OH  1 
ATOM   159  N  N   . ARG A 1 21  ? 8.726   -10.237 4.164   1.00 5.10  ? 21  ARG A N   1 
ATOM   160  C  CA  . ARG A 1 21  ? 8.311   -11.368 3.320   1.00 4.20  ? 21  ARG A CA  1 
ATOM   161  C  C   . ARG A 1 21  ? 9.092   -11.423 2.006   1.00 4.64  ? 21  ARG A C   1 
ATOM   162  O  O   . ARG A 1 21  ? 8.579   -11.838 0.984   1.00 5.58  ? 21  ARG A O   1 
ATOM   163  C  CB  . ARG A 1 21  ? 6.813   -11.444 3.133   1.00 5.80  ? 21  ARG A CB  1 
ATOM   164  C  CG  . ARG A 1 21  ? 6.038   -11.645 4.418   1.00 5.82  ? 21  ARG A CG  1 
ATOM   165  C  CD  . ARG A 1 21  ? 5.997   -13.063 4.971   1.00 8.11  ? 21  ARG A CD  1 
ATOM   166  N  NE  . ARG A 1 21  ? 7.235   -13.716 5.302   1.00 10.93 ? 21  ARG A NE  1 
ATOM   167  C  CZ  . ARG A 1 21  ? 7.392   -15.022 5.512   1.00 9.91  ? 21  ARG A CZ  1 
ATOM   168  N  NH1 . ARG A 1 21  ? 6.391   -15.898 5.469   1.00 12.96 ? 21  ARG A NH1 1 
ATOM   169  N  NH2 . ARG A 1 21  ? 8.617   -15.499 5.797   1.00 10.55 ? 21  ARG A NH2 1 
ATOM   170  N  N   . GLY A 1 22  ? 10.377  -11.007 2.087   1.00 6.08  ? 22  GLY A N   1 
ATOM   171  C  CA  . GLY A 1 22  ? 11.248  -11.097 0.935   1.00 6.36  ? 22  GLY A CA  1 
ATOM   172  C  C   . GLY A 1 22  ? 11.233  -9.921  0.010   1.00 4.38  ? 22  GLY A C   1 
ATOM   173  O  O   . GLY A 1 22  ? 11.855  -10.001 -1.048  1.00 6.71  ? 22  GLY A O   1 
ATOM   174  N  N   . TYR A 1 23  ? 10.585  -8.802  0.359   1.00 4.05  ? 23  TYR A N   1 
ATOM   175  C  CA  . TYR A 1 23  ? 10.424  -7.630  -0.474  1.00 3.88  ? 23  TYR A CA  1 
ATOM   176  C  C   . TYR A 1 23  ? 11.288  -6.492  0.103   1.00 3.11  ? 23  TYR A C   1 
ATOM   177  O  O   . TYR A 1 23  ? 10.909  -5.898  1.084   1.00 4.26  ? 23  TYR A O   1 
ATOM   178  C  CB  . TYR A 1 23  ? 8.971   -7.148  -0.620  1.00 4.79  ? 23  TYR A CB  1 
ATOM   179  C  CG  . TYR A 1 23  ? 8.137   -8.217  -1.340  1.00 4.36  ? 23  TYR A CG  1 
ATOM   180  C  CD1 . TYR A 1 23  ? 8.085   -8.230  -2.734  1.00 5.68  ? 23  TYR A CD1 1 
ATOM   181  C  CD2 . TYR A 1 23  ? 7.416   -9.182  -0.642  1.00 4.17  ? 23  TYR A CD2 1 
ATOM   182  C  CE1 . TYR A 1 23  ? 7.329   -9.199  -3.393  1.00 4.55  ? 23  TYR A CE1 1 
ATOM   183  C  CE2 . TYR A 1 23  ? 6.650   -10.146 -1.271  1.00 4.91  ? 23  TYR A CE2 1 
ATOM   184  C  CZ  . TYR A 1 23  ? 6.630   -10.142 -2.626  1.00 4.59  ? 23  TYR A CZ  1 
ATOM   185  O  OH  . TYR A 1 23  ? 5.887   -11.065 -3.362  1.00 5.73  ? 23  TYR A OH  1 
ATOM   186  N  N   . SER A 1 24  ? 12.416  -6.249  -0.549  1.00 4.13  ? 24  SER A N   1 
ATOM   187  C  CA  . SER A 1 24  ? 13.290  -5.111  -0.157  1.00 3.73  ? 24  SER A CA  1 
ATOM   188  C  C   . SER A 1 24  ? 12.470  -3.832  -0.272  1.00 3.85  ? 24  SER A C   1 
ATOM   189  O  O   . SER A 1 24  ? 11.478  -3.725  -1.026  1.00 3.95  ? 24  SER A O   1 
ATOM   190  C  CB  . SER A 1 24  ? 14.547  -5.082  -1.019  1.00 5.59  ? 24  SER A CB  1 
ATOM   191  O  OG  . SER A 1 24  ? 14.262  -4.762  -2.337  1.00 5.52  ? 24  SER A OG  1 
ATOM   192  N  N   . LEU A 1 25  ? 12.860  -2.825  0.496   1.00 4.60  ? 25  LEU A N   1 
ATOM   193  C  CA  . LEU A 1 25  ? 12.121  -1.588  0.703   1.00 4.54  ? 25  LEU A CA  1 
ATOM   194  C  C   . LEU A 1 25  ? 11.634  -0.922  -0.579  1.00 3.02  ? 25  LEU A C   1 
ATOM   195  O  O   . LEU A 1 25  ? 10.521  -0.371  -0.612  1.00 3.66  ? 25  LEU A O   1 
ATOM   196  C  CB  . LEU A 1 25  ? 13.016  -0.641  1.504   1.00 4.77  ? 25  LEU A CB  1 
ATOM   197  C  CG  . LEU A 1 25  ? 12.337  0.637   2.009   1.00 5.01  ? 25  LEU A CG  1 
ATOM   198  C  CD1 . LEU A 1 25  ? 11.163  0.261   2.893   1.00 6.13  ? 25  LEU A CD1 1 
ATOM   199  C  CD2 . LEU A 1 25  ? 13.317  1.568   2.731   1.00 6.41  ? 25  LEU A CD2 1 
ATOM   200  N  N   . GLY A 1 26  ? 12.465  -0.840  -1.613  1.00 3.84  ? 26  GLY A N   1 
ATOM   201  C  CA  . GLY A 1 26  ? 12.144  -0.163  -2.855  1.00 2.96  ? 26  GLY A CA  1 
ATOM   202  C  C   . GLY A 1 26  ? 10.903  -0.739  -3.488  1.00 3.02  ? 26  GLY A C   1 
ATOM   203  O  O   . GLY A 1 26  ? 10.196  -0.020  -4.213  1.00 3.96  ? 26  GLY A O   1 
ATOM   204  N  N   . ASN A 1 27  ? 10.591  -2.005  -3.267  1.00 3.18  ? 27  ASN A N   1 
ATOM   205  C  CA  . ASN A 1 27  ? 9.362   -2.590  -3.819  1.00 4.06  ? 27  ASN A CA  1 
ATOM   206  C  C   . ASN A 1 27  ? 8.132   -1.824  -3.357  1.00 2.32  ? 27  ASN A C   1 
ATOM   207  O  O   . ASN A 1 27  ? 7.205   -1.544  -4.119  1.00 4.13  ? 27  ASN A O   1 
ATOM   208  C  CB  . ASN A 1 27  ? 9.187   -4.029  -3.373  1.00 3.03  ? 27  ASN A CB  1 
ATOM   209  C  CG  . ASN A 1 27  ? 10.102  -4.971  -4.136  1.00 3.96  ? 27  ASN A CG  1 
ATOM   210  O  OD1 . ASN A 1 27  ? 9.874   -5.348  -5.282  1.00 4.95  ? 27  ASN A OD1 1 
ATOM   211  N  ND2 . ASN A 1 27  ? 11.157  -5.457  -3.453  1.00 5.34  ? 27  ASN A ND2 1 
ATOM   212  N  N   . TRP A 1 28  ? 8.125   -1.452  -2.076  1.00 3.73  ? 28  TRP A N   1 
ATOM   213  C  CA  . TRP A 1 28  ? 6.952   -0.856  -1.448  1.00 3.53  ? 28  TRP A CA  1 
ATOM   214  C  C   . TRP A 1 28  ? 6.829   0.606   -1.842  1.00 3.60  ? 28  TRP A C   1 
ATOM   215  O  O   . TRP A 1 28  ? 5.716   1.135   -2.067  1.00 4.06  ? 28  TRP A O   1 
ATOM   216  C  CB  . TRP A 1 28  ? 7.035   -0.956  0.081   1.00 4.25  ? 28  TRP A CB  1 
ATOM   217  C  CG  . TRP A 1 28  ? 7.264   -2.362  0.552   1.00 3.74  ? 28  TRP A CG  1 
ATOM   218  C  CD1 . TRP A 1 28  ? 8.463   -2.955  0.777   1.00 4.58  ? 28  TRP A CD1 1 
ATOM   219  C  CD2 . TRP A 1 28  ? 6.280   -3.377  0.868   1.00 3.24  ? 28  TRP A CD2 1 
ATOM   220  N  NE1 . TRP A 1 28  ? 8.301   -4.274  1.219   1.00 4.72  ? 28  TRP A NE1 1 
ATOM   221  C  CE2 . TRP A 1 28  ? 6.959   -4.553  1.274   1.00 4.28  ? 28  TRP A CE2 1 
ATOM   222  C  CE3 . TRP A 1 28  ? 4.891   -3.422  0.845   1.00 5.37  ? 28  TRP A CE3 1 
ATOM   223  C  CZ2 . TRP A 1 28  ? 6.286   -5.727  1.648   1.00 5.24  ? 28  TRP A CZ2 1 
ATOM   224  C  CZ3 . TRP A 1 28  ? 4.216   -4.565  1.213   1.00 5.59  ? 28  TRP A CZ3 1 
ATOM   225  C  CH2 . TRP A 1 28  ? 4.924   -5.706  1.608   1.00 6.03  ? 28  TRP A CH2 1 
ATOM   226  N  N   . VAL A 1 29  ? 7.977   1.281   -1.964  1.00 3.37  ? 29  VAL A N   1 
ATOM   227  C  CA  . VAL A 1 29  ? 8.005   2.664   -2.421  1.00 3.62  ? 29  VAL A CA  1 
ATOM   228  C  C   . VAL A 1 29  ? 7.553   2.732   -3.874  1.00 3.56  ? 29  VAL A C   1 
ATOM   229  O  O   . VAL A 1 29  ? 6.695   3.584   -4.204  1.00 4.72  ? 29  VAL A O   1 
ATOM   230  C  CB  . VAL A 1 29  ? 9.397   3.264   -2.240  1.00 3.76  ? 29  VAL A CB  1 
ATOM   231  C  CG1 . VAL A 1 29  ? 9.501   4.704   -2.760  1.00 5.35  ? 29  VAL A CG1 1 
ATOM   232  C  CG2 . VAL A 1 29  ? 9.842   3.211   -0.775  1.00 5.39  ? 29  VAL A CG2 1 
ATOM   233  N  N   . CYS A 1 30  ? 8.073   1.864   -4.754  1.00 4.24  ? 30  CYS A N   1 
ATOM   234  C  CA  . CYS A 1 30  ? 7.624   1.846   -6.134  1.00 3.88  ? 30  CYS A CA  1 
ATOM   235  C  C   . CYS A 1 30  ? 6.138   1.550   -6.245  1.00 2.96  ? 30  CYS A C   1 
ATOM   236  O  O   . CYS A 1 30  ? 5.417   2.200   -7.022  1.00 4.72  ? 30  CYS A O   1 
ATOM   237  C  CB  . CYS A 1 30  ? 8.439   0.759   -6.853  1.00 4.55  ? 30  CYS A CB  1 
ATOM   238  S  SG  . CYS A 1 30  ? 8.117   0.539   -8.604  1.00 5.07  ? 30  CYS A SG  1 
ATOM   239  N  N   . ALA A 1 31  ? 5.624   0.607   -5.453  1.00 4.10  ? 31  ALA A N   1 
ATOM   240  C  CA  . ALA A 1 31  ? 4.189   0.295   -5.527  1.00 4.53  ? 31  ALA A CA  1 
ATOM   241  C  C   . ALA A 1 31  ? 3.362   1.516   -5.164  1.00 3.17  ? 31  ALA A C   1 
ATOM   242  O  O   . ALA A 1 31  ? 2.398   1.875   -5.817  1.00 5.20  ? 31  ALA A O   1 
ATOM   243  C  CB  . ALA A 1 31  ? 3.839   -0.856  -4.586  1.00 5.22  ? 31  ALA A CB  1 
ATOM   244  N  N   . ALA A 1 32  ? 3.753   2.223   -4.079  1.00 4.55  ? 32  ALA A N   1 
ATOM   245  C  CA  . ALA A 1 32  ? 3.021   3.440   -3.689  1.00 4.08  ? 32  ALA A CA  1 
ATOM   246  C  C   . ALA A 1 32  ? 3.094   4.536   -4.741  1.00 3.21  ? 32  ALA A C   1 
ATOM   247  O  O   . ALA A 1 32  ? 2.119   5.253   -4.980  1.00 4.57  ? 32  ALA A O   1 
ATOM   248  C  CB  . ALA A 1 32  ? 3.525   4.004   -2.372  1.00 4.21  ? 32  ALA A CB  1 
ATOM   249  N  N   . LYS A 1 33  ? 4.251   4.716   -5.382  1.00 4.21  ? 33  LYS A N   1 
ATOM   250  C  CA  . LYS A 1 33  ? 4.358   5.748   -6.403  1.00 4.41  ? 33  LYS A CA  1 
ATOM   251  C  C   . LYS A 1 33  ? 3.303   5.534   -7.477  1.00 4.57  ? 33  LYS A C   1 
ATOM   252  O  O   . LYS A 1 33  ? 2.596   6.466   -7.871  1.00 4.27  ? 33  LYS A O   1 
ATOM   253  C  CB  . LYS A 1 33  ? 5.767   5.690   -7.027  1.00 4.96  ? 33  LYS A CB  1 
ATOM   254  C  CG  . LYS A 1 33  ? 5.925   6.436   -8.336  1.00 9.45  ? 33  LYS A CG  1 
ATOM   255  C  CD  . LYS A 1 33  ? 6.005   7.931   -8.058  1.00 8.67  ? 33  LYS A CD  1 
ATOM   256  C  CE  . LYS A 1 33  ? 6.096   8.577   -9.445  1.00 15.08 ? 33  LYS A CE  1 
ATOM   257  N  NZ  . LYS A 1 33  ? 5.214   9.752   -9.618  1.00 21.76 ? 33  LYS A NZ  1 
ATOM   258  N  N   . PHE A 1 34  ? 3.221   4.309   -7.996  1.00 4.45  ? 34  PHE A N   1 
ATOM   259  C  CA  . PHE A 1 34  ? 2.317   4.105   -9.142  1.00 4.46  ? 34  PHE A CA  1 
ATOM   260  C  C   . PHE A 1 34  ? 0.892   3.920   -8.691  1.00 3.94  ? 34  PHE A C   1 
ATOM   261  O  O   . PHE A 1 34  ? -0.038  4.246   -9.450  1.00 5.65  ? 34  PHE A O   1 
ATOM   262  C  CB  . PHE A 1 34  ? 2.872   2.996   -10.022 1.00 5.74  ? 34  PHE A CB  1 
ATOM   263  C  CG  . PHE A 1 34  ? 4.154   3.402   -10.706 1.00 3.78  ? 34  PHE A CG  1 
ATOM   264  C  CD1 . PHE A 1 34  ? 5.330   2.786   -10.334 1.00 5.14  ? 34  PHE A CD1 1 
ATOM   265  C  CD2 . PHE A 1 34  ? 4.173   4.367   -11.671 1.00 5.17  ? 34  PHE A CD2 1 
ATOM   266  C  CE1 . PHE A 1 34  ? 6.504   3.171   -10.982 1.00 7.72  ? 34  PHE A CE1 1 
ATOM   267  C  CE2 . PHE A 1 34  ? 5.329   4.783   -12.308 1.00 7.27  ? 34  PHE A CE2 1 
ATOM   268  C  CZ  . PHE A 1 34  ? 6.515   4.181   -11.926 1.00 8.11  ? 34  PHE A CZ  1 
ATOM   269  N  N   . GLU A 1 35  ? 0.644   3.418   -7.483  1.00 4.33  ? 35  GLU A N   1 
ATOM   270  C  CA  . GLU A 1 35  ? -0.744  3.262   -7.013  1.00 4.35  ? 35  GLU A CA  1 
ATOM   271  C  C   . GLU A 1 35  ? -1.380  4.601   -6.677  1.00 3.93  ? 35  GLU A C   1 
ATOM   272  O  O   . GLU A 1 35  ? -2.548  4.846   -7.036  1.00 5.73  ? 35  GLU A O   1 
ATOM   273  C  CB  . GLU A 1 35  ? -0.801  2.308   -5.800  1.00 4.61  ? 35  GLU A CB  1 
ATOM   274  C  CG  . GLU A 1 35  ? -0.652  0.841   -6.135  1.00 6.60  ? 35  GLU A CG  1 
ATOM   275  C  CD  . GLU A 1 35  ? -1.702  0.174   -6.964  1.00 6.94  ? 35  GLU A CD  1 
ATOM   276  O  OE1 . GLU A 1 35  ? -1.543  -0.993  -7.428  1.00 7.29  ? 35  GLU A OE1 1 
ATOM   277  O  OE2 . GLU A 1 35  ? -2.769  0.822   -7.173  1.00 8.17  ? 35  GLU A OE2 1 
ATOM   278  N  N   . SER A 1 36  ? -0.691  5.490   -5.979  1.00 4.87  ? 36  SER A N   1 
ATOM   279  C  CA  . SER A 1 36  ? -1.283  6.689   -5.368  1.00 4.97  ? 36  SER A CA  1 
ATOM   280  C  C   . SER A 1 36  ? -0.497  7.953   -5.613  1.00 4.21  ? 36  SER A C   1 
ATOM   281  O  O   . SER A 1 36  ? -0.926  8.998   -5.147  1.00 5.52  ? 36  SER A O   1 
ATOM   282  C  CB  . SER A 1 36  ? -1.391  6.505   -3.834  1.00 4.99  ? 36  SER A CB  1 
ATOM   283  O  OG  . SER A 1 36  ? -0.077  6.506   -3.261  1.00 4.35  ? 36  SER A OG  1 
ATOM   284  N  N   . ASN A 1 37  ? 0.666   7.866   -6.258  1.00 5.43  ? 37  ASN A N   1 
ATOM   285  C  CA  . ASN A 1 37  ? 1.511   9.039   -6.376  1.00 5.86  ? 37  ASN A CA  1 
ATOM   286  C  C   . ASN A 1 37  ? 1.881   9.560   -5.001  1.00 7.00  ? 37  ASN A C   1 
ATOM   287  O  O   . ASN A 1 37  ? 2.081   10.768  -4.792  1.00 9.04  ? 37  ASN A O   1 
ATOM   288  C  CB  . ASN A 1 37  ? 0.893   10.177  -7.196  1.00 9.86  ? 37  ASN A CB  1 
ATOM   289  C  CG  . ASN A 1 37  ? 1.864   10.775  -8.229  1.00 9.43  ? 37  ASN A CG  1 
ATOM   290  O  OD1 . ASN A 1 37  ? 3.012   10.378  -8.233  1.00 9.60  ? 37  ASN A OD1 1 
ATOM   291  N  ND2 . ASN A 1 37  ? 1.303   11.672  -9.022  1.00 12.68 ? 37  ASN A ND2 1 
ATOM   292  N  N   . PHE A 1 38  ? 2.000   8.666   -4.030  1.00 5.53  ? 38  PHE A N   1 
ATOM   293  C  CA  . PHE A 1 38  ? 2.397   9.004   -2.662  1.00 5.15  ? 38  PHE A CA  1 
ATOM   294  C  C   . PHE A 1 38  ? 1.367   9.868   -1.918  1.00 4.98  ? 38  PHE A C   1 
ATOM   295  O  O   . PHE A 1 38  ? 1.746   10.562  -0.986  1.00 5.24  ? 38  PHE A O   1 
ATOM   296  C  CB  . PHE A 1 38  ? 3.787   9.654   -2.559  1.00 6.53  ? 38  PHE A CB  1 
ATOM   297  C  CG  . PHE A 1 38  ? 4.924   8.894   -3.211  1.00 4.82  ? 38  PHE A CG  1 
ATOM   298  C  CD1 . PHE A 1 38  ? 5.157   7.542   -3.181  1.00 5.27  ? 38  PHE A CD1 1 
ATOM   299  C  CD2 . PHE A 1 38  ? 5.885   9.658   -3.907  1.00 6.39  ? 38  PHE A CD2 1 
ATOM   300  C  CE1 . PHE A 1 38  ? 6.261   6.910   -3.755  1.00 5.34  ? 38  PHE A CE1 1 
ATOM   301  C  CE2 . PHE A 1 38  ? 6.998   9.063   -4.478  1.00 7.71  ? 38  PHE A CE2 1 
ATOM   302  C  CZ  . PHE A 1 38  ? 7.195   7.703   -4.395  1.00 6.55  ? 38  PHE A CZ  1 
ATOM   303  N  N   . ASN A 1 39  ? 0.119   9.837   -2.306  1.00 4.09  ? 39  ASN A N   1 
ATOM   304  C  CA  . ASN A 1 39  ? -0.915  10.661  -1.673  1.00 5.07  ? 39  ASN A CA  1 
ATOM   305  C  C   . ASN A 1 39  ? -1.763  9.815   -0.729  1.00 2.82  ? 39  ASN A C   1 
ATOM   306  O  O   . ASN A 1 39  ? -2.429  8.882   -1.149  1.00 4.36  ? 39  ASN A O   1 
ATOM   307  C  CB  . ASN A 1 39  ? -1.718  11.307  -2.800  1.00 6.67  ? 39  ASN A CB  1 
ATOM   308  C  CG  . ASN A 1 39  ? -2.708  12.326  -2.332  1.00 4.65  ? 39  ASN A CG  1 
ATOM   309  O  OD1 . ASN A 1 39  ? -3.282  12.234  -1.230  1.00 7.40  ? 39  ASN A OD1 1 
ATOM   310  N  ND2 . ASN A 1 39  ? -2.960  13.294  -3.214  1.00 7.48  ? 39  ASN A ND2 1 
ATOM   311  N  N   . THR A 1 40  ? -1.701  10.185  0.550   1.00 4.89  ? 40  THR A N   1 
ATOM   312  C  CA  . THR A 1 40  ? -2.379  9.400   1.568   1.00 4.82  ? 40  THR A CA  1 
ATOM   313  C  C   . THR A 1 40  ? -3.898  9.395   1.441   1.00 4.41  ? 40  THR A C   1 
ATOM   314  O  O   . THR A 1 40  ? -4.558  8.508   1.988   1.00 5.06  ? 40  THR A O   1 
ATOM   315  C  CB  . THR A 1 40  ? -2.063  9.880   3.019   1.00 7.71  ? 40  THR A CB  1 
ATOM   316  O  OG1 . THR A 1 40  ? -2.467  11.258  3.156   1.00 9.19  ? 40  THR A OG1 1 
ATOM   317  C  CG2 . THR A 1 40  ? -0.578  9.703   3.300   1.00 8.51  ? 40  THR A CG2 1 
ATOM   318  N  N   . GLN A 1 41  ? -4.434  10.371  0.720   1.00 4.37  ? 41  GLN A N   1 
ATOM   319  C  CA  . GLN A 1 41  ? -5.886  10.470  0.585   1.00 4.67  ? 41  GLN A CA  1 
ATOM   320  C  C   . GLN A 1 41  ? -6.379  9.969   -0.758  1.00 5.18  ? 41  GLN A C   1 
ATOM   321  O  O   . GLN A 1 41  ? -7.601  10.061  -1.062  1.00 4.98  ? 41  GLN A O   1 
ATOM   322  C  CB  . GLN A 1 41  ? -6.347  11.910  0.872   1.00 8.21  ? 41  GLN A CB  1 
ATOM   323  C  CG  . GLN A 1 41  ? -6.468  12.087  2.388   1.00 11.73 ? 41  GLN A CG  1 
ATOM   324  C  CD  . GLN A 1 41  ? -7.072  13.440  2.772   1.00 9.62  ? 41  GLN A CD  1 
ATOM   325  O  OE1 . GLN A 1 41  ? -6.483  14.389  2.205   1.00 13.72 ? 41  GLN A OE1 1 
ATOM   326  N  NE2 . GLN A 1 41  ? -8.094  13.425  3.595   1.00 11.79 ? 41  GLN A NE2 1 
ATOM   327  N  N   . ALA A 1 42  ? -5.508  9.369   -1.569  1.00 3.99  ? 42  ALA A N   1 
ATOM   328  C  CA  . ALA A 1 42  ? -5.959  8.814   -2.825  1.00 4.10  ? 42  ALA A CA  1 
ATOM   329  C  C   . ALA A 1 42  ? -7.101  7.833   -2.651  1.00 3.49  ? 42  ALA A C   1 
ATOM   330  O  O   . ALA A 1 42  ? -7.028  6.934   -1.839  1.00 4.00  ? 42  ALA A O   1 
ATOM   331  C  CB  . ALA A 1 42  ? -4.791  8.144   -3.530  1.00 5.11  ? 42  ALA A CB  1 
ATOM   332  N  N   . THR A 1 43  ? -8.113  8.010   -3.462  1.00 4.83  ? 43  THR A N   1 
ATOM   333  C  CA  . THR A 1 43  ? -9.276  7.145   -3.329  1.00 4.90  ? 43  THR A CA  1 
ATOM   334  C  C   . THR A 1 43  ? -9.862  6.915   -4.690  1.00 7.86  ? 43  THR A C   1 
ATOM   335  O  O   . THR A 1 43  ? -10.150 7.915   -5.408  1.00 8.19  ? 43  THR A O   1 
ATOM   336  C  CB  . THR A 1 43  ? -10.369 7.826   -2.466  1.00 9.14  ? 43  THR A CB  1 
ATOM   337  O  OG1 . THR A 1 43  ? -9.864  8.167   -1.171  1.00 7.65  ? 43  THR A OG1 1 
ATOM   338  C  CG2 . THR A 1 43  ? -11.556 6.888   -2.279  1.00 11.29 ? 43  THR A CG2 1 
ATOM   339  N  N   . ASN A 1 44  ? -10.057 5.683   -5.141  1.00 6.01  ? 44  ASN A N   1 
ATOM   340  C  CA  . ASN A 1 44  ? -10.582 5.416   -6.459  1.00 5.93  ? 44  ASN A CA  1 
ATOM   341  C  C   . ASN A 1 44  ? -11.715 4.411   -6.379  1.00 6.53  ? 44  ASN A C   1 
ATOM   342  O  O   . ASN A 1 44  ? -11.563 3.301   -5.821  1.00 6.38  ? 44  ASN A O   1 
ATOM   343  C  CB  . ASN A 1 44  ? -9.481  4.912   -7.401  1.00 8.43  ? 44  ASN A CB  1 
ATOM   344  C  CG  . ASN A 1 44  ? -8.503  6.063   -7.662  1.00 14.40 ? 44  ASN A CG  1 
ATOM   345  O  OD1 . ASN A 1 44  ? -8.734  6.984   -8.454  1.00 12.63 ? 44  ASN A OD1 1 
ATOM   346  N  ND2 . ASN A 1 44  ? -7.374  6.051   -6.951  1.00 23.57 ? 44  ASN A ND2 1 
ATOM   347  N  N   . ARG A 1 45  ? -12.847 4.852   -6.893  1.00 5.04  ? 45  ARG A N   1 
ATOM   348  C  CA  . ARG A 1 45  ? -14.091 4.100   -6.791  1.00 6.21  ? 45  ARG A CA  1 
ATOM   349  C  C   . ARG A 1 45  ? -14.363 3.395   -8.103  1.00 5.70  ? 45  ARG A C   1 
ATOM   350  O  O   . ARG A 1 45  ? -14.625 4.058   -9.119  1.00 8.24  ? 45  ARG A O   1 
ATOM   351  C  CB  . ARG A 1 45  ? -15.228 5.089   -6.485  1.00 5.89  ? 45  ARG A CB  1 
ATOM   352  C  CG  . ARG A 1 45  ? -14.948 5.881   -5.237  1.00 6.71  ? 45  ARG A CG  1 
ATOM   353  C  CD  . ARG A 1 45  ? -15.988 6.961   -4.902  1.00 8.62  ? 45  ARG A CD  1 
ATOM   354  N  NE  . ARG A 1 45  ? -15.383 7.744   -3.797  1.00 8.40  ? 45  ARG A NE  1 
ATOM   355  C  CZ  . ARG A 1 45  ? -15.511 7.348   -2.518  1.00 9.07  ? 45  ARG A CZ  1 
ATOM   356  N  NH1 . ARG A 1 45  ? -16.227 6.253   -2.272  1.00 10.51 ? 45  ARG A NH1 1 
ATOM   357  N  NH2 . ARG A 1 45  ? -14.949 8.024   -1.539  1.00 11.50 ? 45  ARG A NH2 1 
ATOM   358  N  N   . ASN A 1 46  ? -14.273 2.078   -8.159  1.00 7.57  ? 46  ASN A N   1 
ATOM   359  C  CA  . ASN A 1 46  ? -14.282 1.328   -9.399  1.00 6.62  ? 46  ASN A CA  1 
ATOM   360  C  C   . ASN A 1 46  ? -15.599 0.666   -9.734  1.00 6.94  ? 46  ASN A C   1 
ATOM   361  O  O   . ASN A 1 46  ? -16.411 0.322   -8.849  1.00 8.61  ? 46  ASN A O   1 
ATOM   362  C  CB  . ASN A 1 46  ? -13.160 0.295   -9.326  1.00 9.62  ? 46  ASN A CB  1 
ATOM   363  C  CG  . ASN A 1 46  ? -11.829 0.928   -8.996  1.00 10.28 ? 46  ASN A CG  1 
ATOM   364  O  OD1 . ASN A 1 46  ? -11.393 1.899   -9.629  1.00 16.46 ? 46  ASN A OD1 1 
ATOM   365  N  ND2 . ASN A 1 46  ? -11.141 0.405   -7.976  1.00 12.36 ? 46  ASN A ND2 1 
ATOM   366  N  N   . THR A 1 47  ? -15.832 0.469   -11.025 1.00 7.38  ? 47  THR A N   1 
ATOM   367  C  CA  . THR A 1 47  ? -17.036 -0.218  -11.500 1.00 7.92  ? 47  THR A CA  1 
ATOM   368  C  C   . THR A 1 47  ? -17.092 -1.681  -11.096 1.00 7.42  ? 47  THR A C   1 
ATOM   369  O  O   . THR A 1 47  ? -18.151 -2.340  -11.104 1.00 11.96 ? 47  THR A O   1 
ATOM   370  C  CB  . THR A 1 47  ? -17.141 -0.112  -13.043 1.00 8.62  ? 47  THR A CB  1 
ATOM   371  O  OG1 . THR A 1 47  ? -18.452 -0.437  -13.506 1.00 13.75 ? 47  THR A OG1 1 
ATOM   372  C  CG2 . THR A 1 47  ? -16.165 -1.118  -13.649 1.00 19.69 ? 47  THR A CG2 1 
ATOM   373  N  N   . ASP A 1 48  ? -15.953 -2.275  -10.762 1.00 9.30  ? 48  ASP A N   1 
ATOM   374  C  CA  . ASP A 1 48  ? -15.888 -3.720  -10.492 1.00 10.01 ? 48  ASP A CA  1 
ATOM   375  C  C   . ASP A 1 48  ? -16.280 -3.987  -9.044  1.00 14.57 ? 48  ASP A C   1 
ATOM   376  O  O   . ASP A 1 48  ? -16.213 -5.133  -8.568  1.00 15.37 ? 48  ASP A O   1 
ATOM   377  C  CB  . ASP A 1 48  ? -14.506 -4.255  -10.859 1.00 11.60 ? 48  ASP A CB  1 
ATOM   378  C  CG  . ASP A 1 48  ? -13.385 -3.773  -9.961  1.00 16.52 ? 48  ASP A CG  1 
ATOM   379  O  OD1 . ASP A 1 48  ? -12.219 -4.169  -10.238 1.00 18.82 ? 48  ASP A OD1 1 
ATOM   380  O  OD2 . ASP A 1 48  ? -13.638 -3.006  -8.996  1.00 12.03 ? 48  ASP A OD2 1 
ATOM   381  N  N   . GLY A 1 49  ? -16.711 -2.955  -8.315  1.00 12.37 ? 49  GLY A N   1 
ATOM   382  C  CA  . GLY A 1 49  ? -17.066 -3.078  -6.903  1.00 13.36 ? 49  GLY A CA  1 
ATOM   383  C  C   . GLY A 1 49  ? -16.002 -2.794  -5.862  1.00 12.79 ? 49  GLY A C   1 
ATOM   384  O  O   . GLY A 1 49  ? -16.308 -2.694  -4.663  1.00 14.84 ? 49  GLY A O   1 
ATOM   385  N  N   . SER A 1 50  ? -14.756 -2.662  -6.298  1.00 11.21 ? 50  SER A N   1 
ATOM   386  C  CA  . SER A 1 50  ? -13.673 -2.240  -5.399  1.00 7.47  ? 50  SER A CA  1 
ATOM   387  C  C   . SER A 1 50  ? -13.710 -0.724  -5.180  1.00 11.38 ? 50  SER A C   1 
ATOM   388  O  O   . SER A 1 50  ? -13.962 0.063   -6.132  1.00 10.54 ? 50  SER A O   1 
ATOM   389  C  CB  . SER A 1 50  ? -12.312 -2.697  -5.913  1.00 10.71 ? 50  SER A CB  1 
ATOM   390  O  OG  . SER A 1 50  ? -11.985 -2.135  -7.180  1.00 10.58 ? 50  SER A OG  1 
ATOM   391  N  N   . THR A 1 51  ? -13.503 -0.205  -3.961  1.00 7.66  ? 51  THR A N   1 
ATOM   392  C  CA  . THR A 1 51  ? -13.044 1.144   -3.679  1.00 5.30  ? 51  THR A CA  1 
ATOM   393  C  C   . THR A 1 51  ? -11.639 0.970   -3.076  1.00 3.91  ? 51  THR A C   1 
ATOM   394  O  O   . THR A 1 51  ? -11.465 0.209   -2.140  1.00 4.17  ? 51  THR A O   1 
ATOM   395  C  CB  . THR A 1 51  ? -13.933 1.943   -2.726  1.00 7.98  ? 51  THR A CB  1 
ATOM   396  O  OG1 . THR A 1 51  ? -15.253 1.995   -3.315  1.00 13.05 ? 51  THR A OG1 1 
ATOM   397  C  CG2 . THR A 1 51  ? -13.377 3.327   -2.558  1.00 9.46  ? 51  THR A CG2 1 
ATOM   398  N  N   . ASP A 1 52  ? -10.690 1.664   -3.683  1.00 3.56  ? 52  ASP A N   1 
ATOM   399  C  CA  . ASP A 1 52  ? -9.289  1.556   -3.305  1.00 4.74  ? 52  ASP A CA  1 
ATOM   400  C  C   . ASP A 1 52  ? -8.893  2.771   -2.487  1.00 3.68  ? 52  ASP A C   1 
ATOM   401  O  O   . ASP A 1 52  ? -9.134  3.914   -2.920  1.00 4.74  ? 52  ASP A O   1 
ATOM   402  C  CB  . ASP A 1 52  ? -8.424  1.535   -4.564  1.00 4.35  ? 52  ASP A CB  1 
ATOM   403  C  CG  . ASP A 1 52  ? -8.707  0.370   -5.485  1.00 6.93  ? 52  ASP A CG  1 
ATOM   404  O  OD1 . ASP A 1 52  ? -8.510  0.455   -6.706  1.00 9.93  ? 52  ASP A OD1 1 
ATOM   405  O  OD2 . ASP A 1 52  ? -9.162  -0.670  -5.014  1.00 7.41  ? 52  ASP A OD2 1 
ATOM   406  N  N   . TYR A 1 53  ? -8.260  2.524   -1.340  1.00 3.58  ? 53  TYR A N   1 
ATOM   407  C  CA  . TYR A 1 53  ? -8.040  3.554   -0.369  1.00 3.61  ? 53  TYR A CA  1 
ATOM   408  C  C   . TYR A 1 53  ? -6.581  3.733   0.025   1.00 3.86  ? 53  TYR A C   1 
ATOM   409  O  O   . TYR A 1 53  ? -5.876  2.792   0.373   1.00 4.33  ? 53  TYR A O   1 
ATOM   410  C  CB  . TYR A 1 53  ? -8.786  3.251   0.939   1.00 5.55  ? 53  TYR A CB  1 
ATOM   411  C  CG  . TYR A 1 53  ? -10.283 3.382   0.867   1.00 4.56  ? 53  TYR A CG  1 
ATOM   412  C  CD1 . TYR A 1 53  ? -11.087 2.271   0.681   1.00 4.90  ? 53  TYR A CD1 1 
ATOM   413  C  CD2 . TYR A 1 53  ? -10.850 4.642   0.987   1.00 4.90  ? 53  TYR A CD2 1 
ATOM   414  C  CE1 . TYR A 1 53  ? -12.479 2.414   0.628   1.00 3.92  ? 53  TYR A CE1 1 
ATOM   415  C  CE2 . TYR A 1 53  ? -12.235 4.763   0.934   1.00 5.06  ? 53  TYR A CE2 1 
ATOM   416  C  CZ  . TYR A 1 53  ? -13.028 3.674   0.742   1.00 4.72  ? 53  TYR A CZ  1 
ATOM   417  O  OH  . TYR A 1 53  ? -14.394 3.860   0.713   1.00 5.93  ? 53  TYR A OH  1 
ATOM   418  N  N   . GLY A 1 54  ? -6.135  4.979   -0.047  1.00 3.86  ? 54  GLY A N   1 
ATOM   419  C  CA  . GLY A 1 54  ? -4.887  5.401   0.556   1.00 4.86  ? 54  GLY A CA  1 
ATOM   420  C  C   . GLY A 1 54  ? -3.663  5.206   -0.267  1.00 4.31  ? 54  GLY A C   1 
ATOM   421  O  O   . GLY A 1 54  ? -3.702  4.911   -1.483  1.00 3.97  ? 54  GLY A O   1 
ATOM   422  N  N   . ILE A 1 55  ? -2.513  5.364   0.390   1.00 4.12  ? 55  ILE A N   1 
ATOM   423  C  CA  . ILE A 1 55  ? -1.235  5.365   -0.311  1.00 5.42  ? 55  ILE A CA  1 
ATOM   424  C  C   . ILE A 1 55  ? -0.917  4.065   -0.982  1.00 4.82  ? 55  ILE A C   1 
ATOM   425  O  O   . ILE A 1 55  ? -0.141  4.059   -1.955  1.00 5.24  ? 55  ILE A O   1 
ATOM   426  C  CB  . ILE A 1 55  ? -0.158  5.790   0.728   1.00 7.89  ? 55  ILE A CB  1 
ATOM   427  C  CG1 . ILE A 1 55  ? 1.090   6.346   0.025   1.00 10.01 ? 55  ILE A CG1 1 
ATOM   428  C  CG2 . ILE A 1 55  ? 0.078   4.694   1.726   1.00 8.97  ? 55  ILE A CG2 1 
ATOM   429  C  CD1 . ILE A 1 55  ? 1.803   7.373   0.874   1.00 11.70 ? 55  ILE A CD1 1 
ATOM   430  N  N   . LEU A 1 56  ? -1.515  2.950   -0.549  1.00 4.69  ? 56  LEU A N   1 
ATOM   431  C  CA  . LEU A 1 56  ? -1.340  1.651   -1.197  1.00 3.52  ? 56  LEU A CA  1 
ATOM   432  C  C   . LEU A 1 56  ? -2.644  1.142   -1.810  1.00 3.39  ? 56  LEU A C   1 
ATOM   433  O  O   . LEU A 1 56  ? -2.696  -0.022  -2.212  1.00 5.14  ? 56  LEU A O   1 
ATOM   434  C  CB  . LEU A 1 56  ? -0.719  0.610   -0.235  1.00 3.93  ? 56  LEU A CB  1 
ATOM   435  C  CG  . LEU A 1 56  ? 0.804   0.814   -0.043  1.00 7.47  ? 56  LEU A CG  1 
ATOM   436  C  CD1 . LEU A 1 56  ? 1.321   0.000   1.136   1.00 8.36  ? 56  LEU A CD1 1 
ATOM   437  C  CD2 . LEU A 1 56  ? 1.553   0.493   -1.334  1.00 8.25  ? 56  LEU A CD2 1 
ATOM   438  N  N   . GLN A 1 57  ? -3.645  2.021   -1.938  1.00 3.85  ? 57  GLN A N   1 
ATOM   439  C  CA  . GLN A 1 57  ? -4.842  1.690   -2.737  1.00 3.69  ? 57  GLN A CA  1 
ATOM   440  C  C   . GLN A 1 57  ? -5.437  0.337   -2.370  1.00 3.21  ? 57  GLN A C   1 
ATOM   441  O  O   . GLN A 1 57  ? -5.683  -0.527  -3.260  1.00 4.65  ? 57  GLN A O   1 
ATOM   442  C  CB  . GLN A 1 57  ? -4.553  1.804   -4.249  1.00 4.31  ? 57  GLN A CB  1 
ATOM   443  C  CG  . GLN A 1 57  ? -4.295  3.262   -4.655  1.00 4.58  ? 57  GLN A CG  1 
ATOM   444  C  CD  . GLN A 1 57  ? -5.580  4.067   -4.578  1.00 3.79  ? 57  GLN A CD  1 
ATOM   445  O  OE1 . GLN A 1 57  ? -6.359  4.044   -5.533  1.00 5.58  ? 57  GLN A OE1 1 
ATOM   446  N  NE2 . GLN A 1 57  ? -5.835  4.741   -3.461  1.00 4.37  ? 57  GLN A NE2 1 
ATOM   447  N  N   . ILE A 1 58  ? -5.660  0.148   -1.080  1.00 4.26  ? 58  ILE A N   1 
ATOM   448  C  CA  . ILE A 1 58  ? -6.158  -1.144  -0.578  1.00 4.58  ? 58  ILE A CA  1 
ATOM   449  C  C   . ILE A 1 58  ? -7.658  -1.260  -0.799  1.00 4.03  ? 58  ILE A C   1 
ATOM   450  O  O   . ILE A 1 58  ? -8.413  -0.278  -0.594  1.00 4.19  ? 58  ILE A O   1 
ATOM   451  C  CB  . ILE A 1 58  ? -5.696  -1.339  0.872   1.00 4.80  ? 58  ILE A CB  1 
ATOM   452  C  CG1 . ILE A 1 58  ? -4.186  -1.628  0.955   1.00 4.98  ? 58  ILE A CG1 1 
ATOM   453  C  CG2 . ILE A 1 58  ? -6.509  -2.421  1.589   1.00 5.29  ? 58  ILE A CG2 1 
ATOM   454  C  CD1 . ILE A 1 58  ? -3.562  -1.504  2.295   1.00 5.93  ? 58  ILE A CD1 1 
ATOM   455  N  N   . ASN A 1 59  ? -8.069  -2.457  -1.208  1.00 4.61  ? 59  ASN A N   1 
ATOM   456  C  CA  . ASN A 1 59  ? -9.442  -2.715  -1.681  1.00 5.95  ? 59  ASN A CA  1 
ATOM   457  C  C   . ASN A 1 59  ? -10.492 -3.051  -0.630  1.00 4.19  ? 59  ASN A C   1 
ATOM   458  O  O   . ASN A 1 59  ? -10.323 -4.010  0.156   1.00 4.81  ? 59  ASN A O   1 
ATOM   459  C  CB  . ASN A 1 59  ? -9.287  -3.862  -2.696  1.00 6.46  ? 59  ASN A CB  1 
ATOM   460  C  CG  . ASN A 1 59  ? -10.523 -4.402  -3.381  1.00 7.56  ? 59  ASN A CG  1 
ATOM   461  O  OD1 . ASN A 1 59  ? -11.592 -3.833  -3.305  1.00 8.21  ? 59  ASN A OD1 1 
ATOM   462  N  ND2 . ASN A 1 59  ? -10.350 -5.522  -4.072  1.00 10.31 ? 59  ASN A ND2 1 
ATOM   463  N  N   . SER A 1 60  ? -11.599 -2.302  -0.611  1.00 4.86  ? 60  SER A N   1 
ATOM   464  C  CA  . SER A 1 60  ? -12.697 -2.518  0.312   1.00 3.58  ? 60  SER A CA  1 
ATOM   465  C  C   . SER A 1 60  ? -13.442 -3.822  0.103   1.00 4.03  ? 60  SER A C   1 
ATOM   466  O  O   . SER A 1 60  ? -14.164 -4.265  0.988   1.00 5.23  ? 60  SER A O   1 
ATOM   467  C  CB  . SER A 1 60  ? -13.702 -1.377  0.139   1.00 7.75  ? 60  SER A CB  1 
ATOM   468  O  OG  . SER A 1 60  ? -14.318 -1.350  -1.137  1.00 9.48  ? 60  SER A OG  1 
ATOM   469  N  N   . ARG A 1 61  ? -13.301 -4.474  -1.053  1.00 4.57  ? 61  ARG A N   1 
ATOM   470  C  CA  . ARG A 1 61  ? -14.020 -5.728  -1.261  1.00 4.64  ? 61  ARG A CA  1 
ATOM   471  C  C   . ARG A 1 61  ? -13.588 -6.758  -0.218  1.00 4.73  ? 61  ARG A C   1 
ATOM   472  O  O   . ARG A 1 61  ? -14.385 -7.626  0.193   1.00 4.74  ? 61  ARG A O   1 
ATOM   473  C  CB  . ARG A 1 61  ? -13.779 -6.221  -2.679  1.00 8.79  ? 61  ARG A CB  1 
ATOM   474  C  CG  . ARG A 1 61  ? -14.041 -7.706  -2.921  1.00 9.27  ? 61  ARG A CG  1 
ATOM   475  C  CD  . ARG A 1 61  ? -15.534 -7.882  -2.990  1.00 12.30 ? 61  ARG A CD  1 
ATOM   476  N  NE  . ARG A 1 61  ? -15.994 -9.255  -3.227  1.00 10.62 ? 61  ARG A NE  1 
ATOM   477  C  CZ  . ARG A 1 61  ? -16.185 -10.178 -2.308  1.00 7.47  ? 61  ARG A CZ  1 
ATOM   478  N  NH1 . ARG A 1 61  ? -15.963 -9.932  -1.017  1.00 7.55  ? 61  ARG A NH1 1 
ATOM   479  N  NH2 . ARG A 1 61  ? -16.646 -11.390 -2.669  1.00 8.91  ? 61  ARG A NH2 1 
ATOM   480  N  N   . TRP A 1 62  ? -12.325 -6.678  0.222   1.00 4.81  ? 62  TRP A N   1 
ATOM   481  C  CA  . TRP A 1 62  ? -11.794 -7.678  1.124   1.00 5.05  ? 62  TRP A CA  1 
ATOM   482  C  C   . TRP A 1 62  ? -11.239 -7.159  2.436   1.00 3.88  ? 62  TRP A C   1 
ATOM   483  O  O   . TRP A 1 62  ? -11.316 -7.896  3.424   1.00 6.09  ? 62  TRP A O   1 
ATOM   484  C  CB  . TRP A 1 62  ? -10.677 -8.498  0.416   1.00 5.52  ? 62  TRP A CB  1 
ATOM   485  C  CG  . TRP A 1 62  ? -11.209 -9.335  -0.707  1.00 5.22  ? 62  TRP A CG  1 
ATOM   486  C  CD1 . TRP A 1 62  ? -10.901 -9.067  -2.014  1.00 7.87  ? 62  TRP A CD1 1 
ATOM   487  C  CD2 . TRP A 1 62  ? -12.083 -10.462 -0.705  1.00 6.70  ? 62  TRP A CD2 1 
ATOM   488  N  NE1 . TRP A 1 62  ? -11.534 -9.980  -2.827  1.00 7.69  ? 62  TRP A NE1 1 
ATOM   489  C  CE2 . TRP A 1 62  ? -12.245 -10.827 -2.059  1.00 6.67  ? 62  TRP A CE2 1 
ATOM   490  C  CE3 . TRP A 1 62  ? -12.689 -11.154 0.331   1.00 8.02  ? 62  TRP A CE3 1 
ATOM   491  C  CZ2 . TRP A 1 62  ? -13.057 -11.920 -2.398  1.00 8.64  ? 62  TRP A CZ2 1 
ATOM   492  C  CZ3 . TRP A 1 62  ? -13.504 -12.248 -0.027  1.00 10.62 ? 62  TRP A CZ3 1 
ATOM   493  C  CH2 . TRP A 1 62  ? -13.641 -12.579 -1.368  1.00 9.79  ? 62  TRP A CH2 1 
ATOM   494  N  N   . TRP A 1 63  ? -10.705 -5.924  2.457   1.00 3.57  ? 63  TRP A N   1 
ATOM   495  C  CA  . TRP A 1 63  ? -9.736  -5.608  3.504   1.00 3.97  ? 63  TRP A CA  1 
ATOM   496  C  C   . TRP A 1 63  ? -10.167 -4.550  4.498   1.00 4.85  ? 63  TRP A C   1 
ATOM   497  O  O   . TRP A 1 63  ? -9.533  -4.534  5.578   1.00 5.31  ? 63  TRP A O   1 
ATOM   498  C  CB  . TRP A 1 63  ? -8.355  -5.227  2.896   1.00 3.97  ? 63  TRP A CB  1 
ATOM   499  C  CG  . TRP A 1 63  ? -7.877  -6.273  1.936   1.00 4.68  ? 63  TRP A CG  1 
ATOM   500  C  CD1 . TRP A 1 63  ? -7.872  -6.210  0.577   1.00 6.27  ? 63  TRP A CD1 1 
ATOM   501  C  CD2 . TRP A 1 63  ? -7.353  -7.538  2.298   1.00 4.85  ? 63  TRP A CD2 1 
ATOM   502  N  NE1 . TRP A 1 63  ? -7.349  -7.374  0.041   1.00 5.08  ? 63  TRP A NE1 1 
ATOM   503  C  CE2 . TRP A 1 63  ? -7.039  -8.189  1.076   1.00 4.85  ? 63  TRP A CE2 1 
ATOM   504  C  CE3 . TRP A 1 63  ? -7.106  -8.181  3.515   1.00 5.73  ? 63  TRP A CE3 1 
ATOM   505  C  CZ2 . TRP A 1 63  ? -6.502  -9.473  1.083   1.00 6.51  ? 63  TRP A CZ2 1 
ATOM   506  C  CZ3 . TRP A 1 63  ? -6.564  -9.460  3.497   1.00 6.44  ? 63  TRP A CZ3 1 
ATOM   507  C  CH2 . TRP A 1 63  ? -6.265  -10.091 2.280   1.00 7.60  ? 63  TRP A CH2 1 
ATOM   508  N  N   . CYS A 1 64  ? -11.166 -3.727  4.186   1.00 4.72  ? 64  CYS A N   1 
ATOM   509  C  CA  . CYS A 1 64  ? -11.582 -2.699  5.141   1.00 4.01  ? 64  CYS A CA  1 
ATOM   510  C  C   . CYS A 1 64  ? -13.088 -2.498  4.969   1.00 4.44  ? 64  CYS A C   1 
ATOM   511  O  O   . CYS A 1 64  ? -13.650 -2.938  3.944   1.00 5.21  ? 64  CYS A O   1 
ATOM   512  C  CB  . CYS A 1 64  ? -10.829 -1.389  4.932   1.00 4.75  ? 64  CYS A CB  1 
ATOM   513  S  SG  . CYS A 1 64  ? -11.080 -0.562  3.329   1.00 4.71  ? 64  CYS A SG  1 
ATOM   514  N  N   . ASN A 1 65  ? -13.726 -1.886  5.963   1.00 4.83  ? 65  ASN A N   1 
ATOM   515  C  CA  . ASN A 1 65  ? -15.136 -1.565  5.966   1.00 4.94  ? 65  ASN A CA  1 
ATOM   516  C  C   . ASN A 1 65  ? -15.392 -0.088  5.700   1.00 5.47  ? 65  ASN A C   1 
ATOM   517  O  O   . ASN A 1 65  ? -14.909 0.770   6.459   1.00 5.52  ? 65  ASN A O   1 
ATOM   518  C  CB  . ASN A 1 65  ? -15.787 -1.911  7.322   1.00 7.95  ? 65  ASN A CB  1 
ATOM   519  C  CG  . ASN A 1 65  ? -17.279 -1.572  7.189   1.00 17.86 ? 65  ASN A CG  1 
ATOM   520  O  OD1 . ASN A 1 65  ? -17.967 -2.016  6.254   1.00 17.90 ? 65  ASN A OD1 1 
ATOM   521  N  ND2 . ASN A 1 65  ? -17.695 -0.740  8.117   1.00 20.01 ? 65  ASN A ND2 1 
ATOM   522  N  N   . ASP A 1 66  ? -16.192 0.222   4.670   1.00 6.55  ? 66  ASP A N   1 
ATOM   523  C  CA  . ASP A 1 66  ? -16.736 1.582   4.471   1.00 6.15  ? 66  ASP A CA  1 
ATOM   524  C  C   . ASP A 1 66  ? -18.268 1.597   4.565   1.00 6.21  ? 66  ASP A C   1 
ATOM   525  O  O   . ASP A 1 66  ? -18.872 2.655   4.363   1.00 7.97  ? 66  ASP A O   1 
ATOM   526  C  CB  . ASP A 1 66  ? -16.208 2.221   3.172   1.00 7.67  ? 66  ASP A CB  1 
ATOM   527  C  CG  . ASP A 1 66  ? -16.664 1.553   1.908   1.00 5.04  ? 66  ASP A CG  1 
ATOM   528  O  OD1 . ASP A 1 66  ? -17.625 0.767   1.913   1.00 6.76  ? 66  ASP A OD1 1 
ATOM   529  O  OD2 . ASP A 1 66  ? -16.034 1.810   0.844   1.00 7.03  ? 66  ASP A OD2 1 
ATOM   530  N  N   . GLY A 1 67  ? -18.881 0.459   4.848   1.00 7.20  ? 67  GLY A N   1 
ATOM   531  C  CA  . GLY A 1 67  ? -20.313 0.441   5.096   1.00 7.03  ? 67  GLY A CA  1 
ATOM   532  C  C   . GLY A 1 67  ? -21.145 0.244   3.836   1.00 10.43 ? 67  GLY A C   1 
ATOM   533  O  O   . GLY A 1 67  ? -22.349 -0.080  3.971   1.00 9.87  ? 67  GLY A O   1 
ATOM   534  N  N   . ARG A 1 68  ? -20.561 0.448   2.666   1.00 7.87  ? 68  ARG A N   1 
ATOM   535  C  CA  . ARG A 1 68  ? -21.382 0.513   1.461   1.00 8.06  ? 68  ARG A CA  1 
ATOM   536  C  C   . ARG A 1 68  ? -21.713 -0.851  0.867   1.00 9.32  ? 68  ARG A C   1 
ATOM   537  O  O   . ARG A 1 68  ? -22.682 -0.906  0.073   1.00 11.70 ? 68  ARG A O   1 
ATOM   538  C  CB  . ARG A 1 68  ? -20.711 1.332   0.345   1.00 8.40  ? 68  ARG A CB  1 
ATOM   539  C  CG  . ARG A 1 68  ? -21.665 1.689   -0.800  1.00 11.22 ? 68  ARG A CG  1 
ATOM   540  C  CD  . ARG A 1 68  ? -20.979 2.512   -1.901  1.00 11.79 ? 68  ARG A CD  1 
ATOM   541  N  NE  . ARG A 1 68  ? -19.964 1.722   -2.608  1.00 11.03 ? 68  ARG A NE  1 
ATOM   542  C  CZ  . ARG A 1 68  ? -20.196 0.951   -3.660  1.00 13.18 ? 68  ARG A CZ  1 
ATOM   543  N  NH1 . ARG A 1 68  ? -19.209 0.265   -4.233  1.00 15.40 ? 68  ARG A NH1 1 
ATOM   544  N  NH2 . ARG A 1 68  ? -21.425 0.839   -4.178  1.00 13.30 ? 68  ARG A NH2 1 
ATOM   545  N  N   . THR A 1 69  ? -20.974 -1.893  1.226   1.00 9.69  ? 69  THR A N   1 
ATOM   546  C  CA  . THR A 1 69  ? -21.150 -3.123  0.434   1.00 10.01 ? 69  THR A CA  1 
ATOM   547  C  C   . THR A 1 69  ? -21.252 -4.310  1.381   1.00 13.37 ? 69  THR A C   1 
ATOM   548  O  O   . THR A 1 69  ? -20.271 -4.926  1.795   1.00 9.59  ? 69  THR A O   1 
ATOM   549  C  CB  . THR A 1 69  ? -20.049 -3.405  -0.589  1.00 10.34 ? 69  THR A CB  1 
ATOM   550  O  OG1 . THR A 1 69  ? -18.758 -3.269  0.029   1.00 10.45 ? 69  THR A OG1 1 
ATOM   551  C  CG2 . THR A 1 69  ? -20.034 -2.390  -1.727  1.00 12.22 ? 69  THR A CG2 1 
ATOM   552  N  N   . PRO A 1 70  ? -22.499 -4.652  1.723   1.00 15.52 ? 70  PRO A N   1 
ATOM   553  C  CA  . PRO A 1 70  ? -22.737 -5.710  2.690   1.00 15.77 ? 70  PRO A CA  1 
ATOM   554  C  C   . PRO A 1 70  ? -22.187 -7.077  2.244   1.00 8.71  ? 70  PRO A C   1 
ATOM   555  O  O   . PRO A 1 70  ? -21.999 -7.861  3.205   1.00 16.53 ? 70  PRO A O   1 
ATOM   556  C  CB  . PRO A 1 70  ? -24.267 -5.777  2.791   1.00 26.77 ? 70  PRO A CB  1 
ATOM   557  C  CG  . PRO A 1 70  ? -24.770 -5.129  1.550   1.00 24.36 ? 70  PRO A CG  1 
ATOM   558  C  CD  . PRO A 1 70  ? -23.757 -4.076  1.189   1.00 14.80 ? 70  PRO A CD  1 
ATOM   559  N  N   . GLY A 1 71  ? -21.951 -7.366  0.996   1.00 12.90 ? 71  GLY A N   1 
ATOM   560  C  CA  . GLY A 1 71  ? -21.413 -8.687  0.746   1.00 12.92 ? 71  GLY A CA  1 
ATOM   561  C  C   . GLY A 1 71  ? -19.891 -8.689  0.883   1.00 12.07 ? 71  GLY A C   1 
ATOM   562  O  O   . GLY A 1 71  ? -19.338 -9.749  0.573   1.00 14.70 ? 71  GLY A O   1 
ATOM   563  N  N   . SER A 1 72  ? -19.298 -7.578  1.296   1.00 7.88  ? 72  SER A N   1 
ATOM   564  C  CA  . SER A 1 72  ? -17.824 -7.551  1.237   1.00 5.96  ? 72  SER A CA  1 
ATOM   565  C  C   . SER A 1 72  ? -17.270 -8.073  2.560   1.00 6.94  ? 72  SER A C   1 
ATOM   566  O  O   . SER A 1 72  ? -18.025 -8.414  3.478   1.00 7.76  ? 72  SER A O   1 
ATOM   567  C  CB  . SER A 1 72  ? -17.265 -6.179  0.940   1.00 5.93  ? 72  SER A CB  1 
ATOM   568  O  OG  . SER A 1 72  ? -17.453 -5.298  2.020   1.00 7.75  ? 72  SER A OG  1 
ATOM   569  N  N   . ARG A 1 73  ? -15.937 -8.144  2.650   1.00 6.16  ? 73  ARG A N   1 
ATOM   570  C  CA  . ARG A 1 73  ? -15.265 -8.488  3.906   1.00 7.86  ? 73  ARG A CA  1 
ATOM   571  C  C   . ARG A 1 73  ? -14.416 -7.332  4.390   1.00 6.07  ? 73  ARG A C   1 
ATOM   572  O  O   . ARG A 1 73  ? -14.177 -6.323  3.687   1.00 6.04  ? 73  ARG A O   1 
ATOM   573  C  CB  . ARG A 1 73  ? -14.411 -9.734  3.697   1.00 8.95  ? 73  ARG A CB  1 
ATOM   574  C  CG  . ARG A 1 73  ? -15.202 -10.956 3.283   1.00 10.71 ? 73  ARG A CG  1 
ATOM   575  C  CD  . ARG A 1 73  ? -16.213 -11.365 4.354   1.00 14.18 ? 73  ARG A CD  1 
ATOM   576  N  NE  . ARG A 1 73  ? -15.482 -11.806 5.559   1.00 24.67 ? 73  ARG A NE  1 
ATOM   577  C  CZ  . ARG A 1 73  ? -14.770 -12.928 5.585   1.00 24.56 ? 73  ARG A CZ  1 
ATOM   578  N  NH1 . ARG A 1 73  ? -14.718 -13.685 4.493   1.00 23.43 ? 73  ARG A NH1 1 
ATOM   579  N  NH2 . ARG A 1 73  ? -14.120 -13.299 6.679   1.00 35.21 ? 73  ARG A NH2 1 
ATOM   580  N  N   . ASN A 1 74  ? -13.933 -7.492  5.611   1.00 6.42  ? 74  ASN A N   1 
ATOM   581  C  CA  . ASN A 1 74  ? -13.073 -6.536  6.321   1.00 5.51  ? 74  ASN A CA  1 
ATOM   582  C  C   . ASN A 1 74  ? -11.952 -7.318  7.007   1.00 4.77  ? 74  ASN A C   1 
ATOM   583  O  O   . ASN A 1 74  ? -11.882 -7.424  8.234   1.00 5.52  ? 74  ASN A O   1 
ATOM   584  C  CB  . ASN A 1 74  ? -13.918 -5.743  7.302   1.00 7.02  ? 74  ASN A CB  1 
ATOM   585  C  CG  . ASN A 1 74  ? -13.164 -4.749  8.143   1.00 4.30  ? 74  ASN A CG  1 
ATOM   586  O  OD1 . ASN A 1 74  ? -13.763 -4.219  9.108   1.00 7.85  ? 74  ASN A OD1 1 
ATOM   587  N  ND2 . ASN A 1 74  ? -11.919 -4.455  7.794   1.00 4.14  ? 74  ASN A ND2 1 
ATOM   588  N  N   . LEU A 1 75  ? -11.021 -7.841  6.209   1.00 5.55  ? 75  LEU A N   1 
ATOM   589  C  CA  . LEU A 1 75  ? -10.018 -8.746  6.780   1.00 4.87  ? 75  LEU A CA  1 
ATOM   590  C  C   . LEU A 1 75  ? -8.872  -8.021  7.469   1.00 5.80  ? 75  LEU A C   1 
ATOM   591  O  O   . LEU A 1 75  ? -8.161  -8.675  8.241   1.00 6.97  ? 75  LEU A O   1 
ATOM   592  C  CB  . LEU A 1 75  ? -9.528  -9.635  5.648   1.00 6.05  ? 75  LEU A CB  1 
ATOM   593  C  CG  . LEU A 1 75  ? -10.528 -10.688 5.149   1.00 7.87  ? 75  LEU A CG  1 
ATOM   594  C  CD1 . LEU A 1 75  ? -9.988  -11.382 3.924   1.00 10.49 ? 75  LEU A CD1 1 
ATOM   595  C  CD2 . LEU A 1 75  ? -10.827 -11.692 6.246   1.00 11.98 ? 75  LEU A CD2 1 
ATOM   596  N  N   . CYS A 1 76  ? -8.693  -6.715  7.279   1.00 5.76  ? 76  CYS A N   1 
ATOM   597  C  CA  . CYS A 1 76  ? -7.743  -5.987  8.125   1.00 5.77  ? 76  CYS A CA  1 
ATOM   598  C  C   . CYS A 1 76  ? -8.418  -5.486  9.370   1.00 4.20  ? 76  CYS A C   1 
ATOM   599  O  O   . CYS A 1 76  ? -7.740  -4.978  10.277  1.00 6.43  ? 76  CYS A O   1 
ATOM   600  C  CB  . CYS A 1 76  ? -7.053  -4.849  7.360   1.00 4.70  ? 76  CYS A CB  1 
ATOM   601  S  SG  . CYS A 1 76  ? -5.918  -5.522  6.154   1.00 5.30  ? 76  CYS A SG  1 
ATOM   602  N  N   . ASN A 1 77  ? -9.735  -5.642  9.485   1.00 5.02  ? 77  ASN A N   1 
ATOM   603  C  CA  . ASN A 1 77  ? -10.524 -5.283  10.663  1.00 6.15  ? 77  ASN A CA  1 
ATOM   604  C  C   . ASN A 1 77  ? -10.390 -3.806  11.009  1.00 5.89  ? 77  ASN A C   1 
ATOM   605  O  O   . ASN A 1 77  ? -10.111 -3.414  12.135  1.00 5.99  ? 77  ASN A O   1 
ATOM   606  C  CB  . ASN A 1 77  ? -10.177 -6.179  11.862  1.00 6.92  ? 77  ASN A CB  1 
ATOM   607  C  CG  . ASN A 1 77  ? -11.158 -5.940  12.983  1.00 7.80  ? 77  ASN A CG  1 
ATOM   608  O  OD1 . ASN A 1 77  ? -12.328 -5.575  12.759  1.00 10.08 ? 77  ASN A OD1 1 
ATOM   609  N  ND2 . ASN A 1 77  ? -10.739 -6.124  14.231  1.00 10.41 ? 77  ASN A ND2 1 
ATOM   610  N  N   . ILE A 1 78  ? -10.572 -2.942  10.021  1.00 5.67  ? 78  ILE A N   1 
ATOM   611  C  CA  . ILE A 1 78  ? -10.411 -1.516  10.140  1.00 4.79  ? 78  ILE A CA  1 
ATOM   612  C  C   . ILE A 1 78  ? -11.465 -0.781  9.316   1.00 4.27  ? 78  ILE A C   1 
ATOM   613  O  O   . ILE A 1 78  ? -11.906 -1.335  8.288   1.00 5.48  ? 78  ILE A O   1 
ATOM   614  C  CB  . ILE A 1 78  ? -9.028  -1.058  9.616   1.00 4.87  ? 78  ILE A CB  1 
ATOM   615  C  CG1 . ILE A 1 78  ? -8.753  -1.582  8.200   1.00 6.54  ? 78  ILE A CG1 1 
ATOM   616  C  CG2 . ILE A 1 78  ? -7.936  -1.439  10.578  1.00 5.65  ? 78  ILE A CG2 1 
ATOM   617  C  CD1 . ILE A 1 78  ? -7.492  -0.985  7.638   1.00 5.54  ? 78  ILE A CD1 1 
ATOM   618  N  N   . PRO A 1 79  ? -11.834 0.429   9.676   1.00 5.34  ? 79  PRO A N   1 
ATOM   619  C  CA  . PRO A 1 79  ? -12.607 1.255   8.777   1.00 4.99  ? 79  PRO A CA  1 
ATOM   620  C  C   . PRO A 1 79  ? -11.689 1.676   7.634   1.00 4.73  ? 79  PRO A C   1 
ATOM   621  O  O   . PRO A 1 79  ? -10.497 1.920   7.840   1.00 5.21  ? 79  PRO A O   1 
ATOM   622  C  CB  . PRO A 1 79  ? -13.008 2.441   9.641   1.00 4.93  ? 79  PRO A CB  1 
ATOM   623  C  CG  . PRO A 1 79  ? -11.924 2.526   10.686  1.00 5.90  ? 79  PRO A CG  1 
ATOM   624  C  CD  . PRO A 1 79  ? -11.437 1.127   10.926  1.00 6.12  ? 79  PRO A CD  1 
ATOM   625  N  N   . CYS A 1 80  ? -12.259 1.783   6.434   1.00 4.15  ? 80  CYS A N   1 
ATOM   626  C  CA  . CYS A 1 80  ? -11.403 2.224   5.322   1.00 4.66  ? 80  CYS A CA  1 
ATOM   627  C  C   . CYS A 1 80  ? -10.802 3.608   5.559   1.00 5.03  ? 80  CYS A C   1 
ATOM   628  O  O   . CYS A 1 80  ? -9.729  3.938   5.055   1.00 4.48  ? 80  CYS A O   1 
ATOM   629  C  CB  . CYS A 1 80  ? -12.198 2.171   4.034   1.00 5.22  ? 80  CYS A CB  1 
ATOM   630  S  SG  . CYS A 1 80  ? -12.803 0.532   3.562   1.00 5.19  ? 80  CYS A SG  1 
ATOM   631  N  N   . SER A 1 81  ? -11.495 4.448   6.364   1.00 5.15  ? 81  SER A N   1 
ATOM   632  C  CA  . SER A 1 81  ? -10.960 5.754   6.721   1.00 6.51  ? 81  SER A CA  1 
ATOM   633  C  C   . SER A 1 81  ? -9.595  5.673   7.387   1.00 4.10  ? 81  SER A C   1 
ATOM   634  O  O   . SER A 1 81  ? -8.812  6.622   7.260   1.00 5.31  ? 81  SER A O   1 
ATOM   635  C  CB  . SER A 1 81  ? -11.935 6.511   7.639   1.00 8.35  ? 81  SER A CB  1 
ATOM   636  O  OG  . SER A 1 81  ? -12.109 5.881   8.870   1.00 7.72  ? 81  SER A OG  1 
ATOM   637  N  N   . ALA A 1 82  ? -9.315  4.589   8.101   1.00 4.03  ? 82  ALA A N   1 
ATOM   638  C  CA  . ALA A 1 82  ? -7.975  4.449   8.696   1.00 5.04  ? 82  ALA A CA  1 
ATOM   639  C  C   . ALA A 1 82  ? -6.878  4.459   7.633   1.00 3.29  ? 82  ALA A C   1 
ATOM   640  O  O   . ALA A 1 82  ? -5.737  4.859   7.929   1.00 5.27  ? 82  ALA A O   1 
ATOM   641  C  CB  . ALA A 1 82  ? -7.874  3.197   9.548   1.00 4.66  ? 82  ALA A CB  1 
ATOM   642  N  N   . LEU A 1 83  ? -7.213  4.010   6.423   1.00 4.12  ? 83  LEU A N   1 
ATOM   643  C  CA  . LEU A 1 83  ? -6.278  3.981   5.313   1.00 4.23  ? 83  LEU A CA  1 
ATOM   644  C  C   . LEU A 1 83  ? -6.086  5.354   4.649   1.00 5.36  ? 83  LEU A C   1 
ATOM   645  O  O   . LEU A 1 83  ? -5.289  5.410   3.688   1.00 5.57  ? 83  LEU A O   1 
ATOM   646  C  CB  . LEU A 1 83  ? -6.764  2.967   4.263   1.00 4.85  ? 83  LEU A CB  1 
ATOM   647  C  CG  . LEU A 1 83  ? -6.859  1.542   4.788   1.00 5.29  ? 83  LEU A CG  1 
ATOM   648  C  CD1 . LEU A 1 83  ? -7.468  0.621   3.734   1.00 7.46  ? 83  LEU A CD1 1 
ATOM   649  C  CD2 . LEU A 1 83  ? -5.483  1.022   5.150   1.00 7.08  ? 83  LEU A CD2 1 
ATOM   650  N  N   . LEU A 1 84  ? -6.804  6.355   5.161   1.00 5.72  ? 84  LEU A N   1 
ATOM   651  C  CA  . LEU A 1 84  ? -6.687  7.688   4.581   1.00 4.32  ? 84  LEU A CA  1 
ATOM   652  C  C   . LEU A 1 84  ? -6.021  8.675   5.508   1.00 5.37  ? 84  LEU A C   1 
ATOM   653  O  O   . LEU A 1 84  ? -6.030  9.876   5.289   1.00 6.81  ? 84  LEU A O   1 
ATOM   654  C  CB  . LEU A 1 84  ? -8.059  8.240   4.182   1.00 4.94  ? 84  LEU A CB  1 
ATOM   655  C  CG  . LEU A 1 84  ? -8.802  7.432   3.139   1.00 5.37  ? 84  LEU A CG  1 
ATOM   656  C  CD1 . LEU A 1 84  ? -10.245 7.917   3.000   1.00 7.00  ? 84  LEU A CD1 1 
ATOM   657  C  CD2 . LEU A 1 84  ? -8.138  7.529   1.786   1.00 5.71  ? 84  LEU A CD2 1 
ATOM   658  N  N   . SER A 1 85  ? -5.402  8.162   6.551   1.00 6.26  ? 85  SER A N   1 
ATOM   659  C  CA  . SER A 1 85  ? -4.694  8.986   7.531   1.00 5.76  ? 85  SER A CA  1 
ATOM   660  C  C   . SER A 1 85  ? -3.388  9.532   6.998   1.00 4.64  ? 85  SER A C   1 
ATOM   661  O  O   . SER A 1 85  ? -2.764  8.985   6.068   1.00 6.84  ? 85  SER A O   1 
ATOM   662  C  CB  . SER A 1 85  ? -4.423  8.116   8.752   1.00 6.90  ? 85  SER A CB  1 
ATOM   663  O  OG  . SER A 1 85  ? -3.639  6.990   8.445   1.00 9.40  ? 85  SER A OG  1 
ATOM   664  N  N   . SER A 1 86  ? -2.874  10.582  7.660   1.00 8.12  ? 86  SER A N   1 
ATOM   665  C  CA  . SER A 1 86  ? -1.614  11.187  7.262   1.00 8.70  ? 86  SER A CA  1 
ATOM   666  C  C   . SER A 1 86  ? -0.426  10.360  7.739   1.00 5.69  ? 86  SER A C   1 
ATOM   667  O  O   . SER A 1 86  ? 0.623   10.426  7.062   1.00 10.42 ? 86  SER A O   1 
ATOM   668  C  CB  . SER A 1 86  ? -1.493  12.612  7.791   1.00 11.61 ? 86  SER A CB  1 
ATOM   669  O  OG  . SER A 1 86  ? -1.457  12.602  9.212   1.00 20.76 ? 86  SER A OG  1 
ATOM   670  N  N   . ASP A 1 87  ? -0.549  9.602   8.772   1.00 6.89  ? 87  ASP A N   1 
ATOM   671  C  CA  . ASP A 1 87  ? 0.508   8.658   9.177   1.00 7.15  ? 87  ASP A CA  1 
ATOM   672  C  C   . ASP A 1 87  ? 0.229   7.329   8.470   1.00 6.92  ? 87  ASP A C   1 
ATOM   673  O  O   . ASP A 1 87  ? -0.958  7.069   8.241   1.00 8.55  ? 87  ASP A O   1 
ATOM   674  C  CB  . ASP A 1 87  ? 0.526   8.521   10.686  1.00 8.78  ? 87  ASP A CB  1 
ATOM   675  C  CG  . ASP A 1 87  ? -0.653  7.717   11.201  1.00 10.91 ? 87  ASP A CG  1 
ATOM   676  O  OD1 . ASP A 1 87  ? -1.749  8.323   11.191  1.00 11.00 ? 87  ASP A OD1 1 
ATOM   677  O  OD2 . ASP A 1 87  ? -0.492  6.526   11.583  1.00 11.50 ? 87  ASP A OD2 1 
ATOM   678  N  N   . ILE A 1 88  ? 1.218   6.538   8.132   1.00 5.43  ? 88  ILE A N   1 
ATOM   679  C  CA  . ILE A 1 88  ? 0.987   5.382   7.258   1.00 4.21  ? 88  ILE A CA  1 
ATOM   680  C  C   . ILE A 1 88  ? 0.754   4.107   8.048   1.00 4.56  ? 88  ILE A C   1 
ATOM   681  O  O   . ILE A 1 88  ? 0.654   3.041   7.435   1.00 6.28  ? 88  ILE A O   1 
ATOM   682  C  CB  . ILE A 1 88  ? 2.133   5.208   6.251   1.00 6.74  ? 88  ILE A CB  1 
ATOM   683  C  CG1 . ILE A 1 88  ? 3.449   4.842   6.904   1.00 6.46  ? 88  ILE A CG1 1 
ATOM   684  C  CG2 . ILE A 1 88  ? 2.265   6.465   5.389   1.00 7.48  ? 88  ILE A CG2 1 
ATOM   685  C  CD1 . ILE A 1 88  ? 4.501   4.409   5.894   1.00 9.31  ? 88  ILE A CD1 1 
ATOM   686  N  N   . THR A 1 89  ? 0.675   4.185   9.348   1.00 6.12  ? 89  THR A N   1 
ATOM   687  C  CA  . THR A 1 89  ? 0.742   2.907   10.102  1.00 9.71  ? 89  THR A CA  1 
ATOM   688  C  C   . THR A 1 89  ? -0.384  1.949   9.766   1.00 7.82  ? 89  THR A C   1 
ATOM   689  O  O   . THR A 1 89  ? -0.141  0.756   9.582   1.00 7.69  ? 89  THR A O   1 
ATOM   690  C  CB  . THR A 1 89  ? 0.746   3.257   11.595  1.00 9.31  ? 89  THR A CB  1 
ATOM   691  O  OG1 . THR A 1 89  ? 1.688   4.309   11.858  1.00 11.78 ? 89  THR A OG1 1 
ATOM   692  C  CG2 . THR A 1 89  ? 1.102   2.029   12.414  1.00 12.42 ? 89  THR A CG2 1 
ATOM   693  N  N   . ALA A 1 90  ? -1.632  2.377   9.626   1.00 6.08  ? 90  ALA A N   1 
ATOM   694  C  CA  . ALA A 1 90  ? -2.704  1.429   9.301   1.00 5.41  ? 90  ALA A CA  1 
ATOM   695  C  C   . ALA A 1 90  ? -2.539  0.860   7.896   1.00 3.75  ? 90  ALA A C   1 
ATOM   696  O  O   . ALA A 1 90  ? -2.824  -0.323  7.680   1.00 4.85  ? 90  ALA A O   1 
ATOM   697  C  CB  . ALA A 1 90  ? -4.046  2.110   9.405   1.00 8.95  ? 90  ALA A CB  1 
ATOM   698  N  N   . SER A 1 91  ? -2.075  1.669   6.946   1.00 4.40  ? 91  SER A N   1 
ATOM   699  C  CA  . SER A 1 91  ? -1.854  1.163   5.582   1.00 4.22  ? 91  SER A CA  1 
ATOM   700  C  C   . SER A 1 91  ? -0.757  0.098   5.641   1.00 2.73  ? 91  SER A C   1 
ATOM   701  O  O   . SER A 1 91  ? -0.854  -0.930  4.946   1.00 3.97  ? 91  SER A O   1 
ATOM   702  C  CB  . SER A 1 91  ? -1.519  2.266   4.574   1.00 4.81  ? 91  SER A CB  1 
ATOM   703  O  OG  . SER A 1 91  ? -2.684  3.018   4.267   1.00 4.17  ? 91  SER A OG  1 
ATOM   704  N  N   . VAL A 1 92  ? 0.291   0.332   6.411   1.00 4.32  ? 92  VAL A N   1 
ATOM   705  C  CA  . VAL A 1 92  ? 1.377   -0.659  6.463   1.00 5.21  ? 92  VAL A CA  1 
ATOM   706  C  C   . VAL A 1 92  ? 0.896   -1.917  7.166   1.00 4.39  ? 92  VAL A C   1 
ATOM   707  O  O   . VAL A 1 92  ? 1.181   -3.040  6.716   1.00 4.74  ? 92  VAL A O   1 
ATOM   708  C  CB  . VAL A 1 92  ? 2.619   -0.094  7.178   1.00 5.49  ? 92  VAL A CB  1 
ATOM   709  C  CG1 . VAL A 1 92  ? 3.627   -1.205  7.468   1.00 6.35  ? 92  VAL A CG1 1 
ATOM   710  C  CG2 . VAL A 1 92  ? 3.270   1.030   6.405   1.00 5.05  ? 92  VAL A CG2 1 
ATOM   711  N  N   . ASN A 1 93  ? 0.163   -1.795  8.279   1.00 4.30  ? 93  ASN A N   1 
ATOM   712  C  CA  . ASN A 1 93  ? -0.327  -2.989  8.959   1.00 3.44  ? 93  ASN A CA  1 
ATOM   713  C  C   . ASN A 1 93  ? -1.208  -3.811  8.068   1.00 4.21  ? 93  ASN A C   1 
ATOM   714  O  O   . ASN A 1 93  ? -1.139  -5.047  8.041   1.00 5.83  ? 93  ASN A O   1 
ATOM   715  C  CB  . ASN A 1 93  ? -1.076  -2.590  10.222  1.00 7.69  ? 93  ASN A CB  1 
ATOM   716  C  CG  . ASN A 1 93  ? -0.240  -2.107  11.388  1.00 8.75  ? 93  ASN A CG  1 
ATOM   717  O  OD1 . ASN A 1 93  ? 0.924   -2.439  11.472  1.00 10.77 ? 93  ASN A OD1 1 
ATOM   718  N  ND2 . ASN A 1 93  ? -0.874  -1.344  12.290  1.00 9.74  ? 93  ASN A ND2 1 
ATOM   719  N  N   . CYS A 1 94  ? -2.091  -3.138  7.284   1.00 4.10  ? 94  CYS A N   1 
ATOM   720  C  CA  . CYS A 1 94  ? -2.969  -3.928  6.408   1.00 3.91  ? 94  CYS A CA  1 
ATOM   721  C  C   . CYS A 1 94  ? -2.185  -4.502  5.228   1.00 4.48  ? 94  CYS A C   1 
ATOM   722  O  O   . CYS A 1 94  ? -2.464  -5.646  4.853   1.00 5.14  ? 94  CYS A O   1 
ATOM   723  C  CB  . CYS A 1 94  ? -4.142  -3.019  6.020   1.00 3.74  ? 94  CYS A CB  1 
ATOM   724  S  SG  . CYS A 1 94  ? -5.430  -3.881  5.040   1.00 4.88  ? 94  CYS A SG  1 
ATOM   725  N  N   . ALA A 1 95  ? -1.241  -3.745  4.666   1.00 3.05  ? 95  ALA A N   1 
ATOM   726  C  CA  . ALA A 1 95  ? -0.396  -4.327  3.612   1.00 4.13  ? 95  ALA A CA  1 
ATOM   727  C  C   . ALA A 1 95  ? 0.288   -5.584  4.077   1.00 3.68  ? 95  ALA A C   1 
ATOM   728  O  O   . ALA A 1 95  ? 0.449   -6.532  3.335   1.00 5.13  ? 95  ALA A O   1 
ATOM   729  C  CB  . ALA A 1 95  ? 0.587   -3.267  3.140   1.00 3.92  ? 95  ALA A CB  1 
ATOM   730  N  N   . LYS A 1 96  ? 0.805   -5.545  5.328   1.00 5.30  ? 96  LYS A N   1 
ATOM   731  C  CA  . LYS A 1 96  ? 1.463   -6.721  5.896   1.00 6.04  ? 96  LYS A CA  1 
ATOM   732  C  C   . LYS A 1 96  ? 0.468   -7.886  5.968   1.00 5.35  ? 96  LYS A C   1 
ATOM   733  O  O   . LYS A 1 96  ? 0.894   -9.023  5.689   1.00 8.75  ? 96  LYS A O   1 
ATOM   734  C  CB  . LYS A 1 96  ? 2.036   -6.444  7.284   1.00 6.12  ? 96  LYS A CB  1 
ATOM   735  C  CG  . LYS A 1 96  ? 3.271   -5.538  7.235   1.00 5.12  ? 96  LYS A CG  1 
ATOM   736  C  CD  . LYS A 1 96  ? 3.645   -5.238  8.699   1.00 8.19  ? 96  LYS A CD  1 
ATOM   737  C  CE  . LYS A 1 96  ? 5.029   -4.618  8.854   1.00 8.64  ? 96  LYS A CE  1 
ATOM   738  N  NZ  . LYS A 1 96  ? 5.254   -4.150  10.256  1.00 9.30  ? 96  LYS A NZ  1 
ATOM   739  N  N   . LYS A 1 97  ? -0.760  -7.637  6.356   1.00 5.19  ? 97  LYS A N   1 
ATOM   740  C  CA  . LYS A 1 97  ? -1.772  -8.717  6.385   1.00 6.29  ? 97  LYS A CA  1 
ATOM   741  C  C   . LYS A 1 97  ? -2.026  -9.269  5.003   1.00 4.39  ? 97  LYS A C   1 
ATOM   742  O  O   . LYS A 1 97  ? -2.148  -10.492 4.827   1.00 6.77  ? 97  LYS A O   1 
ATOM   743  C  CB  A LYS A 1 97  ? -3.050  -8.167  7.015   0.35 6.90  ? 97  LYS A CB  1 
ATOM   744  C  CB  B LYS A 1 97  ? -3.039  -8.167  7.040   0.65 7.25  ? 97  LYS A CB  1 
ATOM   745  C  CG  A LYS A 1 97  ? -4.333  -8.944  6.786   0.35 6.18  ? 97  LYS A CG  1 
ATOM   746  C  CG  B LYS A 1 97  ? -2.817  -8.130  8.550   0.65 6.85  ? 97  LYS A CG  1 
ATOM   747  C  CD  A LYS A 1 97  ? -4.357  -10.253 7.540   0.35 9.92  ? 97  LYS A CD  1 
ATOM   748  C  CD  B LYS A 1 97  ? -4.081  -7.670  9.275   0.65 7.95  ? 97  LYS A CD  1 
ATOM   749  C  CE  A LYS A 1 97  ? -5.778  -10.775 7.717   0.35 5.27  ? 97  LYS A CE  1 
ATOM   750  C  CE  B LYS A 1 97  ? -3.859  -7.639  10.776  0.65 11.25 ? 97  LYS A CE  1 
ATOM   751  N  NZ  A LYS A 1 97  ? -5.847  -11.800 8.795   0.35 19.13 ? 97  LYS A NZ  1 
ATOM   752  N  NZ  B LYS A 1 97  ? -5.020  -7.067  11.516  0.65 13.71 ? 97  LYS A NZ  1 
ATOM   753  N  N   . ILE A 1 98  ? -2.109  -8.397  4.002   1.00 4.58  ? 98  ILE A N   1 
ATOM   754  C  CA  . ILE A 1 98  ? -2.376  -8.870  2.640   1.00 4.23  ? 98  ILE A CA  1 
ATOM   755  C  C   . ILE A 1 98  ? -1.263  -9.793  2.178   1.00 6.03  ? 98  ILE A C   1 
ATOM   756  O  O   . ILE A 1 98  ? -1.486  -10.854 1.570   1.00 6.27  ? 98  ILE A O   1 
ATOM   757  C  CB  . ILE A 1 98  ? -2.559  -7.653  1.714   1.00 3.78  ? 98  ILE A CB  1 
ATOM   758  C  CG1 . ILE A 1 98  ? -3.830  -6.853  2.079   1.00 4.31  ? 98  ILE A CG1 1 
ATOM   759  C  CG2 . ILE A 1 98  ? -2.569  -8.054  0.242   1.00 5.45  ? 98  ILE A CG2 1 
ATOM   760  C  CD1 . ILE A 1 98  ? -3.977  -5.513  1.364   1.00 5.58  ? 98  ILE A CD1 1 
ATOM   761  N  N   . VAL A 1 99  ? -0.011  -9.371  2.411   1.00 4.79  ? 99  VAL A N   1 
ATOM   762  C  CA  . VAL A 1 99  ? 1.091   -10.184 1.854   1.00 6.41  ? 99  VAL A CA  1 
ATOM   763  C  C   . VAL A 1 99  ? 1.295   -11.475 2.598   1.00 12.23 ? 99  VAL A C   1 
ATOM   764  O  O   . VAL A 1 99  ? 1.539   -12.526 1.980   1.00 13.34 ? 99  VAL A O   1 
ATOM   765  C  CB  . VAL A 1 99  ? 2.354   -9.306  1.822   1.00 8.23  ? 99  VAL A CB  1 
ATOM   766  C  CG1 . VAL A 1 99  ? 3.601   -10.125 1.578   1.00 8.24  ? 99  VAL A CG1 1 
ATOM   767  C  CG2 . VAL A 1 99  ? 2.149   -8.232  0.764   1.00 7.02  ? 99  VAL A CG2 1 
ATOM   768  N  N   . SER A 1 100 ? 1.174   -11.427 3.888   1.00 13.82 ? 100 SER A N   1 
ATOM   769  C  CA  . SER A 1 100 ? 1.431   -12.655 4.662   1.00 17.15 ? 100 SER A CA  1 
ATOM   770  C  C   . SER A 1 100 ? 0.299   -13.646 4.529   1.00 15.38 ? 100 SER A C   1 
ATOM   771  O  O   . SER A 1 100 ? 0.385   -14.825 4.924   1.00 21.81 ? 100 SER A O   1 
ATOM   772  C  CB  . SER A 1 100 ? 1.745   -12.237 6.098   1.00 15.96 ? 100 SER A CB  1 
ATOM   773  O  OG  . SER A 1 100 ? 0.629   -11.610 6.693   1.00 22.83 ? 100 SER A OG  1 
ATOM   774  N  N   . ASP A 1 101 ? -0.831  -13.275 3.955   1.00 16.92 ? 101 ASP A N   1 
ATOM   775  C  CA  . ASP A 1 101 ? -1.954  -14.183 3.756   1.00 11.45 ? 101 ASP A CA  1 
ATOM   776  C  C   . ASP A 1 101 ? -1.719  -15.114 2.562   1.00 17.14 ? 101 ASP A C   1 
ATOM   777  O  O   . ASP A 1 101 ? -2.496  -15.106 1.605   1.00 17.64 ? 101 ASP A O   1 
ATOM   778  C  CB  . ASP A 1 101 ? -3.210  -13.322 3.594   1.00 16.84 ? 101 ASP A CB  1 
ATOM   779  C  CG  . ASP A 1 101 ? -4.457  -14.157 3.352   1.00 38.32 ? 101 ASP A CG  1 
ATOM   780  O  OD1 . ASP A 1 101 ? -5.250  -13.770 2.462   1.00 28.18 ? 101 ASP A OD1 1 
ATOM   781  O  OD2 . ASP A 1 101 ? -4.574  -15.192 4.048   1.00 17.97 ? 101 ASP A OD2 1 
ATOM   782  N  N   . GLY A 1 102 ? -0.648  -15.901 2.599   1.00 17.25 ? 102 GLY A N   1 
ATOM   783  C  CA  . GLY A 1 102 ? -0.187  -16.833 1.590   1.00 16.74 ? 102 GLY A CA  1 
ATOM   784  C  C   . GLY A 1 102 ? -0.036  -16.204 0.212   1.00 16.16 ? 102 GLY A C   1 
ATOM   785  O  O   . GLY A 1 102 ? -0.298  -16.762 -0.845  1.00 14.30 ? 102 GLY A O   1 
ATOM   786  N  N   . ASN A 1 103 ? 0.426   -14.960 0.229   1.00 8.52  ? 103 ASN A N   1 
ATOM   787  C  CA  . ASN A 1 103 ? 0.330   -14.115 -0.945  1.00 5.79  ? 103 ASN A CA  1 
ATOM   788  C  C   . ASN A 1 103 ? 1.645   -13.352 -1.111  1.00 10.98 ? 103 ASN A C   1 
ATOM   789  O  O   . ASN A 1 103 ? 2.710   -13.629 -0.531  1.00 16.75 ? 103 ASN A O   1 
ATOM   790  C  CB  . ASN A 1 103 ? -0.905  -13.247 -0.835  1.00 8.32  ? 103 ASN A CB  1 
ATOM   791  C  CG  . ASN A 1 103 ? -1.454  -12.735 -2.141  1.00 5.69  ? 103 ASN A CG  1 
ATOM   792  O  OD1 . ASN A 1 103 ? -0.997  -13.175 -3.203  1.00 7.55  ? 103 ASN A OD1 1 
ATOM   793  N  ND2 . ASN A 1 103 ? -2.423  -11.834 -2.175  1.00 7.89  ? 103 ASN A ND2 1 
ATOM   794  N  N   . GLY A 1 104 ? 1.659   -12.364 -1.985  1.00 8.20  ? 104 GLY A N   1 
ATOM   795  C  CA  . GLY A 1 104 ? 2.817   -11.536 -2.246  1.00 8.07  ? 104 GLY A CA  1 
ATOM   796  C  C   . GLY A 1 104 ? 2.363   -10.153 -2.699  1.00 6.91  ? 104 GLY A C   1 
ATOM   797  O  O   . GLY A 1 104 ? 1.194   -9.787  -2.628  1.00 6.79  ? 104 GLY A O   1 
ATOM   798  N  N   . MET A 1 105 ? 3.356   -9.409  -3.179  1.00 4.83  ? 105 MET A N   1 
ATOM   799  C  CA  . MET A 1 105 ? 3.113   -8.045  -3.646  1.00 4.98  ? 105 MET A CA  1 
ATOM   800  C  C   . MET A 1 105 ? 2.439   -8.003  -5.005  1.00 4.51  ? 105 MET A C   1 
ATOM   801  O  O   . MET A 1 105 ? 2.030   -6.950  -5.491  1.00 4.78  ? 105 MET A O   1 
ATOM   802  C  CB  . MET A 1 105 ? 4.371   -7.177  -3.665  1.00 5.48  ? 105 MET A CB  1 
ATOM   803  C  CG  . MET A 1 105 ? 4.836   -6.789  -2.265  1.00 5.43  ? 105 MET A CG  1 
ATOM   804  S  SD  . MET A 1 105 ? 6.009   -5.453  -2.307  1.00 5.46  ? 105 MET A SD  1 
ATOM   805  C  CE  . MET A 1 105 ? 4.957   -4.064  -2.727  1.00 5.04  ? 105 MET A CE  1 
ATOM   806  N  N   . ASN A 1 106 ? 2.191   -9.189  -5.586  1.00 5.05  ? 106 ASN A N   1 
ATOM   807  C  CA  . ASN A 1 106 ? 1.292   -9.333  -6.707  1.00 4.90  ? 106 ASN A CA  1 
ATOM   808  C  C   . ASN A 1 106 ? -0.112  -8.818  -6.421  1.00 3.21  ? 106 ASN A C   1 
ATOM   809  O  O   . ASN A 1 106 ? -0.873  -8.495  -7.347  1.00 5.45  ? 106 ASN A O   1 
ATOM   810  C  CB  . ASN A 1 106 ? 1.204   -10.805 -7.146  1.00 8.42  ? 106 ASN A CB  1 
ATOM   811  C  CG  . ASN A 1 106 ? 0.856   -11.667 -5.962  1.00 8.03  ? 106 ASN A CG  1 
ATOM   812  O  OD1 . ASN A 1 106 ? -0.349  -11.968 -5.736  1.00 9.39  ? 106 ASN A OD1 1 
ATOM   813  N  ND2 . ASN A 1 106 ? 1.797   -11.990 -5.082  1.00 6.74  ? 106 ASN A ND2 1 
ATOM   814  N  N   . ALA A 1 107 ? -0.446  -8.686  -5.108  1.00 4.97  ? 107 ALA A N   1 
ATOM   815  C  CA  . ALA A 1 107 ? -1.680  -8.062  -4.703  1.00 5.04  ? 107 ALA A CA  1 
ATOM   816  C  C   . ALA A 1 107 ? -1.834  -6.619  -5.148  1.00 4.92  ? 107 ALA A C   1 
ATOM   817  O  O   . ALA A 1 107 ? -2.963  -6.093  -5.115  1.00 5.38  ? 107 ALA A O   1 
ATOM   818  C  CB  . ALA A 1 107 ? -1.806  -8.081  -3.161  1.00 6.78  ? 107 ALA A CB  1 
ATOM   819  N  N   . TRP A 1 108 ? -0.764  -5.897  -5.506  1.00 3.34  ? 108 TRP A N   1 
ATOM   820  C  CA  . TRP A 1 108 ? -0.827  -4.572  -6.074  1.00 4.34  ? 108 TRP A CA  1 
ATOM   821  C  C   . TRP A 1 108 ? -0.625  -4.657  -7.569  1.00 3.94  ? 108 TRP A C   1 
ATOM   822  O  O   . TRP A 1 108 ? 0.457   -5.030  -8.074  1.00 4.75  ? 108 TRP A O   1 
ATOM   823  C  CB  . TRP A 1 108 ? 0.246   -3.614  -5.454  1.00 4.29  ? 108 TRP A CB  1 
ATOM   824  C  CG  . TRP A 1 108 ? -0.227  -3.321  -4.045  1.00 3.87  ? 108 TRP A CG  1 
ATOM   825  C  CD1 . TRP A 1 108 ? -1.069  -2.314  -3.655  1.00 5.40  ? 108 TRP A CD1 1 
ATOM   826  C  CD2 . TRP A 1 108 ? 0.073   -4.067  -2.867  1.00 3.25  ? 108 TRP A CD2 1 
ATOM   827  N  NE1 . TRP A 1 108 ? -1.302  -2.374  -2.293  1.00 4.97  ? 108 TRP A NE1 1 
ATOM   828  C  CE2 . TRP A 1 108 ? -0.598  -3.446  -1.795  1.00 4.16  ? 108 TRP A CE2 1 
ATOM   829  C  CE3 . TRP A 1 108 ? 0.861   -5.189  -2.577  1.00 5.25  ? 108 TRP A CE3 1 
ATOM   830  C  CZ2 . TRP A 1 108 ? -0.518  -3.921  -0.482  1.00 4.88  ? 108 TRP A CZ2 1 
ATOM   831  C  CZ3 . TRP A 1 108 ? 0.939   -5.645  -1.275  1.00 5.04  ? 108 TRP A CZ3 1 
ATOM   832  C  CH2 . TRP A 1 108 ? 0.264   -5.015  -0.224  1.00 4.58  ? 108 TRP A CH2 1 
ATOM   833  N  N   . VAL A 1 109 ? -1.650  -4.275  -8.327  1.00 4.32  ? 109 VAL A N   1 
ATOM   834  C  CA  . VAL A 1 109 ? -1.543  -4.305  -9.787  1.00 4.73  ? 109 VAL A CA  1 
ATOM   835  C  C   . VAL A 1 109 ? -0.367  -3.475  -10.270 1.00 4.20  ? 109 VAL A C   1 
ATOM   836  O  O   . VAL A 1 109 ? 0.361   -3.873  -11.182 1.00 5.20  ? 109 VAL A O   1 
ATOM   837  C  CB  . VAL A 1 109 ? -2.869  -3.825  -10.389 1.00 5.02  ? 109 VAL A CB  1 
ATOM   838  C  CG1 . VAL A 1 109 ? -2.807  -3.789  -11.912 1.00 8.83  ? 109 VAL A CG1 1 
ATOM   839  C  CG2 . VAL A 1 109 ? -4.014  -4.749  -9.984  1.00 5.68  ? 109 VAL A CG2 1 
ATOM   840  N  N   . ALA A 1 110 ? -0.165  -2.326  -9.638  1.00 4.36  ? 110 ALA A N   1 
ATOM   841  C  CA  . ALA A 1 110 ? 0.924   -1.455  -10.123 1.00 5.52  ? 110 ALA A CA  1 
ATOM   842  C  C   . ALA A 1 110 ? 2.269   -2.067  -9.753  1.00 5.27  ? 110 ALA A C   1 
ATOM   843  O  O   . ALA A 1 110 ? 3.248   -1.809  -10.448 1.00 5.28  ? 110 ALA A O   1 
ATOM   844  C  CB  . ALA A 1 110 ? 0.833   -0.031  -9.611  1.00 7.63  ? 110 ALA A CB  1 
ATOM   845  N  N   . TRP A 1 111 ? 2.363   -2.829  -8.676  1.00 4.39  ? 111 TRP A N   1 
ATOM   846  C  CA  . TRP A 1 111 ? 3.635   -3.545  -8.435  1.00 3.98  ? 111 TRP A CA  1 
ATOM   847  C  C   . TRP A 1 111 ? 3.904   -4.554  -9.537  1.00 4.46  ? 111 TRP A C   1 
ATOM   848  O  O   . TRP A 1 111 ? 4.999   -4.632  -10.129 1.00 6.10  ? 111 TRP A O   1 
ATOM   849  C  CB  . TRP A 1 111 ? 3.674   -4.198  -7.033  1.00 5.43  ? 111 TRP A CB  1 
ATOM   850  C  CG  . TRP A 1 111 ? 5.000   -4.898  -6.832  1.00 5.90  ? 111 TRP A CG  1 
ATOM   851  C  CD1 . TRP A 1 111 ? 6.149   -4.320  -6.364  1.00 6.20  ? 111 TRP A CD1 1 
ATOM   852  C  CD2 . TRP A 1 111 ? 5.282   -6.278  -7.099  1.00 4.26  ? 111 TRP A CD2 1 
ATOM   853  N  NE1 . TRP A 1 111 ? 7.141   -5.289  -6.325  1.00 5.53  ? 111 TRP A NE1 1 
ATOM   854  C  CE2 . TRP A 1 111 ? 6.628   -6.471  -6.770  1.00 5.27  ? 111 TRP A CE2 1 
ATOM   855  C  CE3 . TRP A 1 111 ? 4.547   -7.334  -7.585  1.00 4.80  ? 111 TRP A CE3 1 
ATOM   856  C  CZ2 . TRP A 1 111 ? 7.255   -7.699  -6.899  1.00 6.56  ? 111 TRP A CZ2 1 
ATOM   857  C  CZ3 . TRP A 1 111 ? 5.163   -8.548  -7.708  1.00 5.82  ? 111 TRP A CZ3 1 
ATOM   858  C  CH2 . TRP A 1 111 ? 6.523   -8.744  -7.373  1.00 7.01  ? 111 TRP A CH2 1 
ATOM   859  N  N   . ARG A 1 112 ? 2.919   -5.378  -9.869  1.00 4.90  ? 112 ARG A N   1 
ATOM   860  C  CA  . ARG A 1 112 ? 3.099   -6.397  -10.887 1.00 6.24  ? 112 ARG A CA  1 
ATOM   861  C  C   . ARG A 1 112 ? 3.439   -5.798  -12.229 1.00 4.59  ? 112 ARG A C   1 
ATOM   862  O  O   . ARG A 1 112 ? 4.236   -6.363  -12.991 1.00 6.75  ? 112 ARG A O   1 
ATOM   863  C  CB  . ARG A 1 112 ? 1.808   -7.188  -11.171 1.00 8.83  ? 112 ARG A CB  1 
ATOM   864  C  CG  . ARG A 1 112 ? 1.340   -8.127  -10.116 1.00 9.27  ? 112 ARG A CG  1 
ATOM   865  C  CD  . ARG A 1 112 ? 0.260   -9.030  -10.624 1.00 7.79  ? 112 ARG A CD  1 
ATOM   866  N  NE  . ARG A 1 112 ? -0.852  -8.608  -11.438 1.00 7.97  ? 112 ARG A NE  1 
ATOM   867  C  CZ  . ARG A 1 112 ? -2.105  -8.387  -10.995 1.00 6.89  ? 112 ARG A CZ  1 
ATOM   868  N  NH1 . ARG A 1 112 ? -2.388  -8.508  -9.705  1.00 6.42  ? 112 ARG A NH1 1 
ATOM   869  N  NH2 . ARG A 1 112 ? -3.047  -8.051  -11.866 1.00 8.51  ? 112 ARG A NH2 1 
ATOM   870  N  N   . ASN A 1 113 ? 2.830   -4.652  -12.540 1.00 4.38  ? 113 ASN A N   1 
ATOM   871  C  CA  . ASN A 1 113 ? 2.922   -4.137  -13.909 1.00 4.63  ? 113 ASN A CA  1 
ATOM   872  C  C   . ASN A 1 113 ? 3.913   -3.020  -14.061 1.00 6.68  ? 113 ASN A C   1 
ATOM   873  O  O   . ASN A 1 113 ? 4.138   -2.606  -15.223 1.00 8.61  ? 113 ASN A O   1 
ATOM   874  C  CB  . ASN A 1 113 ? 1.521   -3.694  -14.365 1.00 8.39  ? 113 ASN A CB  1 
ATOM   875  C  CG  . ASN A 1 113 ? 0.598   -4.883  -14.517 1.00 10.08 ? 113 ASN A CG  1 
ATOM   876  O  OD1 . ASN A 1 113 ? 0.980   -6.065  -14.591 1.00 11.93 ? 113 ASN A OD1 1 
ATOM   877  N  ND2 . ASN A 1 113 ? -0.708  -4.621  -14.596 1.00 12.86 ? 113 ASN A ND2 1 
ATOM   878  N  N   . ARG A 1 114 ? 4.494   -2.501  -12.989 1.00 5.34  ? 114 ARG A N   1 
ATOM   879  C  CA  . ARG A 1 114 ? 5.459   -1.399  -13.108 1.00 6.73  ? 114 ARG A CA  1 
ATOM   880  C  C   . ARG A 1 114 ? 6.729   -1.643  -12.288 1.00 5.89  ? 114 ARG A C   1 
ATOM   881  O  O   . ARG A 1 114 ? 7.738   -0.972  -12.598 1.00 7.82  ? 114 ARG A O   1 
ATOM   882  C  CB  . ARG A 1 114 ? 4.898   -0.072  -12.621 1.00 7.10  ? 114 ARG A CB  1 
ATOM   883  C  CG  . ARG A 1 114 ? 3.577   0.395   -13.133 1.00 10.72 ? 114 ARG A CG  1 
ATOM   884  C  CD  . ARG A 1 114 ? 3.498   0.646   -14.610 1.00 10.75 ? 114 ARG A CD  1 
ATOM   885  N  NE  . ARG A 1 114 ? 4.288   1.745   -15.145 1.00 13.06 ? 114 ARG A NE  1 
ATOM   886  C  CZ  . ARG A 1 114 ? 3.891   3.023   -15.133 1.00 15.26 ? 114 ARG A CZ  1 
ATOM   887  N  NH1 . ARG A 1 114 ? 2.733   3.297   -14.579 1.00 13.28 ? 114 ARG A NH1 1 
ATOM   888  N  NH2 . ARG A 1 114 ? 4.641   3.979   -15.652 1.00 17.06 ? 114 ARG A NH2 1 
ATOM   889  N  N   . CYS A 1 115 ? 6.709   -2.544  -11.295 1.00 4.86  ? 115 CYS A N   1 
ATOM   890  C  CA  . CYS A 1 115 ? 7.831   -2.654  -10.379 1.00 4.98  ? 115 CYS A CA  1 
ATOM   891  C  C   . CYS A 1 115 ? 8.561   -3.987  -10.407 1.00 4.38  ? 115 CYS A C   1 
ATOM   892  O  O   . CYS A 1 115 ? 9.786   -4.001  -10.348 1.00 5.91  ? 115 CYS A O   1 
ATOM   893  C  CB  . CYS A 1 115 ? 7.362   -2.360  -8.943  1.00 4.69  ? 115 CYS A CB  1 
ATOM   894  S  SG  . CYS A 1 115 ? 6.543   -0.776  -8.697  1.00 5.36  ? 115 CYS A SG  1 
ATOM   895  N  N   . LYS A 1 116 ? 7.795   -5.066  -10.530 1.00 5.27  ? 116 LYS A N   1 
ATOM   896  C  CA  . LYS A 1 116 ? 8.360   -6.405  -10.591 1.00 4.92  ? 116 LYS A CA  1 
ATOM   897  C  C   . LYS A 1 116 ? 9.401   -6.480  -11.688 1.00 5.70  ? 116 LYS A C   1 
ATOM   898  O  O   . LYS A 1 116 ? 9.225   -6.116  -12.829 1.00 6.22  ? 116 LYS A O   1 
ATOM   899  C  CB  . LYS A 1 116 ? 7.219   -7.411  -10.814 1.00 5.48  ? 116 LYS A CB  1 
ATOM   900  C  CG  . LYS A 1 116 ? 7.760   -8.828  -10.963 1.00 8.01  ? 116 LYS A CG  1 
ATOM   901  C  CD  . LYS A 1 116 ? 6.655   -9.873  -11.044 1.00 6.71  ? 116 LYS A CD  1 
ATOM   902  C  CE  . LYS A 1 116 ? 5.796   -9.789  -12.275 1.00 10.02 ? 116 LYS A CE  1 
ATOM   903  N  NZ  . LYS A 1 116 ? 4.789   -10.895 -12.421 1.00 10.93 ? 116 LYS A NZ  1 
ATOM   904  N  N   . GLY A 1 117 ? 10.581  -6.986  -11.322 1.00 8.39  ? 117 GLY A N   1 
ATOM   905  C  CA  . GLY A 1 117 ? 11.647  -7.171  -12.276 1.00 8.91  ? 117 GLY A CA  1 
ATOM   906  C  C   . GLY A 1 117 ? 12.529  -5.981  -12.555 1.00 5.19  ? 117 GLY A C   1 
ATOM   907  O  O   . GLY A 1 117 ? 13.533  -6.092  -13.266 1.00 7.90  ? 117 GLY A O   1 
ATOM   908  N  N   . THR A 1 118 ? 12.153  -4.818  -12.039 1.00 6.40  ? 118 THR A N   1 
ATOM   909  C  CA  . THR A 1 118 ? 12.923  -3.594  -12.263 1.00 6.36  ? 118 THR A CA  1 
ATOM   910  C  C   . THR A 1 118 ? 13.965  -3.431  -11.162 1.00 5.68  ? 118 THR A C   1 
ATOM   911  O  O   . THR A 1 118 ? 14.051  -4.223  -10.234 1.00 5.35  ? 118 THR A O   1 
ATOM   912  C  CB  . THR A 1 118 ? 12.026  -2.361  -12.343 1.00 7.38  ? 118 THR A CB  1 
ATOM   913  O  OG1 . THR A 1 118 ? 11.502  -2.027  -11.046 1.00 5.28  ? 118 THR A OG1 1 
ATOM   914  C  CG2 . THR A 1 118 ? 10.838  -2.599  -13.281 1.00 8.67  ? 118 THR A CG2 1 
ATOM   915  N  N   . ASP A 1 119 ? 14.767  -2.385  -11.343 1.00 5.73  ? 119 ASP A N   1 
ATOM   916  C  CA  . ASP A 1 119 ? 15.751  -2.067  -10.295 1.00 6.79  ? 119 ASP A CA  1 
ATOM   917  C  C   . ASP A 1 119 ? 15.053  -1.395  -9.141  1.00 5.89  ? 119 ASP A C   1 
ATOM   918  O  O   . ASP A 1 119 ? 15.137  -0.157  -8.978  1.00 7.80  ? 119 ASP A O   1 
ATOM   919  C  CB  . ASP A 1 119 ? 16.803  -1.139  -10.912 1.00 10.01 ? 119 ASP A CB  1 
ATOM   920  C  CG  . ASP A 1 119 ? 18.037  -1.003  -10.042 1.00 16.90 ? 119 ASP A CG  1 
ATOM   921  O  OD1 . ASP A 1 119 ? 18.235  -1.842  -9.152  1.00 17.31 ? 119 ASP A OD1 1 
ATOM   922  O  OD2 . ASP A 1 119 ? 18.837  -0.047  -10.263 1.00 18.47 ? 119 ASP A OD2 1 
ATOM   923  N  N   . VAL A 1 120 ? 14.349  -2.128  -8.306  1.00 5.32  ? 120 VAL A N   1 
ATOM   924  C  CA  . VAL A 1 120 ? 13.535  -1.540  -7.273  1.00 4.51  ? 120 VAL A CA  1 
ATOM   925  C  C   . VAL A 1 120 ? 14.434  -0.879  -6.228  1.00 3.01  ? 120 VAL A C   1 
ATOM   926  O  O   . VAL A 1 120 ? 13.961  0.051   -5.586  1.00 4.14  ? 120 VAL A O   1 
ATOM   927  C  CB  . VAL A 1 120 ? 12.537  -2.505  -6.590  1.00 5.42  ? 120 VAL A CB  1 
ATOM   928  C  CG1 . VAL A 1 120 ? 11.474  -2.939  -7.588  1.00 8.88  ? 120 VAL A CG1 1 
ATOM   929  C  CG2 . VAL A 1 120 ? 13.288  -3.658  -5.977  1.00 7.77  ? 120 VAL A CG2 1 
ATOM   930  N  N   . GLN A 1 121 ? 15.666  -1.300  -6.040  1.00 3.90  ? 121 GLN A N   1 
ATOM   931  C  CA  . GLN A 1 121 ? 16.555  -0.689  -5.046  1.00 4.26  ? 121 GLN A CA  1 
ATOM   932  C  C   . GLN A 1 121 ? 16.722  0.785   -5.370  1.00 4.13  ? 121 GLN A C   1 
ATOM   933  O  O   . GLN A 1 121 ? 16.964  1.612   -4.479  1.00 5.41  ? 121 GLN A O   1 
ATOM   934  C  CB  . GLN A 1 121 ? 17.911  -1.412  -5.037  1.00 5.15  ? 121 GLN A CB  1 
ATOM   935  C  CG  . GLN A 1 121 ? 17.780  -2.789  -4.411  1.00 6.63  ? 121 GLN A CG  1 
ATOM   936  C  CD  . GLN A 1 121 ? 18.977  -3.684  -4.699  1.00 7.29  ? 121 GLN A CD  1 
ATOM   937  O  OE1 . GLN A 1 121 ? 18.846  -4.853  -5.088  1.00 10.55 ? 121 GLN A OE1 1 
ATOM   938  N  NE2 . GLN A 1 121 ? 20.143  -3.076  -4.496  1.00 8.49  ? 121 GLN A NE2 1 
ATOM   939  N  N   . ALA A 1 122 ? 16.625  1.175   -6.648  1.00 4.73  ? 122 ALA A N   1 
ATOM   940  C  CA  . ALA A 1 122 ? 16.863  2.566   -6.994  1.00 4.83  ? 122 ALA A CA  1 
ATOM   941  C  C   . ALA A 1 122 ? 15.768  3.463   -6.431  1.00 3.96  ? 122 ALA A C   1 
ATOM   942  O  O   . ALA A 1 122 ? 16.034  4.688   -6.399  1.00 5.48  ? 122 ALA A O   1 
ATOM   943  C  CB  . ALA A 1 122 ? 16.972  2.718   -8.512  1.00 6.67  ? 122 ALA A CB  1 
ATOM   944  N  N   . TRP A 1 123 ? 14.610  2.970   -6.001  1.00 4.47  ? 123 TRP A N   1 
ATOM   945  C  CA  . TRP A 1 123 ? 13.663  3.868   -5.348  1.00 4.91  ? 123 TRP A CA  1 
ATOM   946  C  C   . TRP A 1 123 ? 14.154  4.412   -4.032  1.00 5.49  ? 123 TRP A C   1 
ATOM   947  O  O   . TRP A 1 123 ? 13.502  5.311   -3.479  1.00 6.39  ? 123 TRP A O   1 
ATOM   948  C  CB  . TRP A 1 123 ? 12.262  3.169   -5.143  1.00 4.04  ? 123 TRP A CB  1 
ATOM   949  C  CG  . TRP A 1 123 ? 11.685  2.969   -6.518  1.00 5.14  ? 123 TRP A CG  1 
ATOM   950  C  CD1 . TRP A 1 123 ? 11.827  1.934   -7.396  1.00 7.19  ? 123 TRP A CD1 1 
ATOM   951  C  CD2 . TRP A 1 123 ? 10.825  3.919   -7.170  1.00 5.04  ? 123 TRP A CD2 1 
ATOM   952  N  NE1 . TRP A 1 123 ? 11.127  2.193   -8.568  1.00 6.53  ? 123 TRP A NE1 1 
ATOM   953  C  CE2 . TRP A 1 123 ? 10.499  3.403   -8.445  1.00 6.36  ? 123 TRP A CE2 1 
ATOM   954  C  CE3 . TRP A 1 123 ? 10.316  5.175   -6.794  1.00 6.70  ? 123 TRP A CE3 1 
ATOM   955  C  CZ2 . TRP A 1 123 ? 9.687   4.088   -9.321  1.00 8.30  ? 123 TRP A CZ2 1 
ATOM   956  C  CZ3 . TRP A 1 123 ? 9.491   5.864   -7.701  1.00 9.71  ? 123 TRP A CZ3 1 
ATOM   957  C  CH2 . TRP A 1 123 ? 9.198   5.297   -8.946  1.00 8.85  ? 123 TRP A CH2 1 
ATOM   958  N  N   . ILE A 1 124 ? 15.264  3.882   -3.500  1.00 5.30  ? 124 ILE A N   1 
ATOM   959  C  CA  . ILE A 1 124 ? 15.838  4.414   -2.275  1.00 4.82  ? 124 ILE A CA  1 
ATOM   960  C  C   . ILE A 1 124 ? 17.111  5.181   -2.547  1.00 3.96  ? 124 ILE A C   1 
ATOM   961  O  O   . ILE A 1 124 ? 17.768  5.608   -1.609  1.00 6.05  ? 124 ILE A O   1 
ATOM   962  C  CB  . ILE A 1 124 ? 16.146  3.267   -1.292  1.00 7.95  ? 124 ILE A CB  1 
ATOM   963  C  CG1 . ILE A 1 124 ? 15.105  2.139   -1.352  1.00 8.32  ? 124 ILE A CG1 1 
ATOM   964  C  CG2 . ILE A 1 124 ? 16.396  3.850   0.083   1.00 11.08 ? 124 ILE A CG2 1 
ATOM   965  C  CD1 . ILE A 1 124 ? 13.757  2.682   -0.945  1.00 9.39  ? 124 ILE A CD1 1 
ATOM   966  N  N   . ARG A 1 125 ? 17.475  5.446   -3.801  1.00 4.90  ? 125 ARG A N   1 
ATOM   967  C  CA  . ARG A 1 125 ? 18.663  6.210   -4.114  1.00 6.09  ? 125 ARG A CA  1 
ATOM   968  C  C   . ARG A 1 125 ? 18.558  7.638   -3.562  1.00 6.02  ? 125 ARG A C   1 
ATOM   969  O  O   . ARG A 1 125 ? 17.510  8.295   -3.662  1.00 6.59  ? 125 ARG A O   1 
ATOM   970  C  CB  . ARG A 1 125 ? 18.916  6.250   -5.636  1.00 7.02  ? 125 ARG A CB  1 
ATOM   971  C  CG  . ARG A 1 125 ? 18.029  7.178   -6.402  1.00 7.56  ? 125 ARG A CG  1 
ATOM   972  C  CD  . ARG A 1 125 ? 18.054  7.007   -7.922  1.00 10.17 ? 125 ARG A CD  1 
ATOM   973  N  NE  . ARG A 1 125 ? 17.057  7.890   -8.533  1.00 12.64 ? 125 ARG A NE  1 
ATOM   974  C  CZ  . ARG A 1 125 ? 15.741  7.805   -8.567  1.00 11.95 ? 125 ARG A CZ  1 
ATOM   975  N  NH1 . ARG A 1 125 ? 15.080  6.799   -8.014  1.00 13.10 ? 125 ARG A NH1 1 
ATOM   976  N  NH2 . ARG A 1 125 ? 14.986  8.724   -9.174  1.00 15.90 ? 125 ARG A NH2 1 
ATOM   977  N  N   . GLY A 1 126 ? 19.659  8.130   -2.976  1.00 7.24  ? 126 GLY A N   1 
ATOM   978  C  CA  . GLY A 1 126 ? 19.671  9.468   -2.464  1.00 6.47  ? 126 GLY A CA  1 
ATOM   979  C  C   . GLY A 1 126 ? 18.802  9.591   -1.211  1.00 6.00  ? 126 GLY A C   1 
ATOM   980  O  O   . GLY A 1 126 ? 18.506  10.727  -0.834  1.00 6.85  ? 126 GLY A O   1 
ATOM   981  N  N   . CYS A 1 127 ? 18.402  8.496   -0.558  1.00 5.93  ? 127 CYS A N   1 
ATOM   982  C  CA  . CYS A 1 127 ? 17.620  8.650   0.655   1.00 6.17  ? 127 CYS A CA  1 
ATOM   983  C  C   . CYS A 1 127 ? 18.473  8.499   1.893   1.00 5.77  ? 127 CYS A C   1 
ATOM   984  O  O   . CYS A 1 127 ? 18.147  9.136   2.916   1.00 6.74  ? 127 CYS A O   1 
ATOM   985  C  CB  . CYS A 1 127 ? 16.461  7.618   0.722   1.00 6.19  ? 127 CYS A CB  1 
ATOM   986  S  SG  . CYS A 1 127 ? 15.294  7.706   -0.645  1.00 5.69  ? 127 CYS A SG  1 
ATOM   987  N  N   . ARG A 1 128 ? 19.520  7.663   1.853   1.00 5.11  ? 128 ARG A N   1 
ATOM   988  C  CA  . ARG A 1 128 ? 20.494  7.533   2.926   1.00 5.36  ? 128 ARG A CA  1 
ATOM   989  C  C   . ARG A 1 128 ? 19.783  7.375   4.265   1.00 6.27  ? 128 ARG A C   1 
ATOM   990  O  O   . ARG A 1 128 ? 19.950  8.156   5.231   1.00 7.75  ? 128 ARG A O   1 
ATOM   991  C  CB  . ARG A 1 128 ? 21.461  8.720   2.981   1.00 5.87  ? 128 ARG A CB  1 
ATOM   992  C  CG  . ARG A 1 128 ? 22.147  8.919   1.643   1.00 7.12  ? 128 ARG A CG  1 
ATOM   993  C  CD  . ARG A 1 128 ? 23.556  9.473   1.802   1.00 5.97  ? 128 ARG A CD  1 
ATOM   994  N  NE  . ARG A 1 128 ? 24.376  8.306   2.113   1.00 7.40  ? 128 ARG A NE  1 
ATOM   995  C  CZ  . ARG A 1 128 ? 25.702  8.289   2.025   1.00 5.99  ? 128 ARG A CZ  1 
ATOM   996  N  NH1 . ARG A 1 128 ? 26.418  9.320   1.620   1.00 6.23  ? 128 ARG A NH1 1 
ATOM   997  N  NH2 . ARG A 1 128 ? 26.296  7.132   2.339   1.00 8.78  ? 128 ARG A NH2 1 
ATOM   998  N  N   . LEU A 1 129 ? 18.902  6.374   4.271   1.00 8.50  ? 129 LEU A N   1 
ATOM   999  C  CA  . LEU A 1 129 ? 18.046  6.118   5.422   1.00 9.48  ? 129 LEU A CA  1 
ATOM   1000 C  C   . LEU A 1 129 ? 18.752  5.699   6.696   1.00 13.44 ? 129 LEU A C   1 
ATOM   1001 O  O   . LEU A 1 129 ? 19.783  5.019   6.561   1.00 16.87 ? 129 LEU A O   1 
ATOM   1002 C  CB  . LEU A 1 129 ? 16.986  5.071   5.049   1.00 7.68  ? 129 LEU A CB  1 
ATOM   1003 C  CG  . LEU A 1 129 ? 16.049  5.598   3.965   1.00 7.02  ? 129 LEU A CG  1 
ATOM   1004 C  CD1 . LEU A 1 129 ? 14.961  4.558   3.722   1.00 11.23 ? 129 LEU A CD1 1 
ATOM   1005 C  CD2 . LEU A 1 129 ? 15.411  6.932   4.315   1.00 8.69  ? 129 LEU A CD2 1 
ATOM   1006 O  OXT . LEU A 1 129 ? 18.197  6.045   7.759   1.00 13.79 ? 129 LEU A OXT 1 
HETATM 1007 NA NA  . NA  B 2 .   ? -15.338 -4.293  3.045   1.00 5.41  ? 131 NA  A NA  1 
HETATM 1008 CL CL  . CL  C 3 .   ? -7.870  -7.272  -3.109  1.00 7.41  ? 132 CL  A CL  1 
HETATM 1009 CL CL  . CL  D 3 .   ? 10.722  -13.737 4.362   1.00 20.57 ? 133 CL  A CL  1 
HETATM 1010 CL CL  . CL  E 3 .   ? 8.874   10.392  -7.480  1.00 21.74 ? 134 CL  A CL  1 
HETATM 1011 CL CL  . CL  F 3 .   ? -19.285 -2.633  4.005   1.00 13.75 ? 135 CL  A CL  1 
HETATM 1012 N  N6A . HDZ G 4 .   ? 3.928   8.322   8.660   1.00 5.09  ? 130 HDZ A N6A 1 
HETATM 1013 N  N6B . HDZ G 4 .   ? 4.241   7.445   9.413   1.00 5.66  ? 130 HDZ A N6B 1 
HETATM 1014 O  O   . HOH H 5 .   ? -3.359  2.343   1.537   1.00 4.36  ? 136 HOH A O   1 
HETATM 1015 O  O   . HOH H 5 .   ? -3.666  -2.583  -7.137  1.00 5.07  ? 137 HOH A O   1 
HETATM 1016 O  O   . HOH H 5 .   ? 15.005  -2.052  -2.306  1.00 5.33  ? 138 HOH A O   1 
HETATM 1017 O  O   . HOH H 5 .   ? -6.287  -4.611  -1.996  1.00 6.46  ? 139 HOH A O   1 
HETATM 1018 O  O   . HOH H 5 .   ? -4.335  -2.542  -4.446  1.00 6.36  ? 140 HOH A O   1 
HETATM 1019 O  O   . HOH H 5 .   ? -16.623 -2.127  2.720   1.00 7.31  ? 141 HOH A O   1 
HETATM 1020 O  O   . HOH H 5 .   ? -16.624 -4.418  5.036   1.00 6.33  ? 142 HOH A O   1 
HETATM 1021 O  O   . HOH H 5 .   ? -1.521  6.591   5.311   1.00 7.57  ? 143 HOH A O   1 
HETATM 1022 O  O   . HOH H 5 .   ? 14.722  -8.541  -13.886 1.00 7.83  ? 144 HOH A O   1 
HETATM 1023 O  O   . HOH H 5 .   ? -3.575  -4.733  -2.860  1.00 7.73  ? 145 HOH A O   1 
HETATM 1024 O  O   . HOH H 5 .   ? -4.514  -1.625  9.516   1.00 8.32  ? 146 HOH A O   1 
HETATM 1025 O  O   . HOH H 5 .   ? -7.733  10.214  -5.360  1.00 8.77  ? 147 HOH A O   1 
HETATM 1026 O  O   . HOH H 5 .   ? 3.311   -11.324 -9.986  1.00 8.96  ? 148 HOH A O   1 
HETATM 1027 O  O   . HOH H 5 .   ? 16.019  10.901  2.781   1.00 8.17  ? 149 HOH A O   1 
HETATM 1028 O  O   . HOH H 5 .   ? 11.208  -8.545  -8.644  1.00 8.81  ? 150 HOH A O   1 
HETATM 1029 O  O   . HOH H 5 .   ? 19.973  -6.628  -7.447  1.00 8.44  ? 151 HOH A O   1 
HETATM 1030 O  O   . HOH H 5 .   ? -0.679  -15.888 -3.884  1.00 9.01  ? 152 HOH A O   1 
HETATM 1031 O  O   . HOH H 5 .   ? 11.219  13.239  0.299   1.00 9.38  ? 153 HOH A O   1 
HETATM 1032 O  O   . HOH H 5 .   ? 9.347   10.221  6.895   1.00 8.68  ? 154 HOH A O   1 
HETATM 1033 O  O   . HOH H 5 .   ? 11.463  0.637   -10.872 1.00 8.83  ? 155 HOH A O   1 
HETATM 1034 O  O   . HOH H 5 .   ? -16.041 5.997   0.627   1.00 10.10 ? 156 HOH A O   1 
HETATM 1035 O  O   . HOH H 5 .   ? -4.278  11.949  4.958   1.00 9.50  ? 157 HOH A O   1 
HETATM 1036 O  O   . HOH H 5 .   ? -17.316 -1.014  -0.069  1.00 9.45  ? 158 HOH A O   1 
HETATM 1037 O  O   . HOH H 5 .   ? -13.004 7.586   -8.019  1.00 9.60  ? 159 HOH A O   1 
HETATM 1038 O  O   . HOH H 5 .   ? -6.582  2.230   -7.588  1.00 8.63  ? 160 HOH A O   1 
HETATM 1039 O  O   . HOH H 5 .   ? 0.428   1.973   -12.863 1.00 9.83  ? 161 HOH A O   1 
HETATM 1040 O  O   . HOH H 5 .   ? 13.380  -8.135  -2.563  1.00 9.07  ? 162 HOH A O   1 
HETATM 1041 O  O   . HOH H 5 .   ? 20.674  6.271   -0.416  1.00 9.37  ? 163 HOH A O   1 
HETATM 1042 O  O   . HOH H 5 .   ? -14.973 -9.873  7.619   1.00 9.64  ? 164 HOH A O   1 
HETATM 1043 O  O   . HOH H 5 .   ? -5.102  5.326   10.649  1.00 9.85  ? 165 HOH A O   1 
HETATM 1044 O  O   . HOH H 5 .   ? -3.874  -11.869 0.382   1.00 9.91  ? 166 HOH A O   1 
HETATM 1045 O  O   . HOH H 5 .   ? -14.528 6.615   -10.077 1.00 10.73 ? 167 HOH A O   1 
HETATM 1046 O  O   . HOH H 5 .   ? -12.290 -6.753  -6.249  1.00 10.28 ? 168 HOH A O   1 
HETATM 1047 O  O   . HOH H 5 .   ? -7.018  -8.818  10.685  1.00 10.71 ? 169 HOH A O   1 
HETATM 1048 O  O   . HOH H 5 .   ? -4.667  1.202   -8.686  1.00 9.97  ? 170 HOH A O   1 
HETATM 1049 O  O   . HOH H 5 .   ? -3.254  10.123  -6.233  1.00 10.47 ? 171 HOH A O   1 
HETATM 1050 O  O   . HOH H 5 .   ? 17.141  -1.477  -0.644  1.00 10.99 ? 172 HOH A O   1 
HETATM 1051 O  O   . HOH H 5 .   ? 3.292   -15.645 5.504   1.00 10.99 ? 173 HOH A O   1 
HETATM 1052 O  O   . HOH H 5 .   ? -2.298  4.724   11.024  1.00 10.39 ? 174 HOH A O   1 
HETATM 1053 O  O   . HOH H 5 .   ? -10.325 7.201   10.616  1.00 11.97 ? 175 HOH A O   1 
HETATM 1054 O  O   . HOH H 5 .   ? 12.156  -2.052  7.684   1.00 11.35 ? 176 HOH A O   1 
HETATM 1055 O  O   . HOH H 5 .   ? 3.066   11.609  7.882   1.00 11.25 ? 177 HOH A O   1 
HETATM 1056 O  O   . HOH H 5 .   ? 7.015   11.777  -11.674 1.00 11.49 ? 178 HOH A O   1 
HETATM 1057 O  O   . HOH H 5 .   ? 18.468  0.487   -2.137  1.00 10.32 ? 179 HOH A O   1 
HETATM 1058 O  O   . HOH H 5 .   ? 9.698   8.604   9.253   1.00 11.18 ? 180 HOH A O   1 
HETATM 1059 O  O   . HOH H 5 .   ? -3.996  7.475   12.235  1.00 12.67 ? 181 HOH A O   1 
HETATM 1060 O  O   . HOH H 5 .   ? 13.892  10.539  4.397   1.00 13.08 ? 182 HOH A O   1 
HETATM 1061 O  O   . HOH H 5 .   ? 14.082  1.666   -10.953 1.00 13.14 ? 183 HOH A O   1 
HETATM 1062 O  O   . HOH H 5 .   ? -4.805  -4.325  9.758   1.00 11.93 ? 184 HOH A O   1 
HETATM 1063 O  O   . HOH H 5 .   ? -16.728 -4.970  9.265   1.00 12.72 ? 185 HOH A O   1 
HETATM 1064 O  O   . HOH H 5 .   ? 16.821  -3.674  -7.437  1.00 13.40 ? 186 HOH A O   1 
HETATM 1065 O  O   . HOH H 5 .   ? 19.253  4.088   2.384   1.00 12.82 ? 187 HOH A O   1 
HETATM 1066 O  O   . HOH H 5 .   ? 15.167  9.868   6.881   1.00 14.35 ? 188 HOH A O   1 
HETATM 1067 O  O   . HOH H 5 .   ? 15.940  -5.073  -12.895 1.00 11.26 ? 189 HOH A O   1 
HETATM 1068 O  O   . HOH H 5 .   ? 15.746  7.599   8.154   1.00 13.42 ? 190 HOH A O   1 
HETATM 1069 O  O   . HOH H 5 .   ? -10.829 7.653   -9.673  1.00 14.50 ? 191 HOH A O   1 
HETATM 1070 O  O   . HOH H 5 .   ? -25.561 -1.579  0.409   1.00 17.17 ? 192 HOH A O   1 
HETATM 1071 O  O   . HOH H 5 .   ? -8.268  -0.820  -8.965  1.00 13.41 ? 193 HOH A O   1 
HETATM 1072 O  O   . HOH H 5 .   ? 2.020   7.558   -10.433 1.00 16.16 ? 194 HOH A O   1 
HETATM 1073 O  O   . HOH H 5 .   ? 9.331   1.370   -12.334 1.00 15.71 ? 195 HOH A O   1 
HETATM 1074 O  O   . HOH H 5 .   ? 13.810  5.525   8.514   1.00 17.42 ? 196 HOH A O   1 
HETATM 1075 O  O   . HOH H 5 .   ? 21.047  3.380   -0.577  1.00 14.32 ? 197 HOH A O   1 
HETATM 1076 O  O   . HOH H 5 .   ? -17.338 -11.689 0.844   1.00 16.46 ? 198 HOH A O   1 
HETATM 1077 O  O   . HOH H 5 .   ? -16.831 -0.461  -2.907  1.00 15.23 ? 199 HOH A O   1 
HETATM 1078 O  O   . HOH H 5 .   ? -8.034  8.106   9.494   1.00 13.20 ? 200 HOH A O   1 
HETATM 1079 O  O   . HOH H 5 .   ? 6.497   -13.439 -2.498  1.00 15.88 ? 201 HOH A O   1 
HETATM 1080 O  O   . HOH H 5 .   ? -16.223 -3.429  -1.852  1.00 15.55 ? 202 HOH A O   1 
HETATM 1081 O  O   . HOH H 5 .   ? 6.933   11.619  7.332   1.00 15.23 ? 203 HOH A O   1 
HETATM 1082 O  O   . HOH H 5 .   ? 1.490   -14.516 -12.614 1.00 15.08 ? 204 HOH A O   1 
HETATM 1083 O  O   . HOH H 5 .   ? 1.326   -13.417 -9.978  1.00 14.52 ? 205 HOH A O   1 
HETATM 1084 O  O   . HOH H 5 .   ? -17.317 2.554   -1.391  1.00 16.22 ? 206 HOH A O   1 
HETATM 1085 O  O   . HOH H 5 .   ? 3.045   -7.787  -15.408 1.00 16.38 ? 207 HOH A O   1 
HETATM 1086 O  O   . HOH H 5 .   ? 3.353   -1.879  10.986  1.00 16.80 ? 208 HOH A O   1 
HETATM 1087 O  O   . HOH H 5 .   ? 0.730   5.661   -11.912 1.00 14.76 ? 209 HOH A O   1 
HETATM 1088 O  O   . HOH H 5 .   ? 12.587  6.294   -8.956  1.00 16.00 ? 210 HOH A O   1 
HETATM 1089 O  O   . HOH H 5 .   ? -3.771  3.317   -8.843  1.00 19.78 ? 211 HOH A O   1 
HETATM 1090 O  O   . HOH H 5 .   ? -0.368  -8.510  -14.215 1.00 17.68 ? 212 HOH A O   1 
HETATM 1091 O  O   . HOH H 5 .   ? -6.672  -13.102 4.852   1.00 16.81 ? 213 HOH A O   1 
HETATM 1092 O  O   . HOH H 5 .   ? -17.838 -6.832  5.852   1.00 16.26 ? 214 HOH A O   1 
HETATM 1093 O  O   . HOH H 5 .   ? -17.929 -3.881  11.832  1.00 15.02 ? 215 HOH A O   1 
HETATM 1094 O  O   . HOH H 5 .   ? -9.627  11.779  -4.451  1.00 14.59 ? 216 HOH A O   1 
HETATM 1095 O  O   . HOH H 5 .   ? 4.695   -0.294  12.633  1.00 17.80 ? 217 HOH A O   1 
HETATM 1096 O  O   . HOH H 5 .   ? 3.183   -10.128 -14.681 1.00 18.06 ? 218 HOH A O   1 
HETATM 1097 O  O   . HOH H 5 .   ? -0.369  -6.795  10.225  1.00 18.73 ? 219 HOH A O   1 
HETATM 1098 O  O   . HOH H 5 .   ? 21.040  -0.945  -2.287  1.00 17.31 ? 220 HOH A O   1 
HETATM 1099 O  O   . HOH H 5 .   ? -1.977  -1.939  -14.954 1.00 14.30 ? 221 HOH A O   1 
HETATM 1100 O  O   . HOH H 5 .   ? 17.733  1.820   3.299   1.00 15.59 ? 222 HOH A O   1 
HETATM 1101 O  O   . HOH H 5 .   ? 17.067  -0.899  2.207   1.00 16.81 ? 223 HOH A O   1 
HETATM 1102 O  O   . HOH H 5 .   ? -3.088  -0.184  -10.052 1.00 22.72 ? 224 HOH A O   1 
HETATM 1103 O  O   . HOH H 5 .   ? 4.705   -11.969 -5.762  1.00 13.84 ? 225 HOH A O   1 
HETATM 1104 O  O   . HOH H 5 .   ? 11.887  10.183  -7.393  1.00 20.95 ? 226 HOH A O   1 
HETATM 1105 O  O   . HOH H 5 .   ? -17.237 -7.733  8.156   1.00 17.45 ? 227 HOH A O   1 
HETATM 1106 O  O   . HOH H 5 .   ? -2.220  3.642   -11.574 1.00 18.32 ? 228 HOH A O   1 
HETATM 1107 O  O   . HOH H 5 .   ? -18.626 0.620   -7.291  1.00 18.47 ? 229 HOH A O   1 
HETATM 1108 O  O   . HOH H 5 .   ? 2.363   -14.542 -7.598  1.00 16.32 ? 230 HOH A O   1 
HETATM 1109 O  O   . HOH H 5 .   ? 5.207   10.369  9.259   1.00 19.70 ? 231 HOH A O   1 
HETATM 1110 O  O   . HOH H 5 .   ? -10.169 -2.498  -10.397 1.00 25.88 ? 232 HOH A O   1 
HETATM 1111 O  O   . HOH H 5 .   ? -17.033 2.360   -5.346  1.00 17.75 ? 233 HOH A O   1 
HETATM 1112 O  O   . HOH H 5 .   ? -13.018 -8.352  10.304  1.00 21.92 ? 234 HOH A O   1 
HETATM 1113 O  O   . HOH H 5 .   ? 10.189  14.832  7.053   1.00 17.06 ? 235 HOH A O   1 
HETATM 1114 O  O   . HOH H 5 .   ? 5.624   15.683  2.011   1.00 20.00 ? 236 HOH A O   1 
HETATM 1115 O  O   . HOH H 5 .   ? -16.004 -9.018  -6.129  1.00 15.88 ? 237 HOH A O   1 
HETATM 1116 O  O   . HOH H 5 .   ? 10.633  -6.361  -7.759  1.00 21.80 ? 238 HOH A O   1 
HETATM 1117 O  O   . HOH H 5 .   ? -20.913 -0.501  8.467   1.00 21.84 ? 239 HOH A O   1 
HETATM 1118 O  O   . HOH H 5 .   ? 14.792  4.378   10.741  1.00 23.40 ? 240 HOH A O   1 
HETATM 1119 O  O   . HOH H 5 .   ? 3.674   -14.519 2.091   1.00 24.22 ? 241 HOH A O   1 
HETATM 1120 O  O   . HOH H 5 .   ? 0.233   -0.327  14.769  1.00 18.00 ? 242 HOH A O   1 
HETATM 1121 O  O   . HOH H 5 .   ? 22.084  6.663   7.339   1.00 22.24 ? 243 HOH A O   1 
HETATM 1122 O  O   . HOH H 5 .   ? 17.175  -6.151  -10.736 1.00 25.26 ? 244 HOH A O   1 
HETATM 1123 O  O   . HOH H 5 .   ? -3.287  15.115  5.003   1.00 22.00 ? 245 HOH A O   1 
HETATM 1124 O  O   . HOH H 5 .   ? -5.635  -4.453  11.970  1.00 23.19 ? 246 HOH A O   1 
HETATM 1125 O  O   . HOH H 5 .   ? 1.097   17.458  1.593   1.00 24.02 ? 247 HOH A O   1 
HETATM 1126 O  O   . HOH H 5 .   ? 21.361  4.428   4.525   1.00 25.50 ? 248 HOH A O   1 
HETATM 1127 O  O   . HOH H 5 .   ? -6.460  -11.278 11.162  1.00 18.64 ? 249 HOH A O   1 
HETATM 1128 O  O   . HOH H 5 .   ? 9.399   13.027  -9.826  1.00 32.75 ? 250 HOH A O   1 
HETATM 1129 O  O   . HOH H 5 .   ? -5.202  -1.146  -11.267 0.80 15.20 ? 251 HOH A O   1 
HETATM 1130 O  O   . HOH H 5 .   ? -18.351 4.568   -3.595  1.00 32.22 ? 252 HOH A O   1 
HETATM 1131 O  O   . HOH H 5 .   ? 7.291   1.666   -15.993 0.91 23.26 ? 253 HOH A O   1 
HETATM 1132 O  O   . HOH H 5 .   ? -2.619  12.775  11.276  0.89 25.92 ? 254 HOH A O   1 
HETATM 1133 O  O   . HOH H 5 .   ? -6.805  0.839   -10.830 0.84 23.76 ? 255 HOH A O   1 
HETATM 1134 O  O   . HOH H 5 .   ? 20.284  -4.067  -8.742  1.00 22.89 ? 256 HOH A O   1 
HETATM 1135 O  O   . HOH H 5 .   ? -6.637  10.187  10.750  0.94 23.29 ? 257 HOH A O   1 
HETATM 1136 O  O   . HOH H 5 .   ? 7.176   14.066  7.522   0.81 15.69 ? 258 HOH A O   1 
HETATM 1137 O  O   . HOH H 5 .   ? -3.231  -12.716 6.831   0.87 22.71 ? 259 HOH A O   1 
HETATM 1138 O  O   . HOH H 5 .   ? 15.100  -2.590  11.136  0.89 22.43 ? 260 HOH A O   1 
HETATM 1139 O  O   . HOH H 5 .   ? 5.514   -14.698 -9.778  0.74 17.36 ? 261 HOH A O   1 
HETATM 1140 O  O   . HOH H 5 .   ? 22.173  7.609   9.631   0.92 27.35 ? 262 HOH A O   1 
HETATM 1141 O  O   . HOH H 5 .   ? 12.408  -1.967  10.442  0.88 19.49 ? 263 HOH A O   1 
HETATM 1142 O  O   . HOH H 5 .   ? -10.670 -15.399 3.413   0.97 32.19 ? 264 HOH A O   1 
HETATM 1143 O  O   . HOH H 5 .   ? -5.920  -1.499  -8.352  0.81 21.04 ? 265 HOH A O   1 
HETATM 1144 O  O   . HOH H 5 .   ? -1.903  6.572   -9.617  0.72 16.77 ? 266 HOH A O   1 
HETATM 1145 O  O   . HOH H 5 .   ? 14.000  4.453   -10.825 0.83 20.20 ? 267 HOH A O   1 
HETATM 1146 O  O   . HOH H 5 .   ? -17.363 -4.597  -3.764  0.72 18.92 ? 268 HOH A O   1 
HETATM 1147 O  O   . HOH H 5 .   ? -3.307  14.782  9.809   0.92 26.08 ? 269 HOH A O   1 
HETATM 1148 O  O   . HOH H 5 .   ? -23.331 -6.039  -0.761  0.82 18.55 ? 270 HOH A O   1 
HETATM 1149 O  O   . HOH H 5 .   ? 9.942   3.578   -13.404 0.85 28.46 ? 271 HOH A O   1 
HETATM 1150 O  O   . HOH H 5 .   ? 17.402  -4.612  10.810  0.89 24.73 ? 272 HOH A O   1 
HETATM 1151 O  O   . HOH H 5 .   ? 19.987  -0.716  2.195   0.88 27.69 ? 273 HOH A O   1 
HETATM 1152 O  O   . HOH H 5 .   ? -1.598  16.319  8.022   0.75 20.35 ? 274 HOH A O   1 
HETATM 1153 O  O   . HOH H 5 .   ? -10.888 -15.609 7.304   1.00 32.01 ? 275 HOH A O   1 
HETATM 1154 O  O   . HOH H 5 .   ? -3.007  -6.339  -14.960 0.94 26.84 ? 276 HOH A O   1 
HETATM 1155 O  O   . HOH H 5 .   ? 4.221   6.836   11.889  0.99 24.54 ? 277 HOH A O   1 
HETATM 1156 O  O   . HOH H 5 .   ? -20.235 -5.322  6.434   1.00 22.50 ? 278 HOH A O   1 
HETATM 1157 O  O   . HOH H 5 .   ? 18.524  -4.071  4.214   0.96 26.29 ? 279 HOH A O   1 
HETATM 1158 O  O   . HOH H 5 .   ? 24.823  8.587   9.839   0.68 21.98 ? 280 HOH A O   1 
HETATM 1159 O  O   . HOH H 5 .   ? -8.024  -14.139 7.308   1.00 27.06 ? 281 HOH A O   1 
HETATM 1160 O  O   . HOH H 5 .   ? 16.811  4.605   12.124  0.71 14.29 ? 282 HOH A O   1 
HETATM 1161 O  O   . HOH H 5 .   ? 4.673   5.702   14.703  1.00 32.86 ? 283 HOH A O   1 
HETATM 1162 O  O   . HOH H 5 .   ? 14.191  5.373   -13.154 0.64 18.73 ? 284 HOH A O   1 
HETATM 1163 O  O   . HOH H 5 .   ? 20.535  5.681   11.080  0.74 30.32 ? 285 HOH A O   1 
HETATM 1164 O  O   . HOH H 5 .   ? 4.211   -12.693 -8.375  0.66 15.59 ? 286 HOH A O   1 
HETATM 1165 O  O   . HOH H 5 .   ? 24.598  7.317   5.443   0.67 30.62 ? 287 HOH A O   1 
HETATM 1166 O  O   . HOH H 5 .   ? -8.692  -15.327 5.116   0.56 14.41 ? 288 HOH A O   1 
HETATM 1167 O  O   . HOH H 5 .   ? -17.471 -13.725 -0.845  0.62 15.95 ? 289 HOH A O   1 
HETATM 1168 O  O   . HOH H 5 .   ? 14.662  -2.928  8.318   0.72 18.40 ? 290 HOH A O   1 
HETATM 1169 O  O   . HOH H 5 .   ? 9.067   3.032   -16.483 0.68 19.96 ? 291 HOH A O   1 
HETATM 1170 O  O   . HOH H 5 .   ? -1.372  -11.779 9.706   0.95 32.91 ? 292 HOH A O   1 
HETATM 1171 O  O   . HOH H 5 .   ? -23.452 -2.656  4.194   0.76 27.17 ? 293 HOH A O   1 
HETATM 1172 O  O   . HOH H 5 .   ? -11.160 11.253  -7.519  0.44 14.78 ? 294 HOH A O   1 
HETATM 1173 O  O   . HOH H 5 .   ? -16.751 -4.351  -13.830 0.58 18.60 ? 295 HOH A O   1 
HETATM 1174 O  O   . HOH H 5 .   ? -4.737  13.680  -8.607  0.64 43.51 ? 296 HOH A O   1 
HETATM 1175 O  O   . HOH H 5 .   ? -14.230 -16.282 3.586   0.79 29.71 ? 297 HOH A O   1 
HETATM 1176 O  O   . HOH H 5 .   ? -5.274  5.502   -10.298 0.47 17.24 ? 298 HOH A O   1 
HETATM 1177 O  O   . HOH H 5 .   ? 2.043   6.738   13.722  0.40 15.54 ? 299 HOH A O   1 
HETATM 1178 O  O   . HOH H 5 .   ? 12.168  8.330   9.976   0.55 20.30 ? 300 HOH A O   1 
HETATM 1179 O  O   . HOH H 5 .   ? -4.826  -5.226  13.977  0.33 15.32 ? 301 HOH A O   1 
HETATM 1180 O  O   . HOH H 5 .   ? 13.563  8.267   -11.846 0.51 27.32 ? 302 HOH A O   1 
HETATM 1181 O  O   . HOH H 5 .   ? 26.753  11.097  11.174  0.58 21.91 ? 303 HOH A O   1 
HETATM 1182 O  O   . HOH H 5 .   ? 18.472  6.523   10.521  0.76 20.82 ? 304 HOH A O   1 
HETATM 1183 O  O   . HOH H 5 .   ? 16.505  -1.692  13.259  0.60 23.45 ? 305 HOH A O   1 
HETATM 1184 O  O   . HOH H 5 .   ? 18.549  5.760   14.026  0.67 24.92 ? 306 HOH A O   1 
HETATM 1185 O  O   . HOH H 5 .   ? 20.019  1.393   0.763   0.49 17.48 ? 307 HOH A O   1 
HETATM 1186 O  O   . HOH H 5 .   ? -2.562  -16.710 4.796   0.54 23.34 ? 308 HOH A O   1 
HETATM 1187 O  O   . HOH H 5 .   ? 22.210  4.524   8.169   0.45 18.88 ? 309 HOH A O   1 
HETATM 1188 O  O   . HOH H 5 .   ? 0.680   -10.242 8.761   0.52 25.39 ? 310 HOH A O   1 
HETATM 1189 O  O   . HOH H 5 .   ? -0.638  8.233   -11.061 0.48 21.53 ? 311 HOH A O   1 
HETATM 1190 O  O   . HOH H 5 .   ? 13.687  8.990   11.687  0.62 25.29 ? 312 HOH A O   1 
HETATM 1191 O  O   . HOH H 5 .   ? 14.022  9.029   -15.137 0.45 19.47 ? 313 HOH A O   1 
HETATM 1192 O  O   . HOH H 5 .   ? 3.419   9.188   -11.257 0.60 28.80 ? 314 HOH A O   1 
HETATM 1193 O  O   . HOH H 5 .   ? 22.490  4.433   10.994  0.50 21.77 ? 315 HOH A O   1 
HETATM 1194 O  O   . HOH H 5 .   ? 7.856   4.634   -15.368 0.58 20.84 ? 316 HOH A O   1 
HETATM 1195 O  O   A HOH H 5 .   ? -10.822 -5.041  -8.214  0.53 15.84 ? 317 HOH A O   1 
HETATM 1196 O  O   A HOH H 5 .   ? 13.379  -6.529  -8.926  0.51 12.13 ? 318 HOH A O   1 
HETATM 1197 O  O   A HOH H 5 .   ? -2.465  12.175  -8.160  0.52 10.56 ? 319 HOH A O   1 
HETATM 1198 O  O   A HOH H 5 .   ? 2.777   -1.568  -17.226 0.69 9.26  ? 320 HOH A O   1 
HETATM 1199 O  O   A HOH H 5 .   ? -1.502  13.235  -5.810  0.58 8.46  ? 321 HOH A O   1 
HETATM 1200 O  O   A HOH H 5 .   ? -13.787 10.499  -3.343  0.56 9.65  ? 322 HOH A O   1 
HETATM 1201 O  O   A HOH H 5 .   ? 15.895  -6.091  -4.165  0.76 5.82  ? 323 HOH A O   1 
HETATM 1202 O  O   A HOH H 5 .   ? -3.066  6.679   3.004   0.71 7.53  ? 324 HOH A O   1 
HETATM 1203 O  O   A HOH H 5 .   ? -4.561  11.700  9.808   0.55 11.70 ? 325 HOH A O   1 
HETATM 1204 O  O   A HOH H 5 .   ? -19.546 -2.663  -14.153 0.61 12.65 ? 326 HOH A O   1 
HETATM 1205 O  O   A HOH H 5 .   ? -5.196  8.139   -7.454  0.58 12.55 ? 327 HOH A O   1 
HETATM 1206 O  O   A HOH H 5 .   ? -2.830  4.572   6.574   0.73 7.10  ? 328 HOH A O   1 
HETATM 1207 O  O   A HOH H 5 .   ? -3.187  14.842  0.022   0.50 11.49 ? 329 HOH A O   1 
HETATM 1208 O  O   A HOH H 5 .   ? -0.686  -0.591  -12.997 0.74 6.65  ? 330 HOH A O   1 
HETATM 1209 O  O   A HOH H 5 .   ? 5.227   -13.866 0.012   0.47 13.04 ? 331 HOH A O   1 
HETATM 1210 O  O   B HOH H 5 .   ? -9.450  -5.984  -8.100  0.47 14.14 ? 332 HOH A O   1 
HETATM 1211 O  O   B HOH H 5 .   ? 13.675  -7.815  -7.567  0.49 10.53 ? 333 HOH A O   1 
HETATM 1212 O  O   B HOH H 5 .   ? -1.491  12.949  -7.947  0.48 10.45 ? 334 HOH A O   1 
HETATM 1213 O  O   B HOH H 5 .   ? 1.792   -1.074  -16.580 0.31 7.79  ? 335 HOH A O   1 
HETATM 1214 O  O   B HOH H 5 .   ? -2.100  14.017  -5.555  0.42 7.53  ? 336 HOH A O   1 
HETATM 1215 O  O   B HOH H 5 .   ? -12.828 10.533  -2.463  0.44 8.78  ? 337 HOH A O   1 
HETATM 1216 O  O   B HOH H 5 .   ? 15.330  -6.660  -3.829  0.24 4.90  ? 338 HOH A O   1 
HETATM 1217 O  O   B HOH H 5 .   ? -2.818  6.197   3.013   0.29 4.72  ? 339 HOH A O   1 
HETATM 1218 O  O   B HOH H 5 .   ? -5.054  12.334  9.002   0.45 12.16 ? 340 HOH A O   1 
HETATM 1219 O  O   B HOH H 5 .   ? -19.644 -4.204  -14.591 0.39 14.15 ? 341 HOH A O   1 
HETATM 1220 O  O   B HOH H 5 .   ? -4.112  7.497   -7.687  0.42 12.69 ? 342 HOH A O   1 
HETATM 1221 O  O   B HOH H 5 .   ? -2.719  4.730   7.297   0.27 7.93  ? 343 HOH A O   1 
HETATM 1222 O  O   B HOH H 5 .   ? -3.876  14.318  0.646   0.50 8.40  ? 344 HOH A O   1 
HETATM 1223 O  O   B HOH H 5 .   ? 0.487   -0.699  -14.675 0.26 6.49  ? 345 HOH A O   1 
HETATM 1224 O  O   B HOH H 5 .   ? 6.590   -13.454 0.265   0.53 10.87 ? 346 HOH A O   1 
# 
